data_4NKJ
# 
_entry.id   4NKJ 
# 
_audit_conform.dict_name       mmcif_pdbx.dic 
_audit_conform.dict_version    5.399 
_audit_conform.dict_location   http://mmcif.pdb.org/dictionaries/ascii/mmcif_pdbx.dic 
# 
loop_
_database_2.database_id 
_database_2.database_code 
_database_2.pdbx_database_accession 
_database_2.pdbx_DOI 
PDB   4NKJ         pdb_00004nkj 10.2210/pdb4nkj/pdb 
RCSB  RCSB083318   ?            ?                   
WWPDB D_1000083318 ?            ?                   
# 
loop_
_pdbx_audit_revision_history.ordinal 
_pdbx_audit_revision_history.data_content_type 
_pdbx_audit_revision_history.major_revision 
_pdbx_audit_revision_history.minor_revision 
_pdbx_audit_revision_history.revision_date 
1 'Structure model' 1 0 2014-04-02 
2 'Structure model' 1 1 2024-11-27 
# 
_pdbx_audit_revision_details.ordinal             1 
_pdbx_audit_revision_details.revision_ordinal    1 
_pdbx_audit_revision_details.data_content_type   'Structure model' 
_pdbx_audit_revision_details.provider            repository 
_pdbx_audit_revision_details.type                'Initial release' 
_pdbx_audit_revision_details.description         ? 
_pdbx_audit_revision_details.details             ? 
# 
loop_
_pdbx_audit_revision_group.ordinal 
_pdbx_audit_revision_group.revision_ordinal 
_pdbx_audit_revision_group.data_content_type 
_pdbx_audit_revision_group.group 
1 2 'Structure model' 'Data collection'     
2 2 'Structure model' 'Database references' 
3 2 'Structure model' 'Structure summary'   
# 
loop_
_pdbx_audit_revision_category.ordinal 
_pdbx_audit_revision_category.revision_ordinal 
_pdbx_audit_revision_category.data_content_type 
_pdbx_audit_revision_category.category 
1 2 'Structure model' chem_comp_atom            
2 2 'Structure model' chem_comp_bond            
3 2 'Structure model' database_2                
4 2 'Structure model' pdbx_entry_details        
5 2 'Structure model' pdbx_modification_feature 
6 2 'Structure model' struct_ref_seq_dif        
# 
loop_
_pdbx_audit_revision_item.ordinal 
_pdbx_audit_revision_item.revision_ordinal 
_pdbx_audit_revision_item.data_content_type 
_pdbx_audit_revision_item.item 
1 2 'Structure model' '_database_2.pdbx_DOI'                
2 2 'Structure model' '_database_2.pdbx_database_accession' 
3 2 'Structure model' '_struct_ref_seq_dif.details'         
# 
_pdbx_database_status.status_code                     REL 
_pdbx_database_status.entry_id                        4NKJ 
_pdbx_database_status.recvd_initial_deposition_date   2013-11-12 
_pdbx_database_status.deposit_site                    RCSB 
_pdbx_database_status.process_site                    RCSB 
_pdbx_database_status.status_code_sf                  REL 
_pdbx_database_status.status_code_mr                  ? 
_pdbx_database_status.SG_entry                        ? 
_pdbx_database_status.status_code_cs                  ? 
_pdbx_database_status.methods_development_category    ? 
_pdbx_database_status.pdb_format_compatible           Y 
_pdbx_database_status.status_code_nmr_data            ? 
# 
loop_
_audit_author.name 
_audit_author.pdbx_ordinal 
'Ni, F.'   1 
'Chen, X.' 2 
'Shen, J.' 3 
'Wang, Q.' 4 
# 
_citation.id                        primary 
_citation.title                     
'Structural insights into the membrane fusion mechanism mediated by influenza virus hemagglutinin.' 
_citation.journal_abbrev            Biochemistry 
_citation.journal_volume            53 
_citation.page_first                846 
_citation.page_last                 854 
_citation.year                      2014 
_citation.journal_id_ASTM           BICHAW 
_citation.country                   US 
_citation.journal_id_ISSN           0006-2960 
_citation.journal_id_CSD            0033 
_citation.book_publisher            ? 
_citation.pdbx_database_id_PubMed   24433110 
_citation.pdbx_database_id_DOI      10.1021/bi401525h 
# 
loop_
_citation_author.citation_id 
_citation_author.name 
_citation_author.ordinal 
_citation_author.identifier_ORCID 
primary 'Ni, F.'   1 ? 
primary 'Chen, X.' 2 ? 
primary 'Shen, J.' 3 ? 
primary 'Wang, Q.' 4 ? 
# 
loop_
_entity.id 
_entity.type 
_entity.src_method 
_entity.pdbx_description 
_entity.formula_weight 
_entity.pdbx_number_of_molecules 
_entity.pdbx_ec 
_entity.pdbx_mutation 
_entity.pdbx_fragment 
_entity.details 
1 polymer man 'Hemagglutinin HA2' 17211.225 1  ? ? 'Hemagglutinin HA2 (UNP Residues 392-541)' ? 
2 water   nat water               18.015    27 ? ? ?                                          ? 
# 
_entity_poly.entity_id                      1 
_entity_poly.type                           'polypeptide(L)' 
_entity_poly.nstd_linkage                   no 
_entity_poly.nstd_monomer                   no 
_entity_poly.pdbx_seq_one_letter_code       
;HHHHHHVGVAVAADLKSTQEAINKITKNLNSLSELEVKNLQRLSGAMDELHNEILELDEKVDDLRADTISSQIELAVLLS
NEGIINSEDEHLLALERKLKKMLGPSAVDIGNGSFETKHKCNQTCLDRIAAGTFNAGEFSLPTFDSLNITAASLNDD
;
_entity_poly.pdbx_seq_one_letter_code_can   
;HHHHHHVGVAVAADLKSTQEAINKITKNLNSLSELEVKNLQRLSGAMDELHNEILELDEKVDDLRADTISSQIELAVLLS
NEGIINSEDEHLLALERKLKKMLGPSAVDIGNGSFETKHKCNQTCLDRIAAGTFNAGEFSLPTFDSLNITAASLNDD
;
_entity_poly.pdbx_strand_id                 A 
_entity_poly.pdbx_target_identifier         ? 
# 
_pdbx_entity_nonpoly.entity_id   2 
_pdbx_entity_nonpoly.name        water 
_pdbx_entity_nonpoly.comp_id     HOH 
# 
loop_
_entity_poly_seq.entity_id 
_entity_poly_seq.num 
_entity_poly_seq.mon_id 
_entity_poly_seq.hetero 
1 1   HIS n 
1 2   HIS n 
1 3   HIS n 
1 4   HIS n 
1 5   HIS n 
1 6   HIS n 
1 7   VAL n 
1 8   GLY n 
1 9   VAL n 
1 10  ALA n 
1 11  VAL n 
1 12  ALA n 
1 13  ALA n 
1 14  ASP n 
1 15  LEU n 
1 16  LYS n 
1 17  SER n 
1 18  THR n 
1 19  GLN n 
1 20  GLU n 
1 21  ALA n 
1 22  ILE n 
1 23  ASN n 
1 24  LYS n 
1 25  ILE n 
1 26  THR n 
1 27  LYS n 
1 28  ASN n 
1 29  LEU n 
1 30  ASN n 
1 31  SER n 
1 32  LEU n 
1 33  SER n 
1 34  GLU n 
1 35  LEU n 
1 36  GLU n 
1 37  VAL n 
1 38  LYS n 
1 39  ASN n 
1 40  LEU n 
1 41  GLN n 
1 42  ARG n 
1 43  LEU n 
1 44  SER n 
1 45  GLY n 
1 46  ALA n 
1 47  MET n 
1 48  ASP n 
1 49  GLU n 
1 50  LEU n 
1 51  HIS n 
1 52  ASN n 
1 53  GLU n 
1 54  ILE n 
1 55  LEU n 
1 56  GLU n 
1 57  LEU n 
1 58  ASP n 
1 59  GLU n 
1 60  LYS n 
1 61  VAL n 
1 62  ASP n 
1 63  ASP n 
1 64  LEU n 
1 65  ARG n 
1 66  ALA n 
1 67  ASP n 
1 68  THR n 
1 69  ILE n 
1 70  SER n 
1 71  SER n 
1 72  GLN n 
1 73  ILE n 
1 74  GLU n 
1 75  LEU n 
1 76  ALA n 
1 77  VAL n 
1 78  LEU n 
1 79  LEU n 
1 80  SER n 
1 81  ASN n 
1 82  GLU n 
1 83  GLY n 
1 84  ILE n 
1 85  ILE n 
1 86  ASN n 
1 87  SER n 
1 88  GLU n 
1 89  ASP n 
1 90  GLU n 
1 91  HIS n 
1 92  LEU n 
1 93  LEU n 
1 94  ALA n 
1 95  LEU n 
1 96  GLU n 
1 97  ARG n 
1 98  LYS n 
1 99  LEU n 
1 100 LYS n 
1 101 LYS n 
1 102 MET n 
1 103 LEU n 
1 104 GLY n 
1 105 PRO n 
1 106 SER n 
1 107 ALA n 
1 108 VAL n 
1 109 ASP n 
1 110 ILE n 
1 111 GLY n 
1 112 ASN n 
1 113 GLY n 
1 114 SER n 
1 115 PHE n 
1 116 GLU n 
1 117 THR n 
1 118 LYS n 
1 119 HIS n 
1 120 LYS n 
1 121 CYS n 
1 122 ASN n 
1 123 GLN n 
1 124 THR n 
1 125 CYS n 
1 126 LEU n 
1 127 ASP n 
1 128 ARG n 
1 129 ILE n 
1 130 ALA n 
1 131 ALA n 
1 132 GLY n 
1 133 THR n 
1 134 PHE n 
1 135 ASN n 
1 136 ALA n 
1 137 GLY n 
1 138 GLU n 
1 139 PHE n 
1 140 SER n 
1 141 LEU n 
1 142 PRO n 
1 143 THR n 
1 144 PHE n 
1 145 ASP n 
1 146 SER n 
1 147 LEU n 
1 148 ASN n 
1 149 ILE n 
1 150 THR n 
1 151 ALA n 
1 152 ALA n 
1 153 SER n 
1 154 LEU n 
1 155 ASN n 
1 156 ASP n 
1 157 ASP n 
# 
_entity_src_gen.entity_id                          1 
_entity_src_gen.pdbx_src_id                        1 
_entity_src_gen.pdbx_alt_source_flag               sample 
_entity_src_gen.pdbx_seq_type                      ? 
_entity_src_gen.pdbx_beg_seq_num                   ? 
_entity_src_gen.pdbx_end_seq_num                   ? 
_entity_src_gen.gene_src_common_name               ? 
_entity_src_gen.gene_src_genus                     ? 
_entity_src_gen.pdbx_gene_src_gene                 HA 
_entity_src_gen.gene_src_species                   ? 
_entity_src_gen.gene_src_strain                    ? 
_entity_src_gen.gene_src_tissue                    ? 
_entity_src_gen.gene_src_tissue_fraction           ? 
_entity_src_gen.gene_src_details                   ? 
_entity_src_gen.pdbx_gene_src_fragment             ? 
_entity_src_gen.pdbx_gene_src_scientific_name      'Influenza B virus' 
_entity_src_gen.pdbx_gene_src_ncbi_taxonomy_id     1354485 
_entity_src_gen.pdbx_gene_src_variant              ? 
_entity_src_gen.pdbx_gene_src_cell_line            ? 
_entity_src_gen.pdbx_gene_src_atcc                 ? 
_entity_src_gen.pdbx_gene_src_organ                ? 
_entity_src_gen.pdbx_gene_src_organelle            ? 
_entity_src_gen.pdbx_gene_src_cell                 ? 
_entity_src_gen.pdbx_gene_src_cellular_location    ? 
_entity_src_gen.host_org_common_name               ? 
_entity_src_gen.pdbx_host_org_scientific_name      'Escherichia coli' 
_entity_src_gen.pdbx_host_org_ncbi_taxonomy_id     562 
_entity_src_gen.host_org_genus                     ? 
_entity_src_gen.pdbx_host_org_gene                 ? 
_entity_src_gen.pdbx_host_org_organ                ? 
_entity_src_gen.host_org_species                   ? 
_entity_src_gen.pdbx_host_org_tissue               ? 
_entity_src_gen.pdbx_host_org_tissue_fraction      ? 
_entity_src_gen.pdbx_host_org_strain               ? 
_entity_src_gen.pdbx_host_org_variant              ? 
_entity_src_gen.pdbx_host_org_cell_line            ? 
_entity_src_gen.pdbx_host_org_atcc                 ? 
_entity_src_gen.pdbx_host_org_culture_collection   ? 
_entity_src_gen.pdbx_host_org_cell                 ? 
_entity_src_gen.pdbx_host_org_organelle            ? 
_entity_src_gen.pdbx_host_org_cellular_location    ? 
_entity_src_gen.pdbx_host_org_vector_type          ? 
_entity_src_gen.pdbx_host_org_vector               ? 
_entity_src_gen.host_org_details                   ? 
_entity_src_gen.expression_system_id               ? 
_entity_src_gen.plasmid_name                       ? 
_entity_src_gen.plasmid_details                    ? 
_entity_src_gen.pdbx_description                   ? 
# 
loop_
_chem_comp.id 
_chem_comp.type 
_chem_comp.mon_nstd_flag 
_chem_comp.name 
_chem_comp.pdbx_synonyms 
_chem_comp.formula 
_chem_comp.formula_weight 
ALA 'L-peptide linking' y ALANINE         ? 'C3 H7 N O2'     89.093  
ARG 'L-peptide linking' y ARGININE        ? 'C6 H15 N4 O2 1' 175.209 
ASN 'L-peptide linking' y ASPARAGINE      ? 'C4 H8 N2 O3'    132.118 
ASP 'L-peptide linking' y 'ASPARTIC ACID' ? 'C4 H7 N O4'     133.103 
CYS 'L-peptide linking' y CYSTEINE        ? 'C3 H7 N O2 S'   121.158 
GLN 'L-peptide linking' y GLUTAMINE       ? 'C5 H10 N2 O3'   146.144 
GLU 'L-peptide linking' y 'GLUTAMIC ACID' ? 'C5 H9 N O4'     147.129 
GLY 'peptide linking'   y GLYCINE         ? 'C2 H5 N O2'     75.067  
HIS 'L-peptide linking' y HISTIDINE       ? 'C6 H10 N3 O2 1' 156.162 
HOH non-polymer         . WATER           ? 'H2 O'           18.015  
ILE 'L-peptide linking' y ISOLEUCINE      ? 'C6 H13 N O2'    131.173 
LEU 'L-peptide linking' y LEUCINE         ? 'C6 H13 N O2'    131.173 
LYS 'L-peptide linking' y LYSINE          ? 'C6 H15 N2 O2 1' 147.195 
MET 'L-peptide linking' y METHIONINE      ? 'C5 H11 N O2 S'  149.211 
PHE 'L-peptide linking' y PHENYLALANINE   ? 'C9 H11 N O2'    165.189 
PRO 'L-peptide linking' y PROLINE         ? 'C5 H9 N O2'     115.130 
SER 'L-peptide linking' y SERINE          ? 'C3 H7 N O3'     105.093 
THR 'L-peptide linking' y THREONINE       ? 'C4 H9 N O3'     119.119 
VAL 'L-peptide linking' y VALINE          ? 'C5 H11 N O2'    117.146 
# 
loop_
_pdbx_poly_seq_scheme.asym_id 
_pdbx_poly_seq_scheme.entity_id 
_pdbx_poly_seq_scheme.seq_id 
_pdbx_poly_seq_scheme.mon_id 
_pdbx_poly_seq_scheme.ndb_seq_num 
_pdbx_poly_seq_scheme.pdb_seq_num 
_pdbx_poly_seq_scheme.auth_seq_num 
_pdbx_poly_seq_scheme.pdb_mon_id 
_pdbx_poly_seq_scheme.auth_mon_id 
_pdbx_poly_seq_scheme.pdb_strand_id 
_pdbx_poly_seq_scheme.pdb_ins_code 
_pdbx_poly_seq_scheme.hetero 
A 1 1   HIS 1   -6  ?   ?   ?   A . n 
A 1 2   HIS 2   -5  ?   ?   ?   A . n 
A 1 3   HIS 3   -4  ?   ?   ?   A . n 
A 1 4   HIS 4   -3  ?   ?   ?   A . n 
A 1 5   HIS 5   -2  ?   ?   ?   A . n 
A 1 6   HIS 6   -1  ?   ?   ?   A . n 
A 1 7   VAL 7   0   ?   ?   ?   A . n 
A 1 8   GLY 8   1   ?   ?   ?   A . n 
A 1 9   VAL 9   2   ?   ?   ?   A . n 
A 1 10  ALA 10  3   ?   ?   ?   A . n 
A 1 11  VAL 11  4   4   VAL VAL A . n 
A 1 12  ALA 12  5   5   ALA ALA A . n 
A 1 13  ALA 13  6   6   ALA ALA A . n 
A 1 14  ASP 14  7   7   ASP ASP A . n 
A 1 15  LEU 15  8   8   LEU LEU A . n 
A 1 16  LYS 16  9   9   LYS LYS A . n 
A 1 17  SER 17  10  10  SER SER A . n 
A 1 18  THR 18  11  11  THR THR A . n 
A 1 19  GLN 19  12  12  GLN GLN A . n 
A 1 20  GLU 20  13  13  GLU GLU A . n 
A 1 21  ALA 21  14  14  ALA ALA A . n 
A 1 22  ILE 22  15  15  ILE ILE A . n 
A 1 23  ASN 23  16  16  ASN ASN A . n 
A 1 24  LYS 24  17  17  LYS LYS A . n 
A 1 25  ILE 25  18  18  ILE ILE A . n 
A 1 26  THR 26  19  19  THR THR A . n 
A 1 27  LYS 27  20  20  LYS LYS A . n 
A 1 28  ASN 28  21  21  ASN ASN A . n 
A 1 29  LEU 29  22  22  LEU LEU A . n 
A 1 30  ASN 30  23  23  ASN ASN A . n 
A 1 31  SER 31  24  24  SER SER A . n 
A 1 32  LEU 32  25  25  LEU LEU A . n 
A 1 33  SER 33  26  26  SER SER A . n 
A 1 34  GLU 34  27  27  GLU GLU A . n 
A 1 35  LEU 35  28  28  LEU LEU A . n 
A 1 36  GLU 36  29  29  GLU GLU A . n 
A 1 37  VAL 37  30  30  VAL VAL A . n 
A 1 38  LYS 38  31  31  LYS LYS A . n 
A 1 39  ASN 39  32  32  ASN ASN A . n 
A 1 40  LEU 40  33  33  LEU LEU A . n 
A 1 41  GLN 41  34  34  GLN GLN A . n 
A 1 42  ARG 42  35  35  ARG ARG A . n 
A 1 43  LEU 43  36  36  LEU LEU A . n 
A 1 44  SER 44  37  37  SER SER A . n 
A 1 45  GLY 45  38  38  GLY GLY A . n 
A 1 46  ALA 46  39  39  ALA ALA A . n 
A 1 47  MET 47  40  40  MET MET A . n 
A 1 48  ASP 48  41  41  ASP ASP A . n 
A 1 49  GLU 49  42  42  GLU GLU A . n 
A 1 50  LEU 50  43  43  LEU LEU A . n 
A 1 51  HIS 51  44  44  HIS HIS A . n 
A 1 52  ASN 52  45  45  ASN ASN A . n 
A 1 53  GLU 53  46  46  GLU GLU A . n 
A 1 54  ILE 54  47  47  ILE ILE A . n 
A 1 55  LEU 55  48  48  LEU LEU A . n 
A 1 56  GLU 56  49  49  GLU GLU A . n 
A 1 57  LEU 57  50  50  LEU LEU A . n 
A 1 58  ASP 58  51  51  ASP ASP A . n 
A 1 59  GLU 59  52  52  GLU GLU A . n 
A 1 60  LYS 60  53  53  LYS LYS A . n 
A 1 61  VAL 61  54  54  VAL VAL A . n 
A 1 62  ASP 62  55  55  ASP ASP A . n 
A 1 63  ASP 63  56  56  ASP ASP A . n 
A 1 64  LEU 64  57  57  LEU LEU A . n 
A 1 65  ARG 65  58  58  ARG ARG A . n 
A 1 66  ALA 66  59  59  ALA ALA A . n 
A 1 67  ASP 67  60  60  ASP ASP A . n 
A 1 68  THR 68  61  61  THR THR A . n 
A 1 69  ILE 69  62  62  ILE ILE A . n 
A 1 70  SER 70  63  63  SER SER A . n 
A 1 71  SER 71  64  64  SER SER A . n 
A 1 72  GLN 72  65  65  GLN GLN A . n 
A 1 73  ILE 73  66  66  ILE ILE A . n 
A 1 74  GLU 74  67  67  GLU GLU A . n 
A 1 75  LEU 75  68  68  LEU LEU A . n 
A 1 76  ALA 76  69  69  ALA ALA A . n 
A 1 77  VAL 77  70  70  VAL VAL A . n 
A 1 78  LEU 78  71  71  LEU LEU A . n 
A 1 79  LEU 79  72  72  LEU LEU A . n 
A 1 80  SER 80  73  73  SER SER A . n 
A 1 81  ASN 81  74  74  ASN ASN A . n 
A 1 82  GLU 82  75  75  GLU GLU A . n 
A 1 83  GLY 83  76  76  GLY GLY A . n 
A 1 84  ILE 84  77  77  ILE ILE A . n 
A 1 85  ILE 85  78  78  ILE ILE A . n 
A 1 86  ASN 86  79  79  ASN ASN A . n 
A 1 87  SER 87  80  80  SER SER A . n 
A 1 88  GLU 88  81  81  GLU GLU A . n 
A 1 89  ASP 89  82  82  ASP ASP A . n 
A 1 90  GLU 90  83  83  GLU GLU A . n 
A 1 91  HIS 91  84  84  HIS HIS A . n 
A 1 92  LEU 92  85  85  LEU LEU A . n 
A 1 93  LEU 93  86  86  LEU LEU A . n 
A 1 94  ALA 94  87  87  ALA ALA A . n 
A 1 95  LEU 95  88  88  LEU LEU A . n 
A 1 96  GLU 96  89  89  GLU GLU A . n 
A 1 97  ARG 97  90  90  ARG ARG A . n 
A 1 98  LYS 98  91  91  LYS LYS A . n 
A 1 99  LEU 99  92  92  LEU LEU A . n 
A 1 100 LYS 100 93  93  LYS LYS A . n 
A 1 101 LYS 101 94  94  LYS LYS A . n 
A 1 102 MET 102 95  95  MET MET A . n 
A 1 103 LEU 103 96  96  LEU LEU A . n 
A 1 104 GLY 104 97  97  GLY GLY A . n 
A 1 105 PRO 105 98  98  PRO PRO A . n 
A 1 106 SER 106 99  99  SER SER A . n 
A 1 107 ALA 107 100 100 ALA ALA A . n 
A 1 108 VAL 108 101 101 VAL VAL A . n 
A 1 109 ASP 109 102 102 ASP ASP A . n 
A 1 110 ILE 110 103 103 ILE ILE A . n 
A 1 111 GLY 111 104 104 GLY GLY A . n 
A 1 112 ASN 112 105 105 ASN ASN A . n 
A 1 113 GLY 113 106 106 GLY GLY A . n 
A 1 114 SER 114 107 107 SER SER A . n 
A 1 115 PHE 115 108 108 PHE PHE A . n 
A 1 116 GLU 116 109 109 GLU GLU A . n 
A 1 117 THR 117 110 110 THR THR A . n 
A 1 118 LYS 118 111 111 LYS LYS A . n 
A 1 119 HIS 119 112 112 HIS HIS A . n 
A 1 120 LYS 120 113 113 LYS LYS A . n 
A 1 121 CYS 121 114 114 CYS CYS A . n 
A 1 122 ASN 122 115 115 ASN ASN A . n 
A 1 123 GLN 123 116 116 GLN GLN A . n 
A 1 124 THR 124 117 117 THR THR A . n 
A 1 125 CYS 125 118 118 CYS CYS A . n 
A 1 126 LEU 126 119 119 LEU LEU A . n 
A 1 127 ASP 127 120 120 ASP ASP A . n 
A 1 128 ARG 128 121 121 ARG ARG A . n 
A 1 129 ILE 129 122 122 ILE ILE A . n 
A 1 130 ALA 130 123 123 ALA ALA A . n 
A 1 131 ALA 131 124 124 ALA ALA A . n 
A 1 132 GLY 132 125 125 GLY GLY A . n 
A 1 133 THR 133 126 126 THR THR A . n 
A 1 134 PHE 134 127 127 PHE PHE A . n 
A 1 135 ASN 135 128 128 ASN ASN A . n 
A 1 136 ALA 136 129 129 ALA ALA A . n 
A 1 137 GLY 137 130 130 GLY GLY A . n 
A 1 138 GLU 138 131 131 GLU GLU A . n 
A 1 139 PHE 139 132 132 PHE PHE A . n 
A 1 140 SER 140 133 133 SER SER A . n 
A 1 141 LEU 141 134 134 LEU LEU A . n 
A 1 142 PRO 142 135 135 PRO PRO A . n 
A 1 143 THR 143 136 136 THR THR A . n 
A 1 144 PHE 144 137 137 PHE PHE A . n 
A 1 145 ASP 145 138 138 ASP ASP A . n 
A 1 146 SER 146 139 139 SER SER A . n 
A 1 147 LEU 147 140 140 LEU LEU A . n 
A 1 148 ASN 148 141 141 ASN ASN A . n 
A 1 149 ILE 149 142 142 ILE ILE A . n 
A 1 150 THR 150 143 143 THR THR A . n 
A 1 151 ALA 151 144 144 ALA ALA A . n 
A 1 152 ALA 152 145 145 ALA ALA A . n 
A 1 153 SER 153 146 ?   ?   ?   A . n 
A 1 154 LEU 154 147 ?   ?   ?   A . n 
A 1 155 ASN 155 148 ?   ?   ?   A . n 
A 1 156 ASP 156 149 ?   ?   ?   A . n 
A 1 157 ASP 157 150 ?   ?   ?   A . n 
# 
loop_
_pdbx_nonpoly_scheme.asym_id 
_pdbx_nonpoly_scheme.entity_id 
_pdbx_nonpoly_scheme.mon_id 
_pdbx_nonpoly_scheme.ndb_seq_num 
_pdbx_nonpoly_scheme.pdb_seq_num 
_pdbx_nonpoly_scheme.auth_seq_num 
_pdbx_nonpoly_scheme.pdb_mon_id 
_pdbx_nonpoly_scheme.auth_mon_id 
_pdbx_nonpoly_scheme.pdb_strand_id 
_pdbx_nonpoly_scheme.pdb_ins_code 
B 2 HOH 1  201 1  HOH HOH A . 
B 2 HOH 2  202 2  HOH HOH A . 
B 2 HOH 3  203 3  HOH HOH A . 
B 2 HOH 4  204 4  HOH HOH A . 
B 2 HOH 5  205 5  HOH HOH A . 
B 2 HOH 6  206 6  HOH HOH A . 
B 2 HOH 7  207 7  HOH HOH A . 
B 2 HOH 8  208 8  HOH HOH A . 
B 2 HOH 9  209 9  HOH HOH A . 
B 2 HOH 10 210 10 HOH HOH A . 
B 2 HOH 11 211 11 HOH HOH A . 
B 2 HOH 12 212 12 HOH HOH A . 
B 2 HOH 13 213 13 HOH HOH A . 
B 2 HOH 14 214 14 HOH HOH A . 
B 2 HOH 15 215 15 HOH HOH A . 
B 2 HOH 16 216 16 HOH HOH A . 
B 2 HOH 17 217 17 HOH HOH A . 
B 2 HOH 18 218 18 HOH HOH A . 
B 2 HOH 19 219 19 HOH HOH A . 
B 2 HOH 20 220 20 HOH HOH A . 
B 2 HOH 21 221 21 HOH HOH A . 
B 2 HOH 22 222 22 HOH HOH A . 
B 2 HOH 23 223 23 HOH HOH A . 
B 2 HOH 24 224 24 HOH HOH A . 
B 2 HOH 25 225 25 HOH HOH A . 
B 2 HOH 26 226 26 HOH HOH A . 
B 2 HOH 27 227 27 HOH HOH A . 
# 
loop_
_software.name 
_software.classification 
_software.version 
_software.citation_id 
_software.pdbx_ordinal 
MAR345dtb 'data collection' .                          ? 1 
PHASES    phasing           .                          ? 2 
PHENIX    refinement        '(phenix.refine: 1.7_650)' ? 3 
MOSFLM    'data reduction'  .                          ? 4 
SCALA     'data scaling'    .                          ? 5 
# 
_cell.entry_id           4NKJ 
_cell.length_a           48.180 
_cell.length_b           48.180 
_cell.length_c           354.895 
_cell.angle_alpha        90.00 
_cell.angle_beta         90.00 
_cell.angle_gamma        120.00 
_cell.Z_PDB              18 
_cell.pdbx_unique_axis   ? 
_cell.length_a_esd       ? 
_cell.length_b_esd       ? 
_cell.length_c_esd       ? 
_cell.angle_alpha_esd    ? 
_cell.angle_beta_esd     ? 
_cell.angle_gamma_esd    ? 
# 
_symmetry.entry_id                         4NKJ 
_symmetry.space_group_name_H-M             'H 3 2' 
_symmetry.pdbx_full_space_group_name_H-M   ? 
_symmetry.cell_setting                     ? 
_symmetry.Int_Tables_number                155 
_symmetry.space_group_name_Hall            ? 
# 
_exptl.entry_id          4NKJ 
_exptl.method            'X-RAY DIFFRACTION' 
_exptl.crystals_number   1 
# 
_exptl_crystal.id                    1 
_exptl_crystal.density_meas          ? 
_exptl_crystal.density_Matthews      2.30 
_exptl_crystal.density_percent_sol   46.59 
_exptl_crystal.description           ? 
_exptl_crystal.F_000                 ? 
_exptl_crystal.preparation           ? 
# 
_diffrn.id                     1 
_diffrn.ambient_temp           200 
_diffrn.ambient_temp_details   ? 
_diffrn.crystal_id             1 
# 
_diffrn_detector.diffrn_id              1 
_diffrn_detector.detector               CCD 
_diffrn_detector.type                   'MARMOSAIC 225 mm CCD' 
_diffrn_detector.pdbx_collection_date   ? 
_diffrn_detector.details                ? 
# 
_diffrn_radiation.diffrn_id                        1 
_diffrn_radiation.wavelength_id                    1 
_diffrn_radiation.pdbx_monochromatic_or_laue_m_l   M 
_diffrn_radiation.monochromator                    ? 
_diffrn_radiation.pdbx_diffrn_protocol             'SINGLE WAVELENGTH' 
_diffrn_radiation.pdbx_scattering_type             x-ray 
# 
_diffrn_radiation_wavelength.id           1 
_diffrn_radiation_wavelength.wavelength   1.127 
_diffrn_radiation_wavelength.wt           1.0 
# 
_diffrn_source.diffrn_id                   1 
_diffrn_source.source                      SYNCHROTRON 
_diffrn_source.type                        'APS BEAMLINE 21-ID-D' 
_diffrn_source.pdbx_synchrotron_site       APS 
_diffrn_source.pdbx_synchrotron_beamline   21-ID-D 
_diffrn_source.pdbx_wavelength             ? 
_diffrn_source.pdbx_wavelength_list        1.127 
# 
_reflns.entry_id                     4NKJ 
_reflns.observed_criterion_sigma_I   1.0 
_reflns.observed_criterion_sigma_F   2.0 
_reflns.d_resolution_low             37.76 
_reflns.d_resolution_high            2.45 
_reflns.number_obs                   5617 
_reflns.number_all                   6281 
_reflns.percent_possible_obs         89.4 
_reflns.pdbx_Rmerge_I_obs            ? 
_reflns.pdbx_Rsym_value              ? 
_reflns.pdbx_netI_over_sigmaI        ? 
_reflns.B_iso_Wilson_estimate        ? 
_reflns.pdbx_redundancy              ? 
_reflns.R_free_details               ? 
_reflns.limit_h_max                  ? 
_reflns.limit_h_min                  ? 
_reflns.limit_k_max                  ? 
_reflns.limit_k_min                  ? 
_reflns.limit_l_max                  ? 
_reflns.limit_l_min                  ? 
_reflns.observed_criterion_F_max     ? 
_reflns.observed_criterion_F_min     ? 
_reflns.pdbx_chi_squared             ? 
_reflns.pdbx_scaling_rejects         ? 
_reflns.pdbx_ordinal                 1 
_reflns.pdbx_diffrn_id               1 
# 
_reflns_shell.d_res_high             2.45 
_reflns_shell.d_res_low              2.54 
_reflns_shell.percent_possible_all   94.96 
_reflns_shell.Rmerge_I_obs           0.21 
_reflns_shell.pdbx_Rsym_value        ? 
_reflns_shell.meanI_over_sigI_obs    5.21 
_reflns_shell.pdbx_redundancy        4.4 
_reflns_shell.percent_possible_obs   ? 
_reflns_shell.number_unique_all      615 
_reflns_shell.number_measured_all    ? 
_reflns_shell.number_measured_obs    ? 
_reflns_shell.number_unique_obs      ? 
_reflns_shell.pdbx_chi_squared       ? 
_reflns_shell.pdbx_ordinal           1 
_reflns_shell.pdbx_diffrn_id         1 
# 
_refine.entry_id                                 4NKJ 
_refine.ls_number_reflns_obs                     5609 
_refine.ls_number_reflns_all                     ? 
_refine.pdbx_ls_sigma_I                          ? 
_refine.pdbx_ls_sigma_F                          1.94 
_refine.pdbx_data_cutoff_high_absF               ? 
_refine.pdbx_data_cutoff_low_absF                ? 
_refine.pdbx_data_cutoff_high_rms_absF           ? 
_refine.ls_d_res_low                             37.758 
_refine.ls_d_res_high                            2.4535 
_refine.ls_percent_reflns_obs                    89.30 
_refine.ls_R_factor_obs                          0.2556 
_refine.ls_R_factor_all                          ? 
_refine.ls_R_factor_R_work                       0.2549 
_refine.ls_R_factor_R_free                       0.2681 
_refine.ls_R_factor_R_free_error                 ? 
_refine.ls_R_factor_R_free_error_details         ? 
_refine.ls_percent_reflns_R_free                 4.71 
_refine.ls_number_reflns_R_free                  264 
_refine.ls_number_parameters                     ? 
_refine.ls_number_restraints                     ? 
_refine.occupancy_min                            ? 
_refine.occupancy_max                            ? 
_refine.correlation_coeff_Fo_to_Fc               ? 
_refine.correlation_coeff_Fo_to_Fc_free          ? 
_refine.B_iso_mean                               ? 
_refine.aniso_B[1][1]                            3.2278 
_refine.aniso_B[2][2]                            3.2278 
_refine.aniso_B[3][3]                            -6.4555 
_refine.aniso_B[1][2]                            0.0000 
_refine.aniso_B[1][3]                            0.0000 
_refine.aniso_B[2][3]                            0.0000 
_refine.solvent_model_details                    'FLAT BULK SOLVENT MODEL' 
_refine.solvent_model_param_ksol                 0.358 
_refine.solvent_model_param_bsol                 60.410 
_refine.pdbx_solvent_vdw_probe_radii             0.90 
_refine.pdbx_solvent_ion_probe_radii             ? 
_refine.pdbx_solvent_shrinkage_radii             0.61 
_refine.pdbx_ls_cross_valid_method               ? 
_refine.details                                  ? 
_refine.pdbx_starting_model                      ? 
_refine.pdbx_method_to_determine_struct          'MOLECULAR REPLACEMENT' 
_refine.pdbx_isotropic_thermal_model             ? 
_refine.pdbx_stereochemistry_target_values       ML 
_refine.pdbx_stereochem_target_val_spec_case     ? 
_refine.pdbx_R_Free_selection_details            random 
_refine.pdbx_overall_ESU_R                       ? 
_refine.pdbx_overall_ESU_R_Free                  ? 
_refine.overall_SU_ML                            0.27 
_refine.pdbx_overall_phase_error                 32.86 
_refine.overall_SU_B                             ? 
_refine.overall_SU_R_Cruickshank_DPI             ? 
_refine.ls_redundancy_reflns_obs                 ? 
_refine.B_iso_min                                ? 
_refine.B_iso_max                                ? 
_refine.overall_SU_R_free                        ? 
_refine.ls_wR_factor_R_free                      ? 
_refine.ls_wR_factor_R_work                      ? 
_refine.overall_FOM_free_R_set                   ? 
_refine.overall_FOM_work_R_set                   ? 
_refine.pdbx_diffrn_id                           1 
_refine.pdbx_refine_id                           'X-RAY DIFFRACTION' 
_refine.pdbx_TLS_residual_ADP_flag               ? 
_refine.pdbx_overall_SU_R_free_Cruickshank_DPI   ? 
_refine.pdbx_overall_SU_R_Blow_DPI               ? 
_refine.pdbx_overall_SU_R_free_Blow_DPI          ? 
# 
_refine_hist.pdbx_refine_id                   'X-RAY DIFFRACTION' 
_refine_hist.cycle_id                         LAST 
_refine_hist.pdbx_number_atoms_protein        1084 
_refine_hist.pdbx_number_atoms_nucleic_acid   0 
_refine_hist.pdbx_number_atoms_ligand         0 
_refine_hist.number_atoms_solvent             27 
_refine_hist.number_atoms_total               1111 
_refine_hist.d_res_high                       2.4535 
_refine_hist.d_res_low                        37.758 
# 
loop_
_refine_ls_restr.type 
_refine_ls_restr.dev_ideal 
_refine_ls_restr.dev_ideal_target 
_refine_ls_restr.weight 
_refine_ls_restr.number 
_refine_ls_restr.pdbx_restraint_function 
_refine_ls_restr.pdbx_refine_id 
f_bond_d           0.015  ? ? 1169 ? 'X-RAY DIFFRACTION' 
f_angle_d          0.810  ? ? 1472 ? 'X-RAY DIFFRACTION' 
f_dihedral_angle_d 12.832 ? ? 412  ? 'X-RAY DIFFRACTION' 
f_chiral_restr     0.050  ? ? 179  ? 'X-RAY DIFFRACTION' 
f_plane_restr      0.002  ? ? 193  ? 'X-RAY DIFFRACTION' 
# 
loop_
_refine_ls_shell.pdbx_total_number_of_bins_used 
_refine_ls_shell.d_res_high 
_refine_ls_shell.d_res_low 
_refine_ls_shell.number_reflns_R_work 
_refine_ls_shell.R_factor_R_work 
_refine_ls_shell.percent_reflns_obs 
_refine_ls_shell.R_factor_R_free 
_refine_ls_shell.R_factor_R_free_error 
_refine_ls_shell.percent_reflns_R_free 
_refine_ls_shell.number_reflns_R_free 
_refine_ls_shell.number_reflns_all 
_refine_ls_shell.R_factor_all 
_refine_ls_shell.number_reflns_obs 
_refine_ls_shell.redundancy_reflns_obs 
_refine_ls_shell.pdbx_refine_id 
. 2.4535 3.0909  2737 0.2467 94.00 0.2950 . . 132 . . . . 'X-RAY DIFFRACTION' 
. 3.0909 37.7626 2608 0.2582 85.00 0.2577 . . 132 . . . . 'X-RAY DIFFRACTION' 
# 
_struct.entry_id                  4NKJ 
_struct.title                     'Structure of influenza B virus hemagglutinin at membrane fusion pH' 
_struct.pdbx_model_details        ? 
_struct.pdbx_CASP_flag            ? 
_struct.pdbx_model_type_details   ? 
# 
_struct_keywords.entry_id        4NKJ 
_struct_keywords.pdbx_keywords   'VIRAL PROTEIN' 
_struct_keywords.text            'HA, VIRAL PROTEIN' 
# 
loop_
_struct_asym.id 
_struct_asym.pdbx_blank_PDB_chainid_flag 
_struct_asym.pdbx_modified 
_struct_asym.entity_id 
_struct_asym.details 
A N N 1 ? 
B N N 2 ? 
# 
_struct_ref.id                         1 
_struct_ref.db_name                    UNP 
_struct_ref.db_code                    S5DRP1_9INFB 
_struct_ref.pdbx_db_accession          S5DRP1 
_struct_ref.entity_id                  1 
_struct_ref.pdbx_seq_one_letter_code   
;GVAVAADLKSTQEAINKITKNLNSLSELEVKNLQRLSGAMDELHNEILELDEKVDDLRADTISSQIELAVLLSNEGIINS
EDEHLLALERKLKKMLGPSAVDIGNGCFETKHKCNQTCLDRIAAGTFNAGEFSLPTFDSLNITAASLNDD
;
_struct_ref.pdbx_align_begin           392 
_struct_ref.pdbx_db_isoform            ? 
# 
_struct_ref_seq.align_id                      1 
_struct_ref_seq.ref_id                        1 
_struct_ref_seq.pdbx_PDB_id_code              4NKJ 
_struct_ref_seq.pdbx_strand_id                A 
_struct_ref_seq.seq_align_beg                 8 
_struct_ref_seq.pdbx_seq_align_beg_ins_code   ? 
_struct_ref_seq.seq_align_end                 157 
_struct_ref_seq.pdbx_seq_align_end_ins_code   ? 
_struct_ref_seq.pdbx_db_accession             S5DRP1 
_struct_ref_seq.db_align_beg                  392 
_struct_ref_seq.pdbx_db_align_beg_ins_code    ? 
_struct_ref_seq.db_align_end                  541 
_struct_ref_seq.pdbx_db_align_end_ins_code    ? 
_struct_ref_seq.pdbx_auth_seq_align_beg       1 
_struct_ref_seq.pdbx_auth_seq_align_end       150 
# 
loop_
_struct_ref_seq_dif.align_id 
_struct_ref_seq_dif.pdbx_pdb_id_code 
_struct_ref_seq_dif.mon_id 
_struct_ref_seq_dif.pdbx_pdb_strand_id 
_struct_ref_seq_dif.seq_num 
_struct_ref_seq_dif.pdbx_pdb_ins_code 
_struct_ref_seq_dif.pdbx_seq_db_name 
_struct_ref_seq_dif.pdbx_seq_db_accession_code 
_struct_ref_seq_dif.db_mon_id 
_struct_ref_seq_dif.pdbx_seq_db_seq_num 
_struct_ref_seq_dif.details 
_struct_ref_seq_dif.pdbx_auth_seq_num 
_struct_ref_seq_dif.pdbx_ordinal 
1 4NKJ HIS A 1   ? UNP S5DRP1 ?   ?   'expression tag' -6  1 
1 4NKJ HIS A 2   ? UNP S5DRP1 ?   ?   'expression tag' -5  2 
1 4NKJ HIS A 3   ? UNP S5DRP1 ?   ?   'expression tag' -4  3 
1 4NKJ HIS A 4   ? UNP S5DRP1 ?   ?   'expression tag' -3  4 
1 4NKJ HIS A 5   ? UNP S5DRP1 ?   ?   'expression tag' -2  5 
1 4NKJ HIS A 6   ? UNP S5DRP1 ?   ?   'expression tag' -1  6 
1 4NKJ VAL A 7   ? UNP S5DRP1 ?   ?   'expression tag' 0   7 
1 4NKJ SER A 114 ? UNP S5DRP1 CYS 498 conflict         107 8 
# 
_pdbx_struct_assembly.id                   1 
_pdbx_struct_assembly.details              author_and_software_defined_assembly 
_pdbx_struct_assembly.method_details       PISA 
_pdbx_struct_assembly.oligomeric_details   trimeric 
_pdbx_struct_assembly.oligomeric_count     3 
# 
loop_
_pdbx_struct_assembly_prop.biol_id 
_pdbx_struct_assembly_prop.type 
_pdbx_struct_assembly_prop.value 
_pdbx_struct_assembly_prop.details 
1 'ABSA (A^2)' 12510 ? 
1 MORE         -107  ? 
1 'SSA (A^2)'  19900 ? 
# 
_pdbx_struct_assembly_gen.assembly_id       1 
_pdbx_struct_assembly_gen.oper_expression   1,2,3 
_pdbx_struct_assembly_gen.asym_id_list      A,B 
# 
loop_
_pdbx_struct_oper_list.id 
_pdbx_struct_oper_list.type 
_pdbx_struct_oper_list.name 
_pdbx_struct_oper_list.symmetry_operation 
_pdbx_struct_oper_list.matrix[1][1] 
_pdbx_struct_oper_list.matrix[1][2] 
_pdbx_struct_oper_list.matrix[1][3] 
_pdbx_struct_oper_list.vector[1] 
_pdbx_struct_oper_list.matrix[2][1] 
_pdbx_struct_oper_list.matrix[2][2] 
_pdbx_struct_oper_list.matrix[2][3] 
_pdbx_struct_oper_list.vector[2] 
_pdbx_struct_oper_list.matrix[3][1] 
_pdbx_struct_oper_list.matrix[3][2] 
_pdbx_struct_oper_list.matrix[3][3] 
_pdbx_struct_oper_list.vector[3] 
1 'identity operation'         1_555 x,y,z       1.0000000000  0.0000000000  0.0000000000  0.0000000000 0.0000000000  1.0000000000 0.0000000000  0.0000000000 0.0000000000  0.0000000000  1.0000000000  0.0000000000  
2 'crystal symmetry operation' 2_565 -y,x-y+1,z  -0.4861507222 0.0071335656  0.8738458603  7.3198025783 -0.2897758919 0.9420731092 -0.1689028994 1.7280729458 -0.8244315665 -0.3353317301 -0.4559223870 5.7812947632  
3 'crystal symmetry operation' 3_455 -x+y-1,-x,z -0.4861507222 -0.2897758919 -0.8244315665 8.8255630873 0.0071335656  0.9420731092 -0.3353317301 0.2584642301 0.8738458603  -0.1689028994 -0.4559223870 -3.4686809418 
# 
_struct_biol.id        1 
_struct_biol.details   ? 
# 
loop_
_struct_conf.conf_type_id 
_struct_conf.id 
_struct_conf.pdbx_PDB_helix_id 
_struct_conf.beg_label_comp_id 
_struct_conf.beg_label_asym_id 
_struct_conf.beg_label_seq_id 
_struct_conf.pdbx_beg_PDB_ins_code 
_struct_conf.end_label_comp_id 
_struct_conf.end_label_asym_id 
_struct_conf.end_label_seq_id 
_struct_conf.pdbx_end_PDB_ins_code 
_struct_conf.beg_auth_comp_id 
_struct_conf.beg_auth_asym_id 
_struct_conf.beg_auth_seq_id 
_struct_conf.end_auth_comp_id 
_struct_conf.end_auth_asym_id 
_struct_conf.end_auth_seq_id 
_struct_conf.pdbx_PDB_helix_class 
_struct_conf.details 
_struct_conf.pdbx_PDB_helix_length 
HELX_P HELX_P1 1 ASP A 14  ? GLY A 83  ? ASP A 7   GLY A 76  1 ? 70 
HELX_P HELX_P2 2 GLU A 88  ? MET A 102 ? GLU A 81  MET A 95  1 ? 15 
HELX_P HELX_P3 3 GLN A 123 ? ARG A 128 ? GLN A 116 ARG A 121 1 ? 6  
# 
_struct_conf_type.id          HELX_P 
_struct_conf_type.criteria    ? 
_struct_conf_type.reference   ? 
# 
_struct_conn.id                            disulf1 
_struct_conn.conn_type_id                  disulf 
_struct_conn.pdbx_leaving_atom_flag        ? 
_struct_conn.pdbx_PDB_id                   ? 
_struct_conn.ptnr1_label_asym_id           A 
_struct_conn.ptnr1_label_comp_id           CYS 
_struct_conn.ptnr1_label_seq_id            121 
_struct_conn.ptnr1_label_atom_id           SG 
_struct_conn.pdbx_ptnr1_label_alt_id       ? 
_struct_conn.pdbx_ptnr1_PDB_ins_code       ? 
_struct_conn.pdbx_ptnr1_standard_comp_id   ? 
_struct_conn.ptnr1_symmetry                1_555 
_struct_conn.ptnr2_label_asym_id           A 
_struct_conn.ptnr2_label_comp_id           CYS 
_struct_conn.ptnr2_label_seq_id            125 
_struct_conn.ptnr2_label_atom_id           SG 
_struct_conn.pdbx_ptnr2_label_alt_id       ? 
_struct_conn.pdbx_ptnr2_PDB_ins_code       ? 
_struct_conn.ptnr1_auth_asym_id            A 
_struct_conn.ptnr1_auth_comp_id            CYS 
_struct_conn.ptnr1_auth_seq_id             114 
_struct_conn.ptnr2_auth_asym_id            A 
_struct_conn.ptnr2_auth_comp_id            CYS 
_struct_conn.ptnr2_auth_seq_id             118 
_struct_conn.ptnr2_symmetry                1_555 
_struct_conn.pdbx_ptnr3_label_atom_id      ? 
_struct_conn.pdbx_ptnr3_label_seq_id       ? 
_struct_conn.pdbx_ptnr3_label_comp_id      ? 
_struct_conn.pdbx_ptnr3_label_asym_id      ? 
_struct_conn.pdbx_ptnr3_label_alt_id       ? 
_struct_conn.pdbx_ptnr3_PDB_ins_code       ? 
_struct_conn.details                       ? 
_struct_conn.pdbx_dist_value               2.033 
_struct_conn.pdbx_value_order              ? 
_struct_conn.pdbx_role                     ? 
# 
_struct_conn_type.id          disulf 
_struct_conn_type.criteria    ? 
_struct_conn_type.reference   ? 
# 
_pdbx_modification_feature.ordinal                            1 
_pdbx_modification_feature.label_comp_id                      CYS 
_pdbx_modification_feature.label_asym_id                      A 
_pdbx_modification_feature.label_seq_id                       121 
_pdbx_modification_feature.label_alt_id                       ? 
_pdbx_modification_feature.modified_residue_label_comp_id     CYS 
_pdbx_modification_feature.modified_residue_label_asym_id     A 
_pdbx_modification_feature.modified_residue_label_seq_id      125 
_pdbx_modification_feature.modified_residue_label_alt_id      ? 
_pdbx_modification_feature.auth_comp_id                       CYS 
_pdbx_modification_feature.auth_asym_id                       A 
_pdbx_modification_feature.auth_seq_id                        114 
_pdbx_modification_feature.PDB_ins_code                       ? 
_pdbx_modification_feature.symmetry                           1_555 
_pdbx_modification_feature.modified_residue_auth_comp_id      CYS 
_pdbx_modification_feature.modified_residue_auth_asym_id      A 
_pdbx_modification_feature.modified_residue_auth_seq_id       118 
_pdbx_modification_feature.modified_residue_PDB_ins_code      ? 
_pdbx_modification_feature.modified_residue_symmetry          1_555 
_pdbx_modification_feature.comp_id_linking_atom               SG 
_pdbx_modification_feature.modified_residue_id_linking_atom   SG 
_pdbx_modification_feature.modified_residue_id                . 
_pdbx_modification_feature.ref_pcm_id                         . 
_pdbx_modification_feature.ref_comp_id                        . 
_pdbx_modification_feature.type                               None 
_pdbx_modification_feature.category                           'Disulfide bridge' 
# 
_pdbx_entry_details.entry_id                   4NKJ 
_pdbx_entry_details.compound_details           ? 
_pdbx_entry_details.source_details             ? 
_pdbx_entry_details.nonpolymer_details         ? 
_pdbx_entry_details.sequence_details           ? 
_pdbx_entry_details.has_ligand_of_interest     ? 
_pdbx_entry_details.has_protein_modification   Y 
# 
loop_
_pdbx_validate_torsion.id 
_pdbx_validate_torsion.PDB_model_num 
_pdbx_validate_torsion.auth_comp_id 
_pdbx_validate_torsion.auth_asym_id 
_pdbx_validate_torsion.auth_seq_id 
_pdbx_validate_torsion.PDB_ins_code 
_pdbx_validate_torsion.label_alt_id 
_pdbx_validate_torsion.phi 
_pdbx_validate_torsion.psi 
1 1 PRO A 98  ? ? -60.87 61.84   
2 1 ILE A 103 ? ? -45.89 155.96  
3 1 ASN A 105 ? ? -39.28 123.15  
4 1 CYS A 114 ? ? 170.39 102.18  
5 1 GLN A 116 ? ? 67.35  -94.42  
6 1 ALA A 124 ? ? 67.02  67.57   
7 1 ALA A 129 ? ? -77.06 -141.43 
# 
_pdbx_struct_special_symmetry.id              1 
_pdbx_struct_special_symmetry.PDB_model_num   1 
_pdbx_struct_special_symmetry.auth_asym_id    A 
_pdbx_struct_special_symmetry.auth_comp_id    HOH 
_pdbx_struct_special_symmetry.auth_seq_id     217 
_pdbx_struct_special_symmetry.PDB_ins_code    ? 
_pdbx_struct_special_symmetry.label_asym_id   B 
_pdbx_struct_special_symmetry.label_comp_id   HOH 
_pdbx_struct_special_symmetry.label_seq_id    . 
# 
loop_
_pdbx_unobs_or_zero_occ_residues.id 
_pdbx_unobs_or_zero_occ_residues.PDB_model_num 
_pdbx_unobs_or_zero_occ_residues.polymer_flag 
_pdbx_unobs_or_zero_occ_residues.occupancy_flag 
_pdbx_unobs_or_zero_occ_residues.auth_asym_id 
_pdbx_unobs_or_zero_occ_residues.auth_comp_id 
_pdbx_unobs_or_zero_occ_residues.auth_seq_id 
_pdbx_unobs_or_zero_occ_residues.PDB_ins_code 
_pdbx_unobs_or_zero_occ_residues.label_asym_id 
_pdbx_unobs_or_zero_occ_residues.label_comp_id 
_pdbx_unobs_or_zero_occ_residues.label_seq_id 
1  1 Y 1 A HIS -6  ? A HIS 1   
2  1 Y 1 A HIS -5  ? A HIS 2   
3  1 Y 1 A HIS -4  ? A HIS 3   
4  1 Y 1 A HIS -3  ? A HIS 4   
5  1 Y 1 A HIS -2  ? A HIS 5   
6  1 Y 1 A HIS -1  ? A HIS 6   
7  1 Y 1 A VAL 0   ? A VAL 7   
8  1 Y 1 A GLY 1   ? A GLY 8   
9  1 Y 1 A VAL 2   ? A VAL 9   
10 1 Y 1 A ALA 3   ? A ALA 10  
11 1 Y 1 A SER 146 ? A SER 153 
12 1 Y 1 A LEU 147 ? A LEU 154 
13 1 Y 1 A ASN 148 ? A ASN 155 
14 1 Y 1 A ASP 149 ? A ASP 156 
15 1 Y 1 A ASP 150 ? A ASP 157 
# 
loop_
_chem_comp_atom.comp_id 
_chem_comp_atom.atom_id 
_chem_comp_atom.type_symbol 
_chem_comp_atom.pdbx_aromatic_flag 
_chem_comp_atom.pdbx_stereo_config 
_chem_comp_atom.pdbx_ordinal 
ALA N    N N N 1   
ALA CA   C N S 2   
ALA C    C N N 3   
ALA O    O N N 4   
ALA CB   C N N 5   
ALA OXT  O N N 6   
ALA H    H N N 7   
ALA H2   H N N 8   
ALA HA   H N N 9   
ALA HB1  H N N 10  
ALA HB2  H N N 11  
ALA HB3  H N N 12  
ALA HXT  H N N 13  
ARG N    N N N 14  
ARG CA   C N S 15  
ARG C    C N N 16  
ARG O    O N N 17  
ARG CB   C N N 18  
ARG CG   C N N 19  
ARG CD   C N N 20  
ARG NE   N N N 21  
ARG CZ   C N N 22  
ARG NH1  N N N 23  
ARG NH2  N N N 24  
ARG OXT  O N N 25  
ARG H    H N N 26  
ARG H2   H N N 27  
ARG HA   H N N 28  
ARG HB2  H N N 29  
ARG HB3  H N N 30  
ARG HG2  H N N 31  
ARG HG3  H N N 32  
ARG HD2  H N N 33  
ARG HD3  H N N 34  
ARG HE   H N N 35  
ARG HH11 H N N 36  
ARG HH12 H N N 37  
ARG HH21 H N N 38  
ARG HH22 H N N 39  
ARG HXT  H N N 40  
ASN N    N N N 41  
ASN CA   C N S 42  
ASN C    C N N 43  
ASN O    O N N 44  
ASN CB   C N N 45  
ASN CG   C N N 46  
ASN OD1  O N N 47  
ASN ND2  N N N 48  
ASN OXT  O N N 49  
ASN H    H N N 50  
ASN H2   H N N 51  
ASN HA   H N N 52  
ASN HB2  H N N 53  
ASN HB3  H N N 54  
ASN HD21 H N N 55  
ASN HD22 H N N 56  
ASN HXT  H N N 57  
ASP N    N N N 58  
ASP CA   C N S 59  
ASP C    C N N 60  
ASP O    O N N 61  
ASP CB   C N N 62  
ASP CG   C N N 63  
ASP OD1  O N N 64  
ASP OD2  O N N 65  
ASP OXT  O N N 66  
ASP H    H N N 67  
ASP H2   H N N 68  
ASP HA   H N N 69  
ASP HB2  H N N 70  
ASP HB3  H N N 71  
ASP HD2  H N N 72  
ASP HXT  H N N 73  
CYS N    N N N 74  
CYS CA   C N R 75  
CYS C    C N N 76  
CYS O    O N N 77  
CYS CB   C N N 78  
CYS SG   S N N 79  
CYS OXT  O N N 80  
CYS H    H N N 81  
CYS H2   H N N 82  
CYS HA   H N N 83  
CYS HB2  H N N 84  
CYS HB3  H N N 85  
CYS HG   H N N 86  
CYS HXT  H N N 87  
GLN N    N N N 88  
GLN CA   C N S 89  
GLN C    C N N 90  
GLN O    O N N 91  
GLN CB   C N N 92  
GLN CG   C N N 93  
GLN CD   C N N 94  
GLN OE1  O N N 95  
GLN NE2  N N N 96  
GLN OXT  O N N 97  
GLN H    H N N 98  
GLN H2   H N N 99  
GLN HA   H N N 100 
GLN HB2  H N N 101 
GLN HB3  H N N 102 
GLN HG2  H N N 103 
GLN HG3  H N N 104 
GLN HE21 H N N 105 
GLN HE22 H N N 106 
GLN HXT  H N N 107 
GLU N    N N N 108 
GLU CA   C N S 109 
GLU C    C N N 110 
GLU O    O N N 111 
GLU CB   C N N 112 
GLU CG   C N N 113 
GLU CD   C N N 114 
GLU OE1  O N N 115 
GLU OE2  O N N 116 
GLU OXT  O N N 117 
GLU H    H N N 118 
GLU H2   H N N 119 
GLU HA   H N N 120 
GLU HB2  H N N 121 
GLU HB3  H N N 122 
GLU HG2  H N N 123 
GLU HG3  H N N 124 
GLU HE2  H N N 125 
GLU HXT  H N N 126 
GLY N    N N N 127 
GLY CA   C N N 128 
GLY C    C N N 129 
GLY O    O N N 130 
GLY OXT  O N N 131 
GLY H    H N N 132 
GLY H2   H N N 133 
GLY HA2  H N N 134 
GLY HA3  H N N 135 
GLY HXT  H N N 136 
HIS N    N N N 137 
HIS CA   C N S 138 
HIS C    C N N 139 
HIS O    O N N 140 
HIS CB   C N N 141 
HIS CG   C Y N 142 
HIS ND1  N Y N 143 
HIS CD2  C Y N 144 
HIS CE1  C Y N 145 
HIS NE2  N Y N 146 
HIS OXT  O N N 147 
HIS H    H N N 148 
HIS H2   H N N 149 
HIS HA   H N N 150 
HIS HB2  H N N 151 
HIS HB3  H N N 152 
HIS HD1  H N N 153 
HIS HD2  H N N 154 
HIS HE1  H N N 155 
HIS HE2  H N N 156 
HIS HXT  H N N 157 
HOH O    O N N 158 
HOH H1   H N N 159 
HOH H2   H N N 160 
ILE N    N N N 161 
ILE CA   C N S 162 
ILE C    C N N 163 
ILE O    O N N 164 
ILE CB   C N S 165 
ILE CG1  C N N 166 
ILE CG2  C N N 167 
ILE CD1  C N N 168 
ILE OXT  O N N 169 
ILE H    H N N 170 
ILE H2   H N N 171 
ILE HA   H N N 172 
ILE HB   H N N 173 
ILE HG12 H N N 174 
ILE HG13 H N N 175 
ILE HG21 H N N 176 
ILE HG22 H N N 177 
ILE HG23 H N N 178 
ILE HD11 H N N 179 
ILE HD12 H N N 180 
ILE HD13 H N N 181 
ILE HXT  H N N 182 
LEU N    N N N 183 
LEU CA   C N S 184 
LEU C    C N N 185 
LEU O    O N N 186 
LEU CB   C N N 187 
LEU CG   C N N 188 
LEU CD1  C N N 189 
LEU CD2  C N N 190 
LEU OXT  O N N 191 
LEU H    H N N 192 
LEU H2   H N N 193 
LEU HA   H N N 194 
LEU HB2  H N N 195 
LEU HB3  H N N 196 
LEU HG   H N N 197 
LEU HD11 H N N 198 
LEU HD12 H N N 199 
LEU HD13 H N N 200 
LEU HD21 H N N 201 
LEU HD22 H N N 202 
LEU HD23 H N N 203 
LEU HXT  H N N 204 
LYS N    N N N 205 
LYS CA   C N S 206 
LYS C    C N N 207 
LYS O    O N N 208 
LYS CB   C N N 209 
LYS CG   C N N 210 
LYS CD   C N N 211 
LYS CE   C N N 212 
LYS NZ   N N N 213 
LYS OXT  O N N 214 
LYS H    H N N 215 
LYS H2   H N N 216 
LYS HA   H N N 217 
LYS HB2  H N N 218 
LYS HB3  H N N 219 
LYS HG2  H N N 220 
LYS HG3  H N N 221 
LYS HD2  H N N 222 
LYS HD3  H N N 223 
LYS HE2  H N N 224 
LYS HE3  H N N 225 
LYS HZ1  H N N 226 
LYS HZ2  H N N 227 
LYS HZ3  H N N 228 
LYS HXT  H N N 229 
MET N    N N N 230 
MET CA   C N S 231 
MET C    C N N 232 
MET O    O N N 233 
MET CB   C N N 234 
MET CG   C N N 235 
MET SD   S N N 236 
MET CE   C N N 237 
MET OXT  O N N 238 
MET H    H N N 239 
MET H2   H N N 240 
MET HA   H N N 241 
MET HB2  H N N 242 
MET HB3  H N N 243 
MET HG2  H N N 244 
MET HG3  H N N 245 
MET HE1  H N N 246 
MET HE2  H N N 247 
MET HE3  H N N 248 
MET HXT  H N N 249 
PHE N    N N N 250 
PHE CA   C N S 251 
PHE C    C N N 252 
PHE O    O N N 253 
PHE CB   C N N 254 
PHE CG   C Y N 255 
PHE CD1  C Y N 256 
PHE CD2  C Y N 257 
PHE CE1  C Y N 258 
PHE CE2  C Y N 259 
PHE CZ   C Y N 260 
PHE OXT  O N N 261 
PHE H    H N N 262 
PHE H2   H N N 263 
PHE HA   H N N 264 
PHE HB2  H N N 265 
PHE HB3  H N N 266 
PHE HD1  H N N 267 
PHE HD2  H N N 268 
PHE HE1  H N N 269 
PHE HE2  H N N 270 
PHE HZ   H N N 271 
PHE HXT  H N N 272 
PRO N    N N N 273 
PRO CA   C N S 274 
PRO C    C N N 275 
PRO O    O N N 276 
PRO CB   C N N 277 
PRO CG   C N N 278 
PRO CD   C N N 279 
PRO OXT  O N N 280 
PRO H    H N N 281 
PRO HA   H N N 282 
PRO HB2  H N N 283 
PRO HB3  H N N 284 
PRO HG2  H N N 285 
PRO HG3  H N N 286 
PRO HD2  H N N 287 
PRO HD3  H N N 288 
PRO HXT  H N N 289 
SER N    N N N 290 
SER CA   C N S 291 
SER C    C N N 292 
SER O    O N N 293 
SER CB   C N N 294 
SER OG   O N N 295 
SER OXT  O N N 296 
SER H    H N N 297 
SER H2   H N N 298 
SER HA   H N N 299 
SER HB2  H N N 300 
SER HB3  H N N 301 
SER HG   H N N 302 
SER HXT  H N N 303 
THR N    N N N 304 
THR CA   C N S 305 
THR C    C N N 306 
THR O    O N N 307 
THR CB   C N R 308 
THR OG1  O N N 309 
THR CG2  C N N 310 
THR OXT  O N N 311 
THR H    H N N 312 
THR H2   H N N 313 
THR HA   H N N 314 
THR HB   H N N 315 
THR HG1  H N N 316 
THR HG21 H N N 317 
THR HG22 H N N 318 
THR HG23 H N N 319 
THR HXT  H N N 320 
VAL N    N N N 321 
VAL CA   C N S 322 
VAL C    C N N 323 
VAL O    O N N 324 
VAL CB   C N N 325 
VAL CG1  C N N 326 
VAL CG2  C N N 327 
VAL OXT  O N N 328 
VAL H    H N N 329 
VAL H2   H N N 330 
VAL HA   H N N 331 
VAL HB   H N N 332 
VAL HG11 H N N 333 
VAL HG12 H N N 334 
VAL HG13 H N N 335 
VAL HG21 H N N 336 
VAL HG22 H N N 337 
VAL HG23 H N N 338 
VAL HXT  H N N 339 
# 
loop_
_chem_comp_bond.comp_id 
_chem_comp_bond.atom_id_1 
_chem_comp_bond.atom_id_2 
_chem_comp_bond.value_order 
_chem_comp_bond.pdbx_aromatic_flag 
_chem_comp_bond.pdbx_stereo_config 
_chem_comp_bond.pdbx_ordinal 
ALA N   CA   sing N N 1   
ALA N   H    sing N N 2   
ALA N   H2   sing N N 3   
ALA CA  C    sing N N 4   
ALA CA  CB   sing N N 5   
ALA CA  HA   sing N N 6   
ALA C   O    doub N N 7   
ALA C   OXT  sing N N 8   
ALA CB  HB1  sing N N 9   
ALA CB  HB2  sing N N 10  
ALA CB  HB3  sing N N 11  
ALA OXT HXT  sing N N 12  
ARG N   CA   sing N N 13  
ARG N   H    sing N N 14  
ARG N   H2   sing N N 15  
ARG CA  C    sing N N 16  
ARG CA  CB   sing N N 17  
ARG CA  HA   sing N N 18  
ARG C   O    doub N N 19  
ARG C   OXT  sing N N 20  
ARG CB  CG   sing N N 21  
ARG CB  HB2  sing N N 22  
ARG CB  HB3  sing N N 23  
ARG CG  CD   sing N N 24  
ARG CG  HG2  sing N N 25  
ARG CG  HG3  sing N N 26  
ARG CD  NE   sing N N 27  
ARG CD  HD2  sing N N 28  
ARG CD  HD3  sing N N 29  
ARG NE  CZ   sing N N 30  
ARG NE  HE   sing N N 31  
ARG CZ  NH1  sing N N 32  
ARG CZ  NH2  doub N N 33  
ARG NH1 HH11 sing N N 34  
ARG NH1 HH12 sing N N 35  
ARG NH2 HH21 sing N N 36  
ARG NH2 HH22 sing N N 37  
ARG OXT HXT  sing N N 38  
ASN N   CA   sing N N 39  
ASN N   H    sing N N 40  
ASN N   H2   sing N N 41  
ASN CA  C    sing N N 42  
ASN CA  CB   sing N N 43  
ASN CA  HA   sing N N 44  
ASN C   O    doub N N 45  
ASN C   OXT  sing N N 46  
ASN CB  CG   sing N N 47  
ASN CB  HB2  sing N N 48  
ASN CB  HB3  sing N N 49  
ASN CG  OD1  doub N N 50  
ASN CG  ND2  sing N N 51  
ASN ND2 HD21 sing N N 52  
ASN ND2 HD22 sing N N 53  
ASN OXT HXT  sing N N 54  
ASP N   CA   sing N N 55  
ASP N   H    sing N N 56  
ASP N   H2   sing N N 57  
ASP CA  C    sing N N 58  
ASP CA  CB   sing N N 59  
ASP CA  HA   sing N N 60  
ASP C   O    doub N N 61  
ASP C   OXT  sing N N 62  
ASP CB  CG   sing N N 63  
ASP CB  HB2  sing N N 64  
ASP CB  HB3  sing N N 65  
ASP CG  OD1  doub N N 66  
ASP CG  OD2  sing N N 67  
ASP OD2 HD2  sing N N 68  
ASP OXT HXT  sing N N 69  
CYS N   CA   sing N N 70  
CYS N   H    sing N N 71  
CYS N   H2   sing N N 72  
CYS CA  C    sing N N 73  
CYS CA  CB   sing N N 74  
CYS CA  HA   sing N N 75  
CYS C   O    doub N N 76  
CYS C   OXT  sing N N 77  
CYS CB  SG   sing N N 78  
CYS CB  HB2  sing N N 79  
CYS CB  HB3  sing N N 80  
CYS SG  HG   sing N N 81  
CYS OXT HXT  sing N N 82  
GLN N   CA   sing N N 83  
GLN N   H    sing N N 84  
GLN N   H2   sing N N 85  
GLN CA  C    sing N N 86  
GLN CA  CB   sing N N 87  
GLN CA  HA   sing N N 88  
GLN C   O    doub N N 89  
GLN C   OXT  sing N N 90  
GLN CB  CG   sing N N 91  
GLN CB  HB2  sing N N 92  
GLN CB  HB3  sing N N 93  
GLN CG  CD   sing N N 94  
GLN CG  HG2  sing N N 95  
GLN CG  HG3  sing N N 96  
GLN CD  OE1  doub N N 97  
GLN CD  NE2  sing N N 98  
GLN NE2 HE21 sing N N 99  
GLN NE2 HE22 sing N N 100 
GLN OXT HXT  sing N N 101 
GLU N   CA   sing N N 102 
GLU N   H    sing N N 103 
GLU N   H2   sing N N 104 
GLU CA  C    sing N N 105 
GLU CA  CB   sing N N 106 
GLU CA  HA   sing N N 107 
GLU C   O    doub N N 108 
GLU C   OXT  sing N N 109 
GLU CB  CG   sing N N 110 
GLU CB  HB2  sing N N 111 
GLU CB  HB3  sing N N 112 
GLU CG  CD   sing N N 113 
GLU CG  HG2  sing N N 114 
GLU CG  HG3  sing N N 115 
GLU CD  OE1  doub N N 116 
GLU CD  OE2  sing N N 117 
GLU OE2 HE2  sing N N 118 
GLU OXT HXT  sing N N 119 
GLY N   CA   sing N N 120 
GLY N   H    sing N N 121 
GLY N   H2   sing N N 122 
GLY CA  C    sing N N 123 
GLY CA  HA2  sing N N 124 
GLY CA  HA3  sing N N 125 
GLY C   O    doub N N 126 
GLY C   OXT  sing N N 127 
GLY OXT HXT  sing N N 128 
HIS N   CA   sing N N 129 
HIS N   H    sing N N 130 
HIS N   H2   sing N N 131 
HIS CA  C    sing N N 132 
HIS CA  CB   sing N N 133 
HIS CA  HA   sing N N 134 
HIS C   O    doub N N 135 
HIS C   OXT  sing N N 136 
HIS CB  CG   sing N N 137 
HIS CB  HB2  sing N N 138 
HIS CB  HB3  sing N N 139 
HIS CG  ND1  sing Y N 140 
HIS CG  CD2  doub Y N 141 
HIS ND1 CE1  doub Y N 142 
HIS ND1 HD1  sing N N 143 
HIS CD2 NE2  sing Y N 144 
HIS CD2 HD2  sing N N 145 
HIS CE1 NE2  sing Y N 146 
HIS CE1 HE1  sing N N 147 
HIS NE2 HE2  sing N N 148 
HIS OXT HXT  sing N N 149 
HOH O   H1   sing N N 150 
HOH O   H2   sing N N 151 
ILE N   CA   sing N N 152 
ILE N   H    sing N N 153 
ILE N   H2   sing N N 154 
ILE CA  C    sing N N 155 
ILE CA  CB   sing N N 156 
ILE CA  HA   sing N N 157 
ILE C   O    doub N N 158 
ILE C   OXT  sing N N 159 
ILE CB  CG1  sing N N 160 
ILE CB  CG2  sing N N 161 
ILE CB  HB   sing N N 162 
ILE CG1 CD1  sing N N 163 
ILE CG1 HG12 sing N N 164 
ILE CG1 HG13 sing N N 165 
ILE CG2 HG21 sing N N 166 
ILE CG2 HG22 sing N N 167 
ILE CG2 HG23 sing N N 168 
ILE CD1 HD11 sing N N 169 
ILE CD1 HD12 sing N N 170 
ILE CD1 HD13 sing N N 171 
ILE OXT HXT  sing N N 172 
LEU N   CA   sing N N 173 
LEU N   H    sing N N 174 
LEU N   H2   sing N N 175 
LEU CA  C    sing N N 176 
LEU CA  CB   sing N N 177 
LEU CA  HA   sing N N 178 
LEU C   O    doub N N 179 
LEU C   OXT  sing N N 180 
LEU CB  CG   sing N N 181 
LEU CB  HB2  sing N N 182 
LEU CB  HB3  sing N N 183 
LEU CG  CD1  sing N N 184 
LEU CG  CD2  sing N N 185 
LEU CG  HG   sing N N 186 
LEU CD1 HD11 sing N N 187 
LEU CD1 HD12 sing N N 188 
LEU CD1 HD13 sing N N 189 
LEU CD2 HD21 sing N N 190 
LEU CD2 HD22 sing N N 191 
LEU CD2 HD23 sing N N 192 
LEU OXT HXT  sing N N 193 
LYS N   CA   sing N N 194 
LYS N   H    sing N N 195 
LYS N   H2   sing N N 196 
LYS CA  C    sing N N 197 
LYS CA  CB   sing N N 198 
LYS CA  HA   sing N N 199 
LYS C   O    doub N N 200 
LYS C   OXT  sing N N 201 
LYS CB  CG   sing N N 202 
LYS CB  HB2  sing N N 203 
LYS CB  HB3  sing N N 204 
LYS CG  CD   sing N N 205 
LYS CG  HG2  sing N N 206 
LYS CG  HG3  sing N N 207 
LYS CD  CE   sing N N 208 
LYS CD  HD2  sing N N 209 
LYS CD  HD3  sing N N 210 
LYS CE  NZ   sing N N 211 
LYS CE  HE2  sing N N 212 
LYS CE  HE3  sing N N 213 
LYS NZ  HZ1  sing N N 214 
LYS NZ  HZ2  sing N N 215 
LYS NZ  HZ3  sing N N 216 
LYS OXT HXT  sing N N 217 
MET N   CA   sing N N 218 
MET N   H    sing N N 219 
MET N   H2   sing N N 220 
MET CA  C    sing N N 221 
MET CA  CB   sing N N 222 
MET CA  HA   sing N N 223 
MET C   O    doub N N 224 
MET C   OXT  sing N N 225 
MET CB  CG   sing N N 226 
MET CB  HB2  sing N N 227 
MET CB  HB3  sing N N 228 
MET CG  SD   sing N N 229 
MET CG  HG2  sing N N 230 
MET CG  HG3  sing N N 231 
MET SD  CE   sing N N 232 
MET CE  HE1  sing N N 233 
MET CE  HE2  sing N N 234 
MET CE  HE3  sing N N 235 
MET OXT HXT  sing N N 236 
PHE N   CA   sing N N 237 
PHE N   H    sing N N 238 
PHE N   H2   sing N N 239 
PHE CA  C    sing N N 240 
PHE CA  CB   sing N N 241 
PHE CA  HA   sing N N 242 
PHE C   O    doub N N 243 
PHE C   OXT  sing N N 244 
PHE CB  CG   sing N N 245 
PHE CB  HB2  sing N N 246 
PHE CB  HB3  sing N N 247 
PHE CG  CD1  doub Y N 248 
PHE CG  CD2  sing Y N 249 
PHE CD1 CE1  sing Y N 250 
PHE CD1 HD1  sing N N 251 
PHE CD2 CE2  doub Y N 252 
PHE CD2 HD2  sing N N 253 
PHE CE1 CZ   doub Y N 254 
PHE CE1 HE1  sing N N 255 
PHE CE2 CZ   sing Y N 256 
PHE CE2 HE2  sing N N 257 
PHE CZ  HZ   sing N N 258 
PHE OXT HXT  sing N N 259 
PRO N   CA   sing N N 260 
PRO N   CD   sing N N 261 
PRO N   H    sing N N 262 
PRO CA  C    sing N N 263 
PRO CA  CB   sing N N 264 
PRO CA  HA   sing N N 265 
PRO C   O    doub N N 266 
PRO C   OXT  sing N N 267 
PRO CB  CG   sing N N 268 
PRO CB  HB2  sing N N 269 
PRO CB  HB3  sing N N 270 
PRO CG  CD   sing N N 271 
PRO CG  HG2  sing N N 272 
PRO CG  HG3  sing N N 273 
PRO CD  HD2  sing N N 274 
PRO CD  HD3  sing N N 275 
PRO OXT HXT  sing N N 276 
SER N   CA   sing N N 277 
SER N   H    sing N N 278 
SER N   H2   sing N N 279 
SER CA  C    sing N N 280 
SER CA  CB   sing N N 281 
SER CA  HA   sing N N 282 
SER C   O    doub N N 283 
SER C   OXT  sing N N 284 
SER CB  OG   sing N N 285 
SER CB  HB2  sing N N 286 
SER CB  HB3  sing N N 287 
SER OG  HG   sing N N 288 
SER OXT HXT  sing N N 289 
THR N   CA   sing N N 290 
THR N   H    sing N N 291 
THR N   H2   sing N N 292 
THR CA  C    sing N N 293 
THR CA  CB   sing N N 294 
THR CA  HA   sing N N 295 
THR C   O    doub N N 296 
THR C   OXT  sing N N 297 
THR CB  OG1  sing N N 298 
THR CB  CG2  sing N N 299 
THR CB  HB   sing N N 300 
THR OG1 HG1  sing N N 301 
THR CG2 HG21 sing N N 302 
THR CG2 HG22 sing N N 303 
THR CG2 HG23 sing N N 304 
THR OXT HXT  sing N N 305 
VAL N   CA   sing N N 306 
VAL N   H    sing N N 307 
VAL N   H2   sing N N 308 
VAL CA  C    sing N N 309 
VAL CA  CB   sing N N 310 
VAL CA  HA   sing N N 311 
VAL C   O    doub N N 312 
VAL C   OXT  sing N N 313 
VAL CB  CG1  sing N N 314 
VAL CB  CG2  sing N N 315 
VAL CB  HB   sing N N 316 
VAL CG1 HG11 sing N N 317 
VAL CG1 HG12 sing N N 318 
VAL CG1 HG13 sing N N 319 
VAL CG2 HG21 sing N N 320 
VAL CG2 HG22 sing N N 321 
VAL CG2 HG23 sing N N 322 
VAL OXT HXT  sing N N 323 
# 
_atom_sites.entry_id                    4NKJ 
_atom_sites.fract_transf_matrix[1][1]   0.00201436 
_atom_sites.fract_transf_matrix[1][2]   0.00430430 
_atom_sites.fract_transf_matrix[1][3]   0.02349083 
_atom_sites.fract_transf_matrix[2][1]   0.02159267 
_atom_sites.fract_transf_matrix[2][2]   0.00380772 
_atom_sites.fract_transf_matrix[2][3]   0.00967610 
_atom_sites.fract_transf_matrix[3][1]   -0.00027078 
_atom_sites.fract_transf_matrix[3][2]   0.00276305 
_atom_sites.fract_transf_matrix[3][3]   -0.00048306 
_atom_sites.fract_transf_vector[1]      -0.365148 
_atom_sites.fract_transf_vector[2]      0.207140 
_atom_sites.fract_transf_vector[3]      0.033306 
# 
loop_
_atom_type.symbol 
C 
N 
O 
S 
# 
loop_
_atom_site.group_PDB 
_atom_site.id 
_atom_site.type_symbol 
_atom_site.label_atom_id 
_atom_site.label_alt_id 
_atom_site.label_comp_id 
_atom_site.label_asym_id 
_atom_site.label_entity_id 
_atom_site.label_seq_id 
_atom_site.pdbx_PDB_ins_code 
_atom_site.Cartn_x 
_atom_site.Cartn_y 
_atom_site.Cartn_z 
_atom_site.occupancy 
_atom_site.B_iso_or_equiv 
_atom_site.pdbx_formal_charge 
_atom_site.auth_seq_id 
_atom_site.auth_comp_id 
_atom_site.auth_asym_id 
_atom_site.auth_atom_id 
_atom_site.pdbx_PDB_model_num 
ATOM   1    N N   . VAL A 1 11  ? 6.818   61.090  -12.643 1.00 81.82 ? 4   VAL A N   1 
ATOM   2    C CA  . VAL A 1 11  ? 5.535   60.801  -13.276 1.00 82.10 ? 4   VAL A CA  1 
ATOM   3    C C   . VAL A 1 11  ? 4.682   59.908  -12.378 1.00 83.32 ? 4   VAL A C   1 
ATOM   4    O O   . VAL A 1 11  ? 5.200   59.005  -11.721 1.00 82.16 ? 4   VAL A O   1 
ATOM   5    C CB  . VAL A 1 11  ? 5.719   60.104  -14.636 1.00 79.77 ? 4   VAL A CB  1 
ATOM   6    C CG1 . VAL A 1 11  ? 4.389   60.024  -15.374 1.00 76.60 ? 4   VAL A CG1 1 
ATOM   7    C CG2 . VAL A 1 11  ? 6.756   60.840  -15.472 1.00 81.17 ? 4   VAL A CG2 1 
ATOM   8    N N   . ALA A 1 12  ? 3.377   60.167  -12.353 1.00 83.76 ? 5   ALA A N   1 
ATOM   9    C CA  . ALA A 1 12  ? 2.457   59.375  -11.543 1.00 81.24 ? 5   ALA A CA  1 
ATOM   10   C C   . ALA A 1 12  ? 2.014   58.122  -12.289 1.00 78.70 ? 5   ALA A C   1 
ATOM   11   O O   . ALA A 1 12  ? 2.258   57.980  -13.489 1.00 79.30 ? 5   ALA A O   1 
ATOM   12   C CB  . ALA A 1 12  ? 1.247   60.209  -11.132 1.00 80.36 ? 5   ALA A CB  1 
ATOM   13   N N   . ALA A 1 13  ? 1.365   57.212  -11.572 1.00 78.12 ? 6   ALA A N   1 
ATOM   14   C CA  . ALA A 1 13  ? 0.877   55.984  -12.181 1.00 77.50 ? 6   ALA A CA  1 
ATOM   15   C C   . ALA A 1 13  ? -0.628  56.061  -12.378 1.00 74.93 ? 6   ALA A C   1 
ATOM   16   O O   . ALA A 1 13  ? -1.360  56.449  -11.470 1.00 75.96 ? 6   ALA A O   1 
ATOM   17   C CB  . ALA A 1 13  ? 1.243   54.780  -11.326 1.00 75.23 ? 6   ALA A CB  1 
ATOM   18   N N   . ASP A 1 14  ? -1.083  55.702  -13.573 1.00 74.31 ? 7   ASP A N   1 
ATOM   19   C CA  . ASP A 1 14  ? -2.507  55.708  -13.872 1.00 75.37 ? 7   ASP A CA  1 
ATOM   20   C C   . ASP A 1 14  ? -3.227  54.774  -12.912 1.00 75.74 ? 7   ASP A C   1 
ATOM   21   O O   . ASP A 1 14  ? -2.773  53.659  -12.663 1.00 76.37 ? 7   ASP A O   1 
ATOM   22   C CB  . ASP A 1 14  ? -2.755  55.276  -15.317 1.00 77.12 ? 7   ASP A CB  1 
ATOM   23   C CG  . ASP A 1 14  ? -4.224  55.306  -15.692 1.00 78.44 ? 7   ASP A CG  1 
ATOM   24   O OD1 . ASP A 1 14  ? -4.938  56.221  -15.233 1.00 78.68 ? 7   ASP A OD1 1 
ATOM   25   O OD2 . ASP A 1 14  ? -4.664  54.410  -16.446 1.00 77.12 ? 7   ASP A OD2 1 
ATOM   26   N N   . LEU A 1 15  ? -4.345  55.237  -12.367 1.00 77.48 ? 8   LEU A N   1 
ATOM   27   C CA  . LEU A 1 15  ? -5.105  54.446  -11.411 1.00 75.98 ? 8   LEU A CA  1 
ATOM   28   C C   . LEU A 1 15  ? -5.570  53.131  -12.027 1.00 76.60 ? 8   LEU A C   1 
ATOM   29   O O   . LEU A 1 15  ? -5.159  52.056  -11.590 1.00 76.73 ? 8   LEU A O   1 
ATOM   30   C CB  . LEU A 1 15  ? -6.309  55.233  -10.895 1.00 76.57 ? 8   LEU A CB  1 
ATOM   31   C CG  . LEU A 1 15  ? -7.186  54.464  -9.908  1.00 77.10 ? 8   LEU A CG  1 
ATOM   32   C CD1 . LEU A 1 15  ? -6.383  54.091  -8.671  1.00 79.88 ? 8   LEU A CD1 1 
ATOM   33   C CD2 . LEU A 1 15  ? -8.413  55.273  -9.529  1.00 82.53 ? 8   LEU A CD2 1 
ATOM   34   N N   . LYS A 1 16  ? -6.421  53.227  -13.044 1.00 75.55 ? 9   LYS A N   1 
ATOM   35   C CA  . LYS A 1 16  ? -6.991  52.050  -13.694 1.00 75.20 ? 9   LYS A CA  1 
ATOM   36   C C   . LYS A 1 16  ? -5.912  51.026  -14.050 1.00 74.74 ? 9   LYS A C   1 
ATOM   37   O O   . LYS A 1 16  ? -6.037  49.841  -13.736 1.00 73.70 ? 9   LYS A O   1 
ATOM   38   C CB  . LYS A 1 16  ? -7.783  52.459  -14.942 1.00 73.12 ? 9   LYS A CB  1 
ATOM   39   C CG  . LYS A 1 16  ? -8.629  51.343  -15.537 1.00 76.50 ? 9   LYS A CG  1 
ATOM   40   C CD  . LYS A 1 16  ? -9.501  51.841  -16.687 1.00 83.09 ? 9   LYS A CD  1 
ATOM   41   C CE  . LYS A 1 16  ? -10.582 52.800  -16.201 1.00 83.47 ? 9   LYS A CE  1 
ATOM   42   N NZ  . LYS A 1 16  ? -11.465 53.273  -17.311 1.00 73.95 ? 9   LYS A NZ  1 
ATOM   43   N N   . SER A 1 17  ? -4.851  51.493  -14.698 1.00 75.38 ? 10  SER A N   1 
ATOM   44   C CA  . SER A 1 17  ? -3.735  50.631  -15.074 1.00 73.52 ? 10  SER A CA  1 
ATOM   45   C C   . SER A 1 17  ? -3.225  49.820  -13.878 1.00 73.44 ? 10  SER A C   1 
ATOM   46   O O   . SER A 1 17  ? -3.167  48.590  -13.926 1.00 73.57 ? 10  SER A O   1 
ATOM   47   C CB  . SER A 1 17  ? -2.602  51.472  -15.673 1.00 74.53 ? 10  SER A CB  1 
ATOM   48   O OG  . SER A 1 17  ? -1.581  50.659  -16.228 1.00 77.02 ? 10  SER A OG  1 
ATOM   49   N N   . THR A 1 18  ? -2.857  50.520  -12.808 1.00 73.76 ? 11  THR A N   1 
ATOM   50   C CA  . THR A 1 18  ? -2.334  49.882  -11.604 1.00 71.36 ? 11  THR A CA  1 
ATOM   51   C C   . THR A 1 18  ? -3.339  48.882  -11.024 1.00 68.73 ? 11  THR A C   1 
ATOM   52   O O   . THR A 1 18  ? -2.965  47.795  -10.571 1.00 68.15 ? 11  THR A O   1 
ATOM   53   C CB  . THR A 1 18  ? -1.951  50.936  -10.536 1.00 72.78 ? 11  THR A CB  1 
ATOM   54   O OG1 . THR A 1 18  ? -1.051  51.896  -11.105 1.00 72.21 ? 11  THR A OG1 1 
ATOM   55   C CG2 . THR A 1 18  ? -1.281  50.276  -9.342  1.00 72.19 ? 11  THR A CG2 1 
ATOM   56   N N   . GLN A 1 19  ? -4.617  49.255  -11.055 1.00 68.22 ? 12  GLN A N   1 
ATOM   57   C CA  . GLN A 1 19  ? -5.689  48.394  -10.564 1.00 67.11 ? 12  GLN A CA  1 
ATOM   58   C C   . GLN A 1 19  ? -5.718  47.078  -11.331 1.00 65.79 ? 12  GLN A C   1 
ATOM   59   O O   . GLN A 1 19  ? -5.819  46.002  -10.742 1.00 67.93 ? 12  GLN A O   1 
ATOM   60   C CB  . GLN A 1 19  ? -7.041  49.096  -10.699 1.00 69.06 ? 12  GLN A CB  1 
ATOM   61   C CG  . GLN A 1 19  ? -8.228  48.269  -10.232 1.00 65.28 ? 12  GLN A CG  1 
ATOM   62   C CD  . GLN A 1 19  ? -8.491  48.412  -8.748  1.00 68.98 ? 12  GLN A CD  1 
ATOM   63   O OE1 . GLN A 1 19  ? -8.112  49.409  -8.135  1.00 71.72 ? 12  GLN A OE1 1 
ATOM   64   N NE2 . GLN A 1 19  ? -9.146  47.416  -8.162  1.00 70.31 ? 12  GLN A NE2 1 
ATOM   65   N N   . GLU A 1 20  ? -5.633  47.168  -12.651 1.00 62.82 ? 13  GLU A N   1 
ATOM   66   C CA  . GLU A 1 20  ? -5.672  45.977  -13.484 1.00 63.93 ? 13  GLU A CA  1 
ATOM   67   C C   . GLU A 1 20  ? -4.407  45.139  -13.293 1.00 66.43 ? 13  GLU A C   1 
ATOM   68   O O   . GLU A 1 20  ? -4.445  43.903  -13.361 1.00 63.84 ? 13  GLU A O   1 
ATOM   69   C CB  . GLU A 1 20  ? -5.886  46.364  -14.949 1.00 67.16 ? 13  GLU A CB  1 
ATOM   70   C CG  . GLU A 1 20  ? -7.252  47.012  -15.199 1.00 70.11 ? 13  GLU A CG  1 
ATOM   71   C CD  . GLU A 1 20  ? -7.404  47.590  -16.598 1.00 70.72 ? 13  GLU A CD  1 
ATOM   72   O OE1 . GLU A 1 20  ? -6.385  47.725  -17.313 1.00 68.11 ? 13  GLU A OE1 1 
ATOM   73   O OE2 . GLU A 1 20  ? -8.550  47.914  -16.980 1.00 70.30 ? 13  GLU A OE2 1 
ATOM   74   N N   . ALA A 1 21  ? -3.290  45.814  -13.034 1.00 65.60 ? 14  ALA A N   1 
ATOM   75   C CA  . ALA A 1 21  ? -2.040  45.123  -12.748 1.00 61.77 ? 14  ALA A CA  1 
ATOM   76   C C   . ALA A 1 21  ? -2.201  44.255  -11.503 1.00 61.16 ? 14  ALA A C   1 
ATOM   77   O O   . ALA A 1 21  ? -1.979  43.037  -11.539 1.00 59.84 ? 14  ALA A O   1 
ATOM   78   C CB  . ALA A 1 21  ? -0.909  46.122  -12.562 1.00 55.95 ? 14  ALA A CB  1 
ATOM   79   N N   . ILE A 1 22  ? -2.606  44.885  -10.404 1.00 59.60 ? 15  ILE A N   1 
ATOM   80   C CA  . ILE A 1 22  ? -2.775  44.171  -9.144  1.00 57.72 ? 15  ILE A CA  1 
ATOM   81   C C   . ILE A 1 22  ? -3.841  43.079  -9.243  1.00 57.82 ? 15  ILE A C   1 
ATOM   82   O O   . ILE A 1 22  ? -3.718  42.023  -8.619  1.00 57.61 ? 15  ILE A O   1 
ATOM   83   C CB  . ILE A 1 22  ? -3.104  45.129  -7.986  1.00 60.19 ? 15  ILE A CB  1 
ATOM   84   C CG1 . ILE A 1 22  ? -4.469  45.781  -8.198  1.00 61.74 ? 15  ILE A CG1 1 
ATOM   85   C CG2 . ILE A 1 22  ? -2.017  46.185  -7.850  1.00 62.63 ? 15  ILE A CG2 1 
ATOM   86   C CD1 . ILE A 1 22  ? -4.820  46.810  -7.142  1.00 71.22 ? 15  ILE A CD1 1 
ATOM   87   N N   . ASN A 1 23  ? -4.884  43.334  -10.026 1.00 58.85 ? 16  ASN A N   1 
ATOM   88   C CA  . ASN A 1 23  ? -5.892  42.312  -10.280 1.00 57.64 ? 16  ASN A CA  1 
ATOM   89   C C   . ASN A 1 23  ? -5.257  41.093  -10.951 1.00 55.27 ? 16  ASN A C   1 
ATOM   90   O O   . ASN A 1 23  ? -5.540  39.944  -10.584 1.00 52.66 ? 16  ASN A O   1 
ATOM   91   C CB  . ASN A 1 23  ? -7.035  42.861  -11.142 1.00 61.15 ? 16  ASN A CB  1 
ATOM   92   C CG  . ASN A 1 23  ? -7.862  43.920  -10.424 1.00 63.57 ? 16  ASN A CG  1 
ATOM   93   O OD1 . ASN A 1 23  ? -7.874  43.992  -9.193  1.00 63.40 ? 16  ASN A OD1 1 
ATOM   94   N ND2 . ASN A 1 23  ? -8.567  44.742  -11.195 1.00 59.20 ? 16  ASN A ND2 1 
ATOM   95   N N   . LYS A 1 24  ? -4.390  41.348  -11.930 1.00 52.39 ? 17  LYS A N   1 
ATOM   96   C CA  . LYS A 1 24  ? -3.692  40.265  -12.612 1.00 52.04 ? 17  LYS A CA  1 
ATOM   97   C C   . LYS A 1 24  ? -2.746  39.495  -11.686 1.00 54.24 ? 17  LYS A C   1 
ATOM   98   O O   . LYS A 1 24  ? -2.613  38.273  -11.808 1.00 52.29 ? 17  LYS A O   1 
ATOM   99   C CB  . LYS A 1 24  ? -2.933  40.765  -13.842 1.00 49.47 ? 17  LYS A CB  1 
ATOM   100  C CG  . LYS A 1 24  ? -1.910  39.761  -14.355 1.00 52.96 ? 17  LYS A CG  1 
ATOM   101  C CD  . LYS A 1 24  ? -1.697  39.870  -15.854 1.00 60.52 ? 17  LYS A CD  1 
ATOM   102  C CE  . LYS A 1 24  ? -0.302  39.393  -16.257 1.00 59.89 ? 17  LYS A CE  1 
ATOM   103  N NZ  . LYS A 1 24  ? -0.014  38.010  -15.795 1.00 54.68 ? 17  LYS A NZ  1 
ATOM   104  N N   . ILE A 1 25  ? -2.091  40.195  -10.763 1.00 50.45 ? 18  ILE A N   1 
ATOM   105  C CA  . ILE A 1 25  ? -1.211  39.511  -9.814  1.00 49.37 ? 18  ILE A CA  1 
ATOM   106  C C   . ILE A 1 25  ? -1.995  38.639  -8.825  1.00 50.44 ? 18  ILE A C   1 
ATOM   107  O O   . ILE A 1 25  ? -1.586  37.513  -8.514  1.00 49.01 ? 18  ILE A O   1 
ATOM   108  C CB  . ILE A 1 25  ? -0.308  40.485  -9.049  1.00 52.82 ? 18  ILE A CB  1 
ATOM   109  C CG1 . ILE A 1 25  ? 0.818   40.986  -9.957  1.00 51.05 ? 18  ILE A CG1 1 
ATOM   110  C CG2 . ILE A 1 25  ? 0.280   39.805  -7.833  1.00 49.47 ? 18  ILE A CG2 1 
ATOM   111  C CD1 . ILE A 1 25  ? 1.681   42.045  -9.323  1.00 49.25 ? 18  ILE A CD1 1 
ATOM   112  N N   . THR A 1 26  ? -3.122  39.157  -8.341  1.00 47.68 ? 19  THR A N   1 
ATOM   113  C CA  . THR A 1 26  ? -3.983  38.385  -7.450  1.00 45.56 ? 19  THR A CA  1 
ATOM   114  C C   . THR A 1 26  ? -4.535  37.145  -8.149  1.00 46.30 ? 19  THR A C   1 
ATOM   115  O O   . THR A 1 26  ? -4.577  36.055  -7.567  1.00 48.41 ? 19  THR A O   1 
ATOM   116  C CB  . THR A 1 26  ? -5.151  39.229  -6.912  1.00 50.97 ? 19  THR A CB  1 
ATOM   117  O OG1 . THR A 1 26  ? -4.642  40.244  -6.037  1.00 54.19 ? 19  THR A OG1 1 
ATOM   118  C CG2 . THR A 1 26  ? -6.128  38.354  -6.140  1.00 51.05 ? 19  THR A CG2 1 
ATOM   119  N N   . LYS A 1 27  ? -4.953  37.314  -9.400  1.00 49.39 ? 20  LYS A N   1 
ATOM   120  C CA  . LYS A 1 27  ? -5.440  36.195  -10.200 1.00 45.89 ? 20  LYS A CA  1 
ATOM   121  C C   . LYS A 1 27  ? -4.336  35.161  -10.451 1.00 43.00 ? 20  LYS A C   1 
ATOM   122  O O   . LYS A 1 27  ? -4.584  33.958  -10.413 1.00 46.32 ? 20  LYS A O   1 
ATOM   123  C CB  . LYS A 1 27  ? -6.012  36.708  -11.524 1.00 49.24 ? 20  LYS A CB  1 
ATOM   124  C CG  . LYS A 1 27  ? -6.626  35.635  -12.410 1.00 51.41 ? 20  LYS A CG  1 
ATOM   125  C CD  . LYS A 1 27  ? -7.309  36.269  -13.615 1.00 59.27 ? 20  LYS A CD  1 
ATOM   126  C CE  . LYS A 1 27  ? -7.820  35.216  -14.591 1.00 64.70 ? 20  LYS A CE  1 
ATOM   127  N NZ  . LYS A 1 27  ? -6.700  34.430  -15.186 1.00 67.51 ? 20  LYS A NZ  1 
ATOM   128  N N   . ASN A 1 28  ? -3.120  35.635  -10.704 1.00 43.82 ? 21  ASN A N   1 
ATOM   129  C CA  . ASN A 1 28  ? -1.965  34.755  -10.852 1.00 43.89 ? 21  ASN A CA  1 
ATOM   130  C C   . ASN A 1 28  ? -1.719  33.946  -9.577  1.00 44.54 ? 21  ASN A C   1 
ATOM   131  O O   . ASN A 1 28  ? -1.407  32.752  -9.630  1.00 43.38 ? 21  ASN A O   1 
ATOM   132  C CB  . ASN A 1 28  ? -0.712  35.566  -11.200 1.00 44.92 ? 21  ASN A CB  1 
ATOM   133  C CG  . ASN A 1 28  ? -0.774  36.185  -12.589 1.00 46.79 ? 21  ASN A CG  1 
ATOM   134  O OD1 . ASN A 1 28  ? -1.514  35.724  -13.458 1.00 45.51 ? 21  ASN A OD1 1 
ATOM   135  N ND2 . ASN A 1 28  ? 0.015   37.230  -12.804 1.00 47.31 ? 21  ASN A ND2 1 
ATOM   136  N N   . LEU A 1 29  ? -1.868  34.609  -8.432  1.00 44.12 ? 22  LEU A N   1 
ATOM   137  C CA  . LEU A 1 29  ? -1.662  33.978  -7.133  1.00 42.77 ? 22  LEU A CA  1 
ATOM   138  C C   . LEU A 1 29  ? -2.704  32.890  -6.852  1.00 42.93 ? 22  LEU A C   1 
ATOM   139  O O   . LEU A 1 29  ? -2.359  31.790  -6.404  1.00 39.81 ? 22  LEU A O   1 
ATOM   140  C CB  . LEU A 1 29  ? -1.670  35.039  -6.026  1.00 43.68 ? 22  LEU A CB  1 
ATOM   141  C CG  . LEU A 1 29  ? -1.339  34.592  -4.600  1.00 43.61 ? 22  LEU A CG  1 
ATOM   142  C CD1 . LEU A 1 29  ? 0.016   33.905  -4.537  1.00 45.33 ? 22  LEU A CD1 1 
ATOM   143  C CD2 . LEU A 1 29  ? -1.365  35.780  -3.667  1.00 44.86 ? 22  LEU A CD2 1 
ATOM   144  N N   . ASN A 1 30  ? -3.975  33.195  -7.113  1.00 41.24 ? 23  ASN A N   1 
ATOM   145  C CA  . ASN A 1 30  ? -5.041  32.206  -6.954  1.00 39.03 ? 23  ASN A CA  1 
ATOM   146  C C   . ASN A 1 30  ? -4.880  31.017  -7.904  1.00 40.86 ? 23  ASN A C   1 
ATOM   147  O O   . ASN A 1 30  ? -5.138  29.859  -7.538  1.00 39.99 ? 23  ASN A O   1 
ATOM   148  C CB  . ASN A 1 30  ? -6.407  32.859  -7.160  1.00 42.55 ? 23  ASN A CB  1 
ATOM   149  C CG  . ASN A 1 30  ? -6.723  33.895  -6.099  1.00 47.87 ? 23  ASN A CG  1 
ATOM   150  O OD1 . ASN A 1 30  ? -6.261  33.795  -4.963  1.00 50.35 ? 23  ASN A OD1 1 
ATOM   151  N ND2 . ASN A 1 30  ? -7.515  34.898  -6.465  1.00 43.25 ? 23  ASN A ND2 1 
ATOM   152  N N   . SER A 1 31  ? -4.451  31.316  -9.126  1.00 40.84 ? 24  SER A N   1 
ATOM   153  C CA  . SER A 1 31  ? -4.198  30.293  -10.134 1.00 40.06 ? 24  SER A CA  1 
ATOM   154  C C   . SER A 1 31  ? -3.119  29.326  -9.643  1.00 41.89 ? 24  SER A C   1 
ATOM   155  O O   . SER A 1 31  ? -3.323  28.099  -9.608  1.00 40.86 ? 24  SER A O   1 
ATOM   156  C CB  . SER A 1 31  ? -3.780  30.954  -11.454 1.00 41.25 ? 24  SER A CB  1 
ATOM   157  O OG  . SER A 1 31  ? -3.457  29.995  -12.449 1.00 47.84 ? 24  SER A OG  1 
ATOM   158  N N   . LEU A 1 32  ? -1.975  29.885  -9.255  1.00 39.99 ? 25  LEU A N   1 
ATOM   159  C CA  . LEU A 1 32  ? -0.880  29.091  -8.706  1.00 39.53 ? 25  LEU A CA  1 
ATOM   160  C C   . LEU A 1 32  ? -1.337  28.276  -7.492  1.00 39.09 ? 25  LEU A C   1 
ATOM   161  O O   . LEU A 1 32  ? -0.958  27.115  -7.329  1.00 37.84 ? 25  LEU A O   1 
ATOM   162  C CB  . LEU A 1 32  ? 0.284   30.004  -8.320  1.00 39.44 ? 25  LEU A CB  1 
ATOM   163  C CG  . LEU A 1 32  ? 1.540   29.324  -7.780  1.00 43.37 ? 25  LEU A CG  1 
ATOM   164  C CD1 . LEU A 1 32  ? 2.104   28.347  -8.802  1.00 43.64 ? 25  LEU A CD1 1 
ATOM   165  C CD2 . LEU A 1 32  ? 2.577   30.367  -7.407  1.00 44.84 ? 25  LEU A CD2 1 
ATOM   166  N N   . SER A 1 33  ? -2.163  28.891  -6.650  1.00 37.72 ? 26  SER A N   1 
ATOM   167  C CA  . SER A 1 33  ? -2.663  28.236  -5.451  1.00 37.30 ? 26  SER A CA  1 
ATOM   168  C C   . SER A 1 33  ? -3.464  26.976  -5.793  1.00 40.08 ? 26  SER A C   1 
ATOM   169  O O   . SER A 1 33  ? -3.205  25.884  -5.265  1.00 41.56 ? 26  SER A O   1 
ATOM   170  C CB  . SER A 1 33  ? -3.522  29.215  -4.651  1.00 39.63 ? 26  SER A CB  1 
ATOM   171  O OG  . SER A 1 33  ? -4.071  28.597  -3.504  1.00 42.08 ? 26  SER A OG  1 
ATOM   172  N N   . GLU A 1 34  ? -4.430  27.120  -6.692  1.00 39.23 ? 27  GLU A N   1 
ATOM   173  C CA  . GLU A 1 34  ? -5.282  25.991  -7.056  1.00 37.48 ? 27  GLU A CA  1 
ATOM   174  C C   . GLU A 1 34  ? -4.542  24.892  -7.842  1.00 36.79 ? 27  GLU A C   1 
ATOM   175  O O   . GLU A 1 34  ? -4.781  23.681  -7.651  1.00 36.40 ? 27  GLU A O   1 
ATOM   176  C CB  . GLU A 1 34  ? -6.531  26.501  -7.777  1.00 43.21 ? 27  GLU A CB  1 
ATOM   177  C CG  . GLU A 1 34  ? -7.326  27.466  -6.893  1.00 49.43 ? 27  GLU A CG  1 
ATOM   178  C CD  . GLU A 1 34  ? -8.488  28.124  -7.601  1.00 58.98 ? 27  GLU A CD  1 
ATOM   179  O OE1 . GLU A 1 34  ? -8.484  29.374  -7.714  1.00 59.12 ? 27  GLU A OE1 1 
ATOM   180  O OE2 . GLU A 1 34  ? -9.414  27.396  -8.025  1.00 59.03 ? 27  GLU A OE2 1 
ATOM   181  N N   . LEU A 1 35  ? -3.620  25.307  -8.703  1.00 34.25 ? 28  LEU A N   1 
ATOM   182  C CA  . LEU A 1 35  ? -2.754  24.340  -9.359  1.00 34.17 ? 28  LEU A CA  1 
ATOM   183  C C   . LEU A 1 35  ? -1.939  23.565  -8.320  1.00 34.00 ? 28  LEU A C   1 
ATOM   184  O O   . LEU A 1 35  ? -1.719  22.355  -8.458  1.00 31.48 ? 28  LEU A O   1 
ATOM   185  C CB  . LEU A 1 35  ? -1.849  25.035  -10.379 1.00 37.54 ? 28  LEU A CB  1 
ATOM   186  C CG  . LEU A 1 35  ? -2.614  25.693  -11.539 1.00 42.39 ? 28  LEU A CG  1 
ATOM   187  C CD1 . LEU A 1 35  ? -1.693  26.499  -12.438 1.00 41.71 ? 28  LEU A CD1 1 
ATOM   188  C CD2 . LEU A 1 35  ? -3.384  24.656  -12.358 1.00 32.98 ? 28  LEU A CD2 1 
ATOM   189  N N   . GLU A 1 36  ? -1.518  24.258  -7.265  1.00 35.07 ? 29  GLU A N   1 
ATOM   190  C CA  . GLU A 1 36  ? -0.709  23.629  -6.224  1.00 34.61 ? 29  GLU A CA  1 
ATOM   191  C C   . GLU A 1 36  ? -1.503  22.600  -5.440  1.00 36.36 ? 29  GLU A C   1 
ATOM   192  O O   . GLU A 1 36  ? -0.997  21.504  -5.143  1.00 36.29 ? 29  GLU A O   1 
ATOM   193  C CB  . GLU A 1 36  ? -0.127  24.666  -5.268  1.00 40.23 ? 29  GLU A CB  1 
ATOM   194  C CG  . GLU A 1 36  ? 1.368   24.535  -5.072  1.00 47.69 ? 29  GLU A CG  1 
ATOM   195  C CD  . GLU A 1 36  ? 1.820   23.085  -4.925  1.00 47.34 ? 29  GLU A CD  1 
ATOM   196  O OE1 . GLU A 1 36  ? 2.147   22.447  -5.952  1.00 47.28 ? 29  GLU A OE1 1 
ATOM   197  O OE2 . GLU A 1 36  ? 1.859   22.585  -3.779  1.00 47.94 ? 29  GLU A OE2 1 
ATOM   198  N N   . VAL A 1 37  ? -2.746  22.937  -5.099  1.00 32.10 ? 30  VAL A N   1 
ATOM   199  C CA  . VAL A 1 37  ? -3.582  21.942  -4.434  1.00 33.76 ? 30  VAL A CA  1 
ATOM   200  C C   . VAL A 1 37  ? -3.816  20.730  -5.344  1.00 32.90 ? 30  VAL A C   1 
ATOM   201  O O   . VAL A 1 37  ? -3.888  19.591  -4.867  1.00 31.01 ? 30  VAL A O   1 
ATOM   202  C CB  . VAL A 1 37  ? -4.924  22.512  -3.903  1.00 37.27 ? 30  VAL A CB  1 
ATOM   203  C CG1 . VAL A 1 37  ? -4.675  23.670  -2.965  1.00 38.55 ? 30  VAL A CG1 1 
ATOM   204  C CG2 . VAL A 1 37  ? -5.814  22.943  -5.035  1.00 41.45 ? 30  VAL A CG2 1 
ATOM   205  N N   . LYS A 1 38  ? -3.915  20.958  -6.651  1.00 31.21 ? 31  LYS A N   1 
ATOM   206  C CA  . LYS A 1 38  ? -4.041  19.815  -7.555  1.00 33.33 ? 31  LYS A CA  1 
ATOM   207  C C   . LYS A 1 38  ? -2.803  18.918  -7.516  1.00 34.60 ? 31  LYS A C   1 
ATOM   208  O O   . LYS A 1 38  ? -2.916  17.677  -7.492  1.00 31.55 ? 31  LYS A O   1 
ATOM   209  C CB  . LYS A 1 38  ? -4.384  20.251  -8.983  1.00 34.81 ? 31  LYS A CB  1 
ATOM   210  C CG  . LYS A 1 38  ? -5.824  20.715  -9.111  1.00 37.26 ? 31  LYS A CG  1 
ATOM   211  C CD  . LYS A 1 38  ? -6.185  21.107  -10.522 1.00 44.39 ? 31  LYS A CD  1 
ATOM   212  C CE  . LYS A 1 38  ? -7.540  21.803  -10.549 1.00 46.80 ? 31  LYS A CE  1 
ATOM   213  N NZ  . LYS A 1 38  ? -8.502  21.166  -9.600  1.00 39.73 ? 31  LYS A NZ  1 
ATOM   214  N N   . ASN A 1 39  ? -1.624  19.538  -7.484  1.00 31.49 ? 32  ASN A N   1 
ATOM   215  C CA  . ASN A 1 39  ? -0.392  18.759  -7.357  1.00 32.70 ? 32  ASN A CA  1 
ATOM   216  C C   . ASN A 1 39  ? -0.370  17.935  -6.068  1.00 31.19 ? 32  ASN A C   1 
ATOM   217  O O   . ASN A 1 39  ? -0.005  16.750  -6.068  1.00 31.62 ? 32  ASN A O   1 
ATOM   218  C CB  . ASN A 1 39  ? 0.844   19.656  -7.459  1.00 33.37 ? 32  ASN A CB  1 
ATOM   219  C CG  . ASN A 1 39  ? 1.082   20.153  -8.872  1.00 34.94 ? 32  ASN A CG  1 
ATOM   220  O OD1 . ASN A 1 39  ? 1.619   21.237  -9.082  1.00 39.11 ? 32  ASN A OD1 1 
ATOM   221  N ND2 . ASN A 1 39  ? 0.664   19.365  -9.848  1.00 33.98 ? 32  ASN A ND2 1 
ATOM   222  N N   . LEU A 1 40  ? -0.792  18.562  -4.977  1.00 32.48 ? 33  LEU A N   1 
ATOM   223  C CA  . LEU A 1 40  ? -0.861  17.874  -3.690  1.00 31.26 ? 33  LEU A CA  1 
ATOM   224  C C   . LEU A 1 40  ? -1.830  16.698  -3.722  1.00 31.25 ? 33  LEU A C   1 
ATOM   225  O O   . LEU A 1 40  ? -1.572  15.658  -3.125  1.00 30.42 ? 33  LEU A O   1 
ATOM   226  C CB  . LEU A 1 40  ? -1.253  18.848  -2.579  1.00 30.01 ? 33  LEU A CB  1 
ATOM   227  C CG  . LEU A 1 40  ? -0.269  20.009  -2.439  1.00 38.91 ? 33  LEU A CG  1 
ATOM   228  C CD1 . LEU A 1 40  ? -0.829  21.098  -1.535  1.00 40.26 ? 33  LEU A CD1 1 
ATOM   229  C CD2 . LEU A 1 40  ? 1.082   19.505  -1.940  1.00 36.66 ? 33  LEU A CD2 1 
ATOM   230  N N   . GLN A 1 41  ? -2.949  16.861  -4.416  1.00 31.70 ? 34  GLN A N   1 
ATOM   231  C CA  . GLN A 1 41  ? -3.947  15.799  -4.471  1.00 29.79 ? 34  GLN A CA  1 
ATOM   232  C C   . GLN A 1 41  ? -3.478  14.636  -5.327  1.00 30.59 ? 34  GLN A C   1 
ATOM   233  O O   . GLN A 1 41  ? -3.822  13.483  -5.057  1.00 33.38 ? 34  GLN A O   1 
ATOM   234  C CB  . GLN A 1 41  ? -5.271  16.334  -5.001  1.00 33.16 ? 34  GLN A CB  1 
ATOM   235  C CG  . GLN A 1 41  ? -5.941  17.322  -4.081  1.00 29.35 ? 34  GLN A CG  1 
ATOM   236  C CD  . GLN A 1 41  ? -7.114  17.995  -4.746  1.00 32.22 ? 34  GLN A CD  1 
ATOM   237  O OE1 . GLN A 1 41  ? -7.112  18.219  -5.959  1.00 32.14 ? 34  GLN A OE1 1 
ATOM   238  N NE2 . GLN A 1 41  ? -8.131  18.314  -3.961  1.00 30.87 ? 34  GLN A NE2 1 
ATOM   239  N N   . ARG A 1 42  ? -2.695  14.933  -6.361  1.00 30.65 ? 35  ARG A N   1 
ATOM   240  C CA  . ARG A 1 42  ? -2.120  13.871  -7.179  1.00 29.27 ? 35  ARG A CA  1 
ATOM   241  C C   . ARG A 1 42  ? -1.097  13.061  -6.371  1.00 31.69 ? 35  ARG A C   1 
ATOM   242  O O   . ARG A 1 42  ? -1.148  11.816  -6.328  1.00 30.71 ? 35  ARG A O   1 
ATOM   243  C CB  . ARG A 1 42  ? -1.481  14.448  -8.442  1.00 33.66 ? 35  ARG A CB  1 
ATOM   244  C CG  . ARG A 1 42  ? -1.039  13.388  -9.427  1.00 42.64 ? 35  ARG A CG  1 
ATOM   245  C CD  . ARG A 1 42  ? -0.182  13.974  -10.522 1.00 42.07 ? 35  ARG A CD  1 
ATOM   246  N NE  . ARG A 1 42  ? -0.882  15.042  -11.234 1.00 56.37 ? 35  ARG A NE  1 
ATOM   247  C CZ  . ARG A 1 42  ? -1.701  14.837  -12.261 1.00 60.89 ? 35  ARG A CZ  1 
ATOM   248  N NH1 . ARG A 1 42  ? -1.925  13.601  -12.699 1.00 58.93 ? 35  ARG A NH1 1 
ATOM   249  N NH2 . ARG A 1 42  ? -2.297  15.867  -12.850 1.00 57.31 ? 35  ARG A NH2 1 
ATOM   250  N N   . LEU A 1 43  ? -0.173  13.770  -5.720  1.00 32.83 ? 36  LEU A N   1 
ATOM   251  C CA  . LEU A 1 43  ? 0.775   13.105  -4.824  1.00 33.13 ? 36  LEU A CA  1 
ATOM   252  C C   . LEU A 1 43  ? 0.051   12.270  -3.767  1.00 33.47 ? 36  LEU A C   1 
ATOM   253  O O   . LEU A 1 43  ? 0.426   11.132  -3.488  1.00 33.01 ? 36  LEU A O   1 
ATOM   254  C CB  . LEU A 1 43  ? 1.714   14.116  -4.165  1.00 32.28 ? 36  LEU A CB  1 
ATOM   255  C CG  . LEU A 1 43  ? 2.922   14.506  -5.022  1.00 37.36 ? 36  LEU A CG  1 
ATOM   256  C CD1 . LEU A 1 43  ? 3.779   15.555  -4.328  1.00 36.19 ? 36  LEU A CD1 1 
ATOM   257  C CD2 . LEU A 1 43  ? 3.749   13.268  -5.357  1.00 34.90 ? 36  LEU A CD2 1 
ATOM   258  N N   . SER A 1 44  ? -1.001  12.844  -3.195  1.00 31.99 ? 37  SER A N   1 
ATOM   259  C CA  . SER A 1 44  ? -1.820  12.160  -2.201  1.00 36.08 ? 37  SER A CA  1 
ATOM   260  C C   . SER A 1 44  ? -2.413  10.853  -2.744  1.00 37.42 ? 37  SER A C   1 
ATOM   261  O O   . SER A 1 44  ? -2.365  9.814   -2.079  1.00 37.49 ? 37  SER A O   1 
ATOM   262  C CB  . SER A 1 44  ? -2.929  13.090  -1.704  1.00 37.77 ? 37  SER A CB  1 
ATOM   263  O OG  . SER A 1 44  ? -3.761  12.439  -0.763  1.00 48.49 ? 37  SER A OG  1 
ATOM   264  N N   . GLY A 1 45  ? -2.970  10.909  -3.950  1.00 34.59 ? 38  GLY A N   1 
ATOM   265  C CA  . GLY A 1 45  ? -3.482  9.712   -4.590  1.00 33.02 ? 38  GLY A CA  1 
ATOM   266  C C   . GLY A 1 45  ? -2.419  8.633   -4.703  1.00 36.35 ? 38  GLY A C   1 
ATOM   267  O O   . GLY A 1 45  ? -2.660  7.458   -4.373  1.00 36.25 ? 38  GLY A O   1 
ATOM   268  N N   . ALA A 1 46  ? -1.235  9.023   -5.172  1.00 35.96 ? 39  ALA A N   1 
ATOM   269  C CA  . ALA A 1 46  ? -0.130  8.068   -5.283  1.00 35.71 ? 39  ALA A CA  1 
ATOM   270  C C   . ALA A 1 46  ? 0.251   7.473   -3.919  1.00 35.85 ? 39  ALA A C   1 
ATOM   271  O O   . ALA A 1 46  ? 0.576   6.284   -3.806  1.00 38.01 ? 39  ALA A O   1 
ATOM   272  C CB  . ALA A 1 46  ? 1.073   8.722   -5.953  1.00 39.22 ? 39  ALA A CB  1 
ATOM   273  N N   . MET A 1 47  ? 0.191   8.304   -2.884  1.00 38.20 ? 40  MET A N   1 
ATOM   274  C CA  . MET A 1 47  ? 0.473   7.863   -1.519  1.00 38.66 ? 40  MET A CA  1 
ATOM   275  C C   . MET A 1 47  ? -0.506  6.771   -1.107  1.00 38.62 ? 40  MET A C   1 
ATOM   276  O O   . MET A 1 47  ? -0.113  5.723   -0.578  1.00 39.72 ? 40  MET A O   1 
ATOM   277  C CB  . MET A 1 47  ? 0.348   9.039   -0.556  1.00 39.58 ? 40  MET A CB  1 
ATOM   278  C CG  . MET A 1 47  ? 1.215   8.940   0.678   1.00 48.50 ? 40  MET A CG  1 
ATOM   279  S SD  . MET A 1 47  ? 2.905   9.482   0.350   1.00 62.95 ? 40  MET A SD  1 
ATOM   280  C CE  . MET A 1 47  ? 2.621   11.184  -0.142  1.00 47.17 ? 40  MET A CE  1 
ATOM   281  N N   . ASP A 1 48  ? -1.790  7.021   -1.341  1.00 36.91 ? 41  ASP A N   1 
ATOM   282  C CA  . ASP A 1 48  ? -2.811  6.027   -1.036  1.00 41.01 ? 41  ASP A CA  1 
ATOM   283  C C   . ASP A 1 48  ? -2.584  4.722   -1.797  1.00 41.45 ? 41  ASP A C   1 
ATOM   284  O O   . ASP A 1 48  ? -2.801  3.633   -1.253  1.00 40.86 ? 41  ASP A O   1 
ATOM   285  C CB  . ASP A 1 48  ? -4.207  6.568   -1.335  1.00 41.42 ? 41  ASP A CB  1 
ATOM   286  C CG  . ASP A 1 48  ? -4.635  7.639   -0.360  1.00 45.70 ? 41  ASP A CG  1 
ATOM   287  O OD1 . ASP A 1 48  ? -3.979  7.777   0.695   1.00 52.01 ? 41  ASP A OD1 1 
ATOM   288  O OD2 . ASP A 1 48  ? -5.632  8.338   -0.644  1.00 52.18 ? 41  ASP A OD2 1 
ATOM   289  N N   . GLU A 1 49  ? -2.163  4.826   -3.056  1.00 36.45 ? 42  GLU A N   1 
ATOM   290  C CA  . GLU A 1 49  ? -1.859  3.622   -3.818  1.00 39.48 ? 42  GLU A CA  1 
ATOM   291  C C   . GLU A 1 49  ? -0.761  2.818   -3.119  1.00 41.47 ? 42  GLU A C   1 
ATOM   292  O O   . GLU A 1 49  ? -0.942  1.630   -2.813  1.00 41.26 ? 42  GLU A O   1 
ATOM   293  C CB  . GLU A 1 49  ? -1.457  3.955   -5.257  1.00 41.29 ? 42  GLU A CB  1 
ATOM   294  C CG  . GLU A 1 49  ? -1.142  2.717   -6.092  1.00 49.79 ? 42  GLU A CG  1 
ATOM   295  C CD  . GLU A 1 49  ? -0.936  3.022   -7.572  1.00 58.56 ? 42  GLU A CD  1 
ATOM   296  O OE1 . GLU A 1 49  ? -1.601  3.941   -8.098  1.00 56.70 ? 42  GLU A OE1 1 
ATOM   297  O OE2 . GLU A 1 49  ? -0.104  2.341   -8.212  1.00 62.32 ? 42  GLU A OE2 1 
ATOM   298  N N   . LEU A 1 50  ? 0.371   3.467   -2.851  1.00 40.64 ? 43  LEU A N   1 
ATOM   299  C CA  . LEU A 1 50  ? 1.444   2.810   -2.103  1.00 38.79 ? 43  LEU A CA  1 
ATOM   300  C C   . LEU A 1 50  ? 0.896   2.112   -0.852  1.00 38.69 ? 43  LEU A C   1 
ATOM   301  O O   . LEU A 1 50  ? 1.227   0.952   -0.576  1.00 39.96 ? 43  LEU A O   1 
ATOM   302  C CB  . LEU A 1 50  ? 2.541   3.808   -1.712  1.00 36.75 ? 43  LEU A CB  1 
ATOM   303  C CG  . LEU A 1 50  ? 3.328   4.519   -2.815  1.00 38.07 ? 43  LEU A CG  1 
ATOM   304  C CD1 . LEU A 1 50  ? 4.390   5.429   -2.209  1.00 42.60 ? 43  LEU A CD1 1 
ATOM   305  C CD2 . LEU A 1 50  ? 3.962   3.526   -3.768  1.00 40.34 ? 43  LEU A CD2 1 
ATOM   306  N N   . HIS A 1 51  ? 0.051   2.822   -0.107  1.00 38.06 ? 44  HIS A N   1 
ATOM   307  C CA  . HIS A 1 51  ? -0.539  2.285   1.123   1.00 39.83 ? 44  HIS A CA  1 
ATOM   308  C C   . HIS A 1 51  ? -1.307  0.981   0.868   1.00 42.83 ? 44  HIS A C   1 
ATOM   309  O O   . HIS A 1 51  ? -1.121  -0.028  1.576   1.00 42.44 ? 44  HIS A O   1 
ATOM   310  C CB  . HIS A 1 51  ? -1.448  3.337   1.767   1.00 43.54 ? 44  HIS A CB  1 
ATOM   311  C CG  . HIS A 1 51  ? -1.959  2.954   3.121   1.00 50.20 ? 44  HIS A CG  1 
ATOM   312  N ND1 . HIS A 1 51  ? -3.304  2.801   3.392   1.00 49.42 ? 44  HIS A ND1 1 
ATOM   313  C CD2 . HIS A 1 51  ? -1.310  2.700   4.281   1.00 53.05 ? 44  HIS A CD2 1 
ATOM   314  C CE1 . HIS A 1 51  ? -3.458  2.465   4.661   1.00 52.48 ? 44  HIS A CE1 1 
ATOM   315  N NE2 . HIS A 1 51  ? -2.263  2.399   5.224   1.00 51.66 ? 44  HIS A NE2 1 
ATOM   316  N N   . ASN A 1 52  ? -2.159  0.994   -0.154  1.00 39.12 ? 45  ASN A N   1 
ATOM   317  C CA  . ASN A 1 52  ? -2.905  -0.208  -0.513  1.00 43.05 ? 45  ASN A CA  1 
ATOM   318  C C   . ASN A 1 52  ? -1.987  -1.381  -0.885  1.00 43.25 ? 45  ASN A C   1 
ATOM   319  O O   . ASN A 1 52  ? -2.187  -2.514  -0.424  1.00 41.56 ? 45  ASN A O   1 
ATOM   320  C CB  . ASN A 1 52  ? -3.903  0.084   -1.637  1.00 42.73 ? 45  ASN A CB  1 
ATOM   321  C CG  . ASN A 1 52  ? -4.988  1.063   -1.215  1.00 51.33 ? 45  ASN A CG  1 
ATOM   322  O OD1 . ASN A 1 52  ? -5.279  1.214   -0.029  1.00 50.59 ? 45  ASN A OD1 1 
ATOM   323  N ND2 . ASN A 1 52  ? -5.596  1.730   -2.189  1.00 51.57 ? 45  ASN A ND2 1 
ATOM   324  N N   . GLU A 1 53  ? -0.980  -1.105  -1.710  1.00 39.69 ? 46  GLU A N   1 
ATOM   325  C CA  . GLU A 1 53  ? -0.019  -2.138  -2.083  1.00 42.61 ? 46  GLU A CA  1 
ATOM   326  C C   . GLU A 1 53  ? 0.621   -2.750  -0.833  1.00 42.48 ? 46  GLU A C   1 
ATOM   327  O O   . GLU A 1 53  ? 0.767   -3.968  -0.730  1.00 42.57 ? 46  GLU A O   1 
ATOM   328  C CB  . GLU A 1 53  ? 1.059   -1.577  -3.016  1.00 44.78 ? 46  GLU A CB  1 
ATOM   329  C CG  . GLU A 1 53  ? 0.526   -1.048  -4.344  1.00 50.68 ? 46  GLU A CG  1 
ATOM   330  C CD  . GLU A 1 53  ? 1.612   -0.442  -5.235  1.00 53.42 ? 46  GLU A CD  1 
ATOM   331  O OE1 . GLU A 1 53  ? 2.760   -0.253  -4.771  1.00 48.75 ? 46  GLU A OE1 1 
ATOM   332  O OE2 . GLU A 1 53  ? 1.313   -0.147  -6.411  1.00 60.05 ? 46  GLU A OE2 1 
ATOM   333  N N   . ILE A 1 54  ? 0.989   -1.901  0.119   1.00 42.18 ? 47  ILE A N   1 
ATOM   334  C CA  . ILE A 1 54  ? 1.598   -2.376  1.360   1.00 40.20 ? 47  ILE A CA  1 
ATOM   335  C C   . ILE A 1 54  ? 0.667   -3.289  2.166   1.00 42.28 ? 47  ILE A C   1 
ATOM   336  O O   . ILE A 1 54  ? 1.084   -4.358  2.626   1.00 41.08 ? 47  ILE A O   1 
ATOM   337  C CB  . ILE A 1 54  ? 2.083   -1.202  2.233   1.00 39.76 ? 47  ILE A CB  1 
ATOM   338  C CG1 . ILE A 1 54  ? 3.267   -0.501  1.560   1.00 38.26 ? 47  ILE A CG1 1 
ATOM   339  C CG2 . ILE A 1 54  ? 2.474   -1.691  3.614   1.00 41.82 ? 47  ILE A CG2 1 
ATOM   340  C CD1 . ILE A 1 54  ? 3.671   0.797   2.228   1.00 39.03 ? 47  ILE A CD1 1 
ATOM   341  N N   . LEU A 1 55  ? -0.589  -2.871  2.339   1.00 45.49 ? 48  LEU A N   1 
ATOM   342  C CA  . LEU A 1 55  ? -1.563  -3.694  3.069   1.00 44.33 ? 48  LEU A CA  1 
ATOM   343  C C   . LEU A 1 55  ? -1.743  -5.065  2.411   1.00 43.71 ? 48  LEU A C   1 
ATOM   344  O O   . LEU A 1 55  ? -1.804  -6.108  3.084   1.00 44.24 ? 48  LEU A O   1 
ATOM   345  C CB  . LEU A 1 55  ? -2.918  -2.984  3.164   1.00 45.75 ? 48  LEU A CB  1 
ATOM   346  C CG  . LEU A 1 55  ? -3.027  -1.699  3.991   1.00 49.88 ? 48  LEU A CG  1 
ATOM   347  C CD1 . LEU A 1 55  ? -4.419  -1.088  3.859   1.00 43.57 ? 48  LEU A CD1 1 
ATOM   348  C CD2 . LEU A 1 55  ? -2.697  -1.961  5.452   1.00 53.00 ? 48  LEU A CD2 1 
ATOM   349  N N   . GLU A 1 56  ? -1.821  -5.056  1.083   1.00 46.00 ? 49  GLU A N   1 
ATOM   350  C CA  . GLU A 1 56  ? -2.006  -6.289  0.329   1.00 49.17 ? 49  GLU A CA  1 
ATOM   351  C C   . GLU A 1 56  ? -0.801  -7.224  0.418   1.00 45.99 ? 49  GLU A C   1 
ATOM   352  O O   . GLU A 1 56  ? -0.953  -8.445  0.525   1.00 44.16 ? 49  GLU A O   1 
ATOM   353  C CB  . GLU A 1 56  ? -2.355  -5.968  -1.119  1.00 52.83 ? 49  GLU A CB  1 
ATOM   354  C CG  . GLU A 1 56  ? -3.756  -5.399  -1.256  1.00 60.95 ? 49  GLU A CG  1 
ATOM   355  C CD  . GLU A 1 56  ? -4.036  -4.844  -2.632  1.00 67.36 ? 49  GLU A CD  1 
ATOM   356  O OE1 . GLU A 1 56  ? -3.132  -4.903  -3.488  1.00 65.97 ? 49  GLU A OE1 1 
ATOM   357  O OE2 . GLU A 1 56  ? -5.158  -4.346  -2.850  1.00 68.46 ? 49  GLU A OE2 1 
ATOM   358  N N   . LEU A 1 57  ? 0.394   -6.648  0.382   1.00 42.48 ? 50  LEU A N   1 
ATOM   359  C CA  . LEU A 1 57  ? 1.612   -7.424  0.564   1.00 42.37 ? 50  LEU A CA  1 
ATOM   360  C C   . LEU A 1 57  ? 1.645   -8.062  1.955   1.00 40.13 ? 50  LEU A C   1 
ATOM   361  O O   . LEU A 1 57  ? 2.002   -9.235  2.104   1.00 38.90 ? 50  LEU A O   1 
ATOM   362  C CB  . LEU A 1 57  ? 2.837   -6.539  0.342   1.00 41.89 ? 50  LEU A CB  1 
ATOM   363  C CG  . LEU A 1 57  ? 4.198   -7.226  0.285   1.00 43.86 ? 50  LEU A CG  1 
ATOM   364  C CD1 . LEU A 1 57  ? 4.115   -8.530  -0.510  1.00 41.23 ? 50  LEU A CD1 1 
ATOM   365  C CD2 . LEU A 1 57  ? 5.206   -6.274  -0.336  1.00 40.50 ? 50  LEU A CD2 1 
ATOM   366  N N   . ASP A 1 58  ? 1.262   -7.293  2.969   1.00 38.81 ? 51  ASP A N   1 
ATOM   367  C CA  . ASP A 1 58  ? 1.175   -7.821  4.329   1.00 39.80 ? 51  ASP A CA  1 
ATOM   368  C C   . ASP A 1 58  ? 0.247   -9.036  4.395   1.00 44.86 ? 51  ASP A C   1 
ATOM   369  O O   . ASP A 1 58  ? 0.582   -10.077 4.987   1.00 44.66 ? 51  ASP A O   1 
ATOM   370  C CB  . ASP A 1 58  ? 0.674   -6.742  5.286   1.00 42.06 ? 51  ASP A CB  1 
ATOM   371  C CG  . ASP A 1 58  ? 0.879   -7.111  6.737   1.00 49.15 ? 51  ASP A CG  1 
ATOM   372  O OD1 . ASP A 1 58  ? -0.032  -6.853  7.550   1.00 52.90 ? 51  ASP A OD1 1 
ATOM   373  O OD2 . ASP A 1 58  ? 1.954   -7.656  7.070   1.00 51.40 ? 51  ASP A OD2 1 
ATOM   374  N N   . GLU A 1 59  ? -0.928  -8.903  3.787   1.00 45.42 ? 52  GLU A N   1 
ATOM   375  C CA  . GLU A 1 59  ? -1.882  -10.005 3.769   1.00 46.68 ? 52  GLU A CA  1 
ATOM   376  C C   . GLU A 1 59  ? -1.293  -11.224 3.064   1.00 44.93 ? 52  GLU A C   1 
ATOM   377  O O   . GLU A 1 59  ? -1.516  -12.380 3.467   1.00 43.74 ? 52  GLU A O   1 
ATOM   378  C CB  . GLU A 1 59  ? -3.165  -9.576  3.065   1.00 53.21 ? 52  GLU A CB  1 
ATOM   379  C CG  . GLU A 1 59  ? -3.875  -8.405  3.709   1.00 60.29 ? 52  GLU A CG  1 
ATOM   380  C CD  . GLU A 1 59  ? -4.530  -8.772  5.021   1.00 68.33 ? 52  GLU A CD  1 
ATOM   381  O OE1 . GLU A 1 59  ? -3.979  -9.629  5.746   1.00 65.40 ? 52  GLU A OE1 1 
ATOM   382  O OE2 . GLU A 1 59  ? -5.604  -8.204  5.321   1.00 73.55 ? 52  GLU A OE2 1 
ATOM   383  N N   . LYS A 1 60  ? -0.543  -10.950 2.004   1.00 39.22 ? 53  LYS A N   1 
ATOM   384  C CA  . LYS A 1 60  ? 0.108   -11.989 1.224   1.00 38.49 ? 53  LYS A CA  1 
ATOM   385  C C   . LYS A 1 60  ? 1.077   -12.784 2.102   1.00 38.06 ? 53  LYS A C   1 
ATOM   386  O O   . LYS A 1 60  ? 1.114   -14.018 2.056   1.00 34.36 ? 53  LYS A O   1 
ATOM   387  C CB  . LYS A 1 60  ? 0.844   -11.348 0.050   1.00 36.07 ? 53  LYS A CB  1 
ATOM   388  C CG  . LYS A 1 60  ? 1.281   -12.314 -1.020  1.00 42.55 ? 53  LYS A CG  1 
ATOM   389  C CD  . LYS A 1 60  ? 2.089   -11.604 -2.081  1.00 41.30 ? 53  LYS A CD  1 
ATOM   390  C CE  . LYS A 1 60  ? 2.767   -12.595 -2.998  1.00 37.97 ? 53  LYS A CE  1 
ATOM   391  N NZ  . LYS A 1 60  ? 3.844   -11.937 -3.769  1.00 40.98 ? 53  LYS A NZ  1 
ATOM   392  N N   . VAL A 1 61  ? 1.844   -12.059 2.913   1.00 38.69 ? 54  VAL A N   1 
ATOM   393  C CA  . VAL A 1 61  ? 2.778   -12.661 3.865   1.00 39.33 ? 54  VAL A CA  1 
ATOM   394  C C   . VAL A 1 61  ? 2.070   -13.515 4.925   1.00 37.63 ? 54  VAL A C   1 
ATOM   395  O O   . VAL A 1 61  ? 2.515   -14.627 5.242   1.00 36.41 ? 54  VAL A O   1 
ATOM   396  C CB  . VAL A 1 61  ? 3.620   -11.579 4.562   1.00 38.66 ? 54  VAL A CB  1 
ATOM   397  C CG1 . VAL A 1 61  ? 4.575   -12.212 5.553   1.00 35.31 ? 54  VAL A CG1 1 
ATOM   398  C CG2 . VAL A 1 61  ? 4.373   -10.746 3.528   1.00 38.69 ? 54  VAL A CG2 1 
ATOM   399  N N   . ASP A 1 62  ? 0.970   -12.990 5.465   1.00 38.58 ? 55  ASP A N   1 
ATOM   400  C CA  . ASP A 1 62  ? 0.139   -13.757 6.395   1.00 40.66 ? 55  ASP A CA  1 
ATOM   401  C C   . ASP A 1 62  ? -0.280  -15.099 5.785   1.00 41.68 ? 55  ASP A C   1 
ATOM   402  O O   . ASP A 1 62  ? -0.098  -16.170 6.389   1.00 42.98 ? 55  ASP A O   1 
ATOM   403  C CB  . ASP A 1 62  ? -1.117  -12.963 6.780   1.00 45.34 ? 55  ASP A CB  1 
ATOM   404  C CG  . ASP A 1 62  ? -0.837  -11.862 7.794   1.00 46.46 ? 55  ASP A CG  1 
ATOM   405  O OD1 . ASP A 1 62  ? 0.207   -11.915 8.478   1.00 43.74 ? 55  ASP A OD1 1 
ATOM   406  O OD2 . ASP A 1 62  ? -1.675  -10.944 7.915   1.00 50.93 ? 55  ASP A OD2 1 
ATOM   407  N N   . ASP A 1 63  ? -0.836  -15.037 4.581   1.00 37.74 ? 56  ASP A N   1 
ATOM   408  C CA  . ASP A 1 63  ? -1.346  -16.240 3.937   1.00 39.83 ? 56  ASP A CA  1 
ATOM   409  C C   . ASP A 1 63  ? -0.253  -17.237 3.543   1.00 41.10 ? 56  ASP A C   1 
ATOM   410  O O   . ASP A 1 63  ? -0.492  -18.448 3.526   1.00 38.89 ? 56  ASP A O   1 
ATOM   411  C CB  . ASP A 1 63  ? -2.215  -15.873 2.737   1.00 48.03 ? 56  ASP A CB  1 
ATOM   412  C CG  . ASP A 1 63  ? -3.457  -15.105 3.142   1.00 56.62 ? 56  ASP A CG  1 
ATOM   413  O OD1 . ASP A 1 63  ? -3.998  -14.363 2.303   1.00 62.23 ? 56  ASP A OD1 1 
ATOM   414  O OD2 . ASP A 1 63  ? -3.889  -15.236 4.308   1.00 58.54 ? 56  ASP A OD2 1 
ATOM   415  N N   . LEU A 1 64  ? 0.938   -16.739 3.223   1.00 36.72 ? 57  LEU A N   1 
ATOM   416  C CA  . LEU A 1 64  ? 2.061   -17.632 2.968   1.00 34.76 ? 57  LEU A CA  1 
ATOM   417  C C   . LEU A 1 64  ? 2.429   -18.358 4.269   1.00 36.43 ? 57  LEU A C   1 
ATOM   418  O O   . LEU A 1 64  ? 2.654   -19.576 4.278   1.00 33.01 ? 57  LEU A O   1 
ATOM   419  C CB  . LEU A 1 64  ? 3.261   -16.848 2.435   1.00 36.34 ? 57  LEU A CB  1 
ATOM   420  C CG  . LEU A 1 64  ? 4.434   -17.603 1.786   1.00 35.71 ? 57  LEU A CG  1 
ATOM   421  C CD1 . LEU A 1 64  ? 5.766   -17.087 2.307   1.00 29.34 ? 57  LEU A CD1 1 
ATOM   422  C CD2 . LEU A 1 64  ? 4.339   -19.114 1.943   1.00 32.31 ? 57  LEU A CD2 1 
ATOM   423  N N   . ARG A 1 65  ? 2.492   -17.604 5.365   1.00 36.89 ? 58  ARG A N   1 
ATOM   424  C CA  . ARG A 1 65  ? 2.729   -18.211 6.672   1.00 37.82 ? 58  ARG A CA  1 
ATOM   425  C C   . ARG A 1 65  ? 1.754   -19.365 6.907   1.00 36.89 ? 58  ARG A C   1 
ATOM   426  O O   . ARG A 1 65  ? 2.163   -20.490 7.227   1.00 33.79 ? 58  ARG A O   1 
ATOM   427  C CB  . ARG A 1 65  ? 2.587   -17.172 7.795   1.00 37.78 ? 58  ARG A CB  1 
ATOM   428  C CG  . ARG A 1 65  ? 2.676   -17.773 9.196   1.00 39.33 ? 58  ARG A CG  1 
ATOM   429  C CD  . ARG A 1 65  ? 2.775   -16.711 10.288  1.00 41.20 ? 58  ARG A CD  1 
ATOM   430  N NE  . ARG A 1 65  ? 4.111   -16.125 10.402  1.00 40.17 ? 58  ARG A NE  1 
ATOM   431  C CZ  . ARG A 1 65  ? 5.128   -16.684 11.056  1.00 41.80 ? 58  ARG A CZ  1 
ATOM   432  N NH1 . ARG A 1 65  ? 4.977   -17.860 11.652  1.00 42.19 ? 58  ARG A NH1 1 
ATOM   433  N NH2 . ARG A 1 65  ? 6.301   -16.069 11.107  1.00 40.05 ? 58  ARG A NH2 1 
ATOM   434  N N   . ALA A 1 66  ? 0.465   -19.080 6.736   1.00 35.84 ? 59  ALA A N   1 
ATOM   435  C CA  . ALA A 1 66  ? -0.573  -20.097 6.916   1.00 40.90 ? 59  ALA A CA  1 
ATOM   436  C C   . ALA A 1 66  ? -0.396  -21.321 6.000   1.00 38.96 ? 59  ALA A C   1 
ATOM   437  O O   . ALA A 1 66  ? -0.531  -22.465 6.451   1.00 36.08 ? 59  ALA A O   1 
ATOM   438  C CB  . ALA A 1 66  ? -1.953  -19.481 6.734   1.00 46.23 ? 59  ALA A CB  1 
ATOM   439  N N   . ASP A 1 67  ? -0.103  -21.075 4.723   1.00 33.89 ? 60  ASP A N   1 
ATOM   440  C CA  . ASP A 1 67  ? 0.191   -22.144 3.767   1.00 34.17 ? 60  ASP A CA  1 
ATOM   441  C C   . ASP A 1 67  ? 1.299   -23.086 4.271   1.00 33.03 ? 60  ASP A C   1 
ATOM   442  O O   . ASP A 1 67  ? 1.075   -24.286 4.518   1.00 34.54 ? 60  ASP A O   1 
ATOM   443  C CB  . ASP A 1 67  ? 0.617   -21.548 2.414   1.00 36.34 ? 60  ASP A CB  1 
ATOM   444  C CG  . ASP A 1 67  ? -0.558  -21.029 1.588   1.00 40.93 ? 60  ASP A CG  1 
ATOM   445  O OD1 . ASP A 1 67  ? -1.684  -20.931 2.118   1.00 45.52 ? 60  ASP A OD1 1 
ATOM   446  O OD2 . ASP A 1 67  ? -0.351  -20.705 0.398   1.00 44.08 ? 60  ASP A OD2 1 
ATOM   447  N N   . THR A 1 68  ? 2.500   -22.538 4.431   1.00 32.26 ? 61  THR A N   1 
ATOM   448  C CA  . THR A 1 68  ? 3.657   -23.365 4.754   1.00 29.26 ? 61  THR A CA  1 
ATOM   449  C C   . THR A 1 68  ? 3.554   -24.049 6.127   1.00 31.60 ? 61  THR A C   1 
ATOM   450  O O   . THR A 1 68  ? 3.842   -25.248 6.254   1.00 31.98 ? 61  THR A O   1 
ATOM   451  C CB  . THR A 1 68  ? 4.984   -22.575 4.613   1.00 29.81 ? 61  THR A CB  1 
ATOM   452  O OG1 . THR A 1 68  ? 6.095   -23.464 4.789   1.00 30.11 ? 61  THR A OG1 1 
ATOM   453  C CG2 . THR A 1 68  ? 5.067   -21.444 5.631   1.00 29.17 ? 61  THR A CG2 1 
ATOM   454  N N   . ILE A 1 69  ? 3.132   -23.301 7.149   1.00 32.95 ? 62  ILE A N   1 
ATOM   455  C CA  . ILE A 1 69  ? 2.996   -23.872 8.491   1.00 31.54 ? 62  ILE A CA  1 
ATOM   456  C C   . ILE A 1 69  ? 1.902   -24.942 8.542   1.00 32.19 ? 62  ILE A C   1 
ATOM   457  O O   . ILE A 1 69  ? 2.057   -25.985 9.196   1.00 30.83 ? 62  ILE A O   1 
ATOM   458  C CB  . ILE A 1 69  ? 2.720   -22.793 9.562   1.00 31.29 ? 62  ILE A CB  1 
ATOM   459  C CG1 . ILE A 1 69  ? 3.814   -21.726 9.539   1.00 30.74 ? 62  ILE A CG1 1 
ATOM   460  C CG2 . ILE A 1 69  ? 2.622   -23.423 10.940  1.00 29.46 ? 62  ILE A CG2 1 
ATOM   461  C CD1 . ILE A 1 69  ? 5.213   -22.267 9.766   1.00 28.84 ? 62  ILE A CD1 1 
ATOM   462  N N   . SER A 1 70  ? 0.800   -24.686 7.847   1.00 32.82 ? 63  SER A N   1 
ATOM   463  C CA  . SER A 1 70  ? -0.276  -25.672 7.762   1.00 35.58 ? 63  SER A CA  1 
ATOM   464  C C   . SER A 1 70  ? 0.228   -26.982 7.173   1.00 32.34 ? 63  SER A C   1 
ATOM   465  O O   . SER A 1 70  ? -0.016  -28.057 7.726   1.00 34.59 ? 63  SER A O   1 
ATOM   466  C CB  . SER A 1 70  ? -1.438  -25.142 6.914   1.00 39.24 ? 63  SER A CB  1 
ATOM   467  O OG  . SER A 1 70  ? -2.189  -24.181 7.629   1.00 51.29 ? 63  SER A OG  1 
ATOM   468  N N   . SER A 1 71  ? 0.925   -26.896 6.043   1.00 30.98 ? 64  SER A N   1 
ATOM   469  C CA  . SER A 1 71  ? 1.378   -28.117 5.389   1.00 29.07 ? 64  SER A CA  1 
ATOM   470  C C   . SER A 1 71  ? 2.459   -28.851 6.197   1.00 30.81 ? 64  SER A C   1 
ATOM   471  O O   . SER A 1 71  ? 2.497   -30.085 6.217   1.00 33.72 ? 64  SER A O   1 
ATOM   472  C CB  . SER A 1 71  ? 1.810   -27.842 3.947   1.00 29.03 ? 64  SER A CB  1 
ATOM   473  O OG  . SER A 1 71  ? 2.497   -26.610 3.849   1.00 33.56 ? 64  SER A OG  1 
ATOM   474  N N   . GLN A 1 72  ? 3.321   -28.107 6.884   1.00 27.09 ? 65  GLN A N   1 
ATOM   475  C CA  . GLN A 1 72  ? 4.288   -28.754 7.764   1.00 26.88 ? 65  GLN A CA  1 
ATOM   476  C C   . GLN A 1 72  ? 3.579   -29.502 8.895   1.00 31.95 ? 65  GLN A C   1 
ATOM   477  O O   . GLN A 1 72  ? 3.948   -30.634 9.260   1.00 31.33 ? 65  GLN A O   1 
ATOM   478  C CB  . GLN A 1 72  ? 5.274   -27.734 8.323   1.00 30.80 ? 65  GLN A CB  1 
ATOM   479  C CG  . GLN A 1 72  ? 6.256   -27.201 7.291   1.00 28.03 ? 65  GLN A CG  1 
ATOM   480  C CD  . GLN A 1 72  ? 7.108   -26.082 7.836   1.00 28.77 ? 65  GLN A CD  1 
ATOM   481  O OE1 . GLN A 1 72  ? 6.934   -24.921 7.472   1.00 27.25 ? 65  GLN A OE1 1 
ATOM   482  N NE2 . GLN A 1 72  ? 8.037   -26.424 8.723   1.00 27.35 ? 65  GLN A NE2 1 
ATOM   483  N N   . ILE A 1 73  ? 2.546   -28.873 9.443   1.00 31.16 ? 66  ILE A N   1 
ATOM   484  C CA  . ILE A 1 73  ? 1.731   -29.542 10.445  1.00 31.04 ? 66  ILE A CA  1 
ATOM   485  C C   . ILE A 1 73  ? 1.147   -30.842 9.887   1.00 34.80 ? 66  ILE A C   1 
ATOM   486  O O   . ILE A 1 73  ? 1.244   -31.892 10.525  1.00 32.25 ? 66  ILE A O   1 
ATOM   487  C CB  . ILE A 1 73  ? 0.615   -28.630 10.984  1.00 35.88 ? 66  ILE A CB  1 
ATOM   488  C CG1 . ILE A 1 73  ? 1.217   -27.501 11.822  1.00 32.68 ? 66  ILE A CG1 1 
ATOM   489  C CG2 . ILE A 1 73  ? -0.363  -29.430 11.830  1.00 39.83 ? 66  ILE A CG2 1 
ATOM   490  C CD1 . ILE A 1 73  ? 0.191   -26.577 12.454  1.00 33.49 ? 66  ILE A CD1 1 
ATOM   491  N N   . GLU A 1 74  ? 0.558   -30.784 8.695   1.00 32.75 ? 67  GLU A N   1 
ATOM   492  C CA  . GLU A 1 74  ? 0.000   -31.996 8.089   1.00 34.07 ? 67  GLU A CA  1 
ATOM   493  C C   . GLU A 1 74  ? 1.032   -33.107 7.902   1.00 34.32 ? 67  GLU A C   1 
ATOM   494  O O   . GLU A 1 74  ? 0.728   -34.281 8.116   1.00 34.50 ? 67  GLU A O   1 
ATOM   495  C CB  . GLU A 1 74  ? -0.669  -31.698 6.749   1.00 33.41 ? 67  GLU A CB  1 
ATOM   496  C CG  . GLU A 1 74  ? -1.978  -30.948 6.861   1.00 51.86 ? 67  GLU A CG  1 
ATOM   497  C CD  . GLU A 1 74  ? -2.624  -30.705 5.509   1.00 55.45 ? 67  GLU A CD  1 
ATOM   498  O OE1 . GLU A 1 74  ? -2.451  -31.555 4.609   1.00 51.11 ? 67  GLU A OE1 1 
ATOM   499  O OE2 . GLU A 1 74  ? -3.293  -29.660 5.348   1.00 57.95 ? 67  GLU A OE2 1 
ATOM   500  N N   . LEU A 1 75  ? 2.242   -32.756 7.477   1.00 32.07 ? 68  LEU A N   1 
ATOM   501  C CA  . LEU A 1 75  ? 3.273   -33.782 7.341   1.00 30.99 ? 68  LEU A CA  1 
ATOM   502  C C   . LEU A 1 75  ? 3.611   -34.392 8.700   1.00 29.77 ? 68  LEU A C   1 
ATOM   503  O O   . LEU A 1 75  ? 3.811   -35.603 8.812   1.00 30.25 ? 68  LEU A O   1 
ATOM   504  C CB  . LEU A 1 75  ? 4.541   -33.233 6.682   1.00 30.10 ? 68  LEU A CB  1 
ATOM   505  C CG  . LEU A 1 75  ? 5.588   -34.323 6.438   1.00 28.49 ? 68  LEU A CG  1 
ATOM   506  C CD1 . LEU A 1 75  ? 5.032   -35.410 5.518   1.00 26.14 ? 68  LEU A CD1 1 
ATOM   507  C CD2 . LEU A 1 75  ? 6.878   -33.744 5.873   1.00 29.61 ? 68  LEU A CD2 1 
ATOM   508  N N   . ALA A 1 76  ? 3.672   -33.556 9.733   1.00 30.82 ? 69  ALA A N   1 
ATOM   509  C CA  . ALA A 1 76  ? 3.927   -34.057 11.085  1.00 33.41 ? 69  ALA A CA  1 
ATOM   510  C C   . ALA A 1 76  ? 2.837   -35.027 11.560  1.00 35.35 ? 69  ALA A C   1 
ATOM   511  O O   . ALA A 1 76  ? 3.127   -36.101 12.106  1.00 34.72 ? 69  ALA A O   1 
ATOM   512  C CB  . ALA A 1 76  ? 4.076   -32.897 12.064  1.00 33.64 ? 69  ALA A CB  1 
ATOM   513  N N   . VAL A 1 77  ? 1.580   -34.646 11.348  1.00 34.29 ? 70  VAL A N   1 
ATOM   514  C CA  . VAL A 1 77  ? 0.456   -35.476 11.760  1.00 36.21 ? 70  VAL A CA  1 
ATOM   515  C C   . VAL A 1 77  ? 0.445   -36.805 11.008  1.00 35.87 ? 70  VAL A C   1 
ATOM   516  O O   . VAL A 1 77  ? 0.333   -37.875 11.611  1.00 37.69 ? 70  VAL A O   1 
ATOM   517  C CB  . VAL A 1 77  ? -0.884  -34.747 11.572  1.00 43.63 ? 70  VAL A CB  1 
ATOM   518  C CG1 . VAL A 1 77  ? -2.039  -35.724 11.676  1.00 46.07 ? 70  VAL A CG1 1 
ATOM   519  C CG2 . VAL A 1 77  ? -1.023  -33.639 12.606  1.00 43.96 ? 70  VAL A CG2 1 
ATOM   520  N N   . LEU A 1 78  ? 0.562   -36.729 9.691   1.00 30.44 ? 71  LEU A N   1 
ATOM   521  C CA  . LEU A 1 78  ? 0.724   -37.912 8.854   1.00 32.90 ? 71  LEU A CA  1 
ATOM   522  C C   . LEU A 1 78  ? 1.821   -38.827 9.405   1.00 34.09 ? 71  LEU A C   1 
ATOM   523  O O   . LEU A 1 78  ? 1.637   -40.045 9.513   1.00 33.16 ? 71  LEU A O   1 
ATOM   524  C CB  . LEU A 1 78  ? 1.066   -37.456 7.438   1.00 31.68 ? 71  LEU A CB  1 
ATOM   525  C CG  . LEU A 1 78  ? 1.263   -38.395 6.257   1.00 32.56 ? 71  LEU A CG  1 
ATOM   526  C CD1 . LEU A 1 78  ? 1.140   -37.575 4.985   1.00 29.84 ? 71  LEU A CD1 1 
ATOM   527  C CD2 . LEU A 1 78  ? 2.614   -39.060 6.318   1.00 30.59 ? 71  LEU A CD2 1 
ATOM   528  N N   . LEU A 1 79  ? 2.963   -38.238 9.759   1.00 35.28 ? 72  LEU A N   1 
ATOM   529  C CA  . LEU A 1 79  ? 4.072   -39.017 10.324  1.00 35.17 ? 72  LEU A CA  1 
ATOM   530  C C   . LEU A 1 79  ? 3.682   -39.738 11.622  1.00 35.33 ? 72  LEU A C   1 
ATOM   531  O O   . LEU A 1 79  ? 3.954   -40.928 11.775  1.00 36.38 ? 72  LEU A O   1 
ATOM   532  C CB  . LEU A 1 79  ? 5.322   -38.150 10.517  1.00 30.96 ? 72  LEU A CB  1 
ATOM   533  C CG  . LEU A 1 79  ? 6.030   -37.766 9.213   1.00 32.06 ? 72  LEU A CG  1 
ATOM   534  C CD1 . LEU A 1 79  ? 7.210   -36.828 9.449   1.00 30.56 ? 72  LEU A CD1 1 
ATOM   535  C CD2 . LEU A 1 79  ? 6.474   -39.011 8.459   1.00 32.10 ? 72  LEU A CD2 1 
ATOM   536  N N   . SER A 1 80  ? 3.043   -39.028 12.551  1.00 33.26 ? 73  SER A N   1 
ATOM   537  C CA  . SER A 1 80  ? 2.491   -39.684 13.741  1.00 35.33 ? 73  SER A CA  1 
ATOM   538  C C   . SER A 1 80  ? 1.591   -40.863 13.367  1.00 34.77 ? 73  SER A C   1 
ATOM   539  O O   . SER A 1 80  ? 1.765   -41.974 13.856  1.00 35.28 ? 73  SER A O   1 
ATOM   540  C CB  . SER A 1 80  ? 1.689   -38.698 14.597  1.00 36.34 ? 73  SER A CB  1 
ATOM   541  O OG  . SER A 1 80  ? 2.504   -37.642 15.071  1.00 45.56 ? 73  SER A OG  1 
ATOM   542  N N   . ASN A 1 81  ? 0.619   -40.604 12.502  1.00 35.61 ? 74  ASN A N   1 
ATOM   543  C CA  . ASN A 1 81  ? -0.361  -41.606 12.118  1.00 36.31 ? 74  ASN A CA  1 
ATOM   544  C C   . ASN A 1 81  ? 0.268   -42.861 11.520  1.00 37.41 ? 74  ASN A C   1 
ATOM   545  O O   . ASN A 1 81  ? -0.243  -43.963 11.712  1.00 37.87 ? 74  ASN A O   1 
ATOM   546  C CB  . ASN A 1 81  ? -1.377  -41.010 11.133  1.00 37.04 ? 74  ASN A CB  1 
ATOM   547  C CG  . ASN A 1 81  ? -2.256  -39.939 11.764  1.00 35.84 ? 74  ASN A CG  1 
ATOM   548  O OD1 . ASN A 1 81  ? -2.385  -39.860 12.983  1.00 40.18 ? 74  ASN A OD1 1 
ATOM   549  N ND2 . ASN A 1 81  ? -2.878  -39.123 10.929  1.00 39.16 ? 74  ASN A ND2 1 
ATOM   550  N N   . GLU A 1 82  ? 1.365   -42.702 10.785  1.00 35.96 ? 75  GLU A N   1 
ATOM   551  C CA  . GLU A 1 82  ? 2.029   -43.862 10.192  1.00 38.44 ? 75  GLU A CA  1 
ATOM   552  C C   . GLU A 1 82  ? 2.585   -44.800 11.269  1.00 40.05 ? 75  GLU A C   1 
ATOM   553  O O   . GLU A 1 82  ? 2.644   -46.016 11.078  1.00 38.11 ? 75  GLU A O   1 
ATOM   554  C CB  . GLU A 1 82  ? 3.143   -43.436 9.227   1.00 38.30 ? 75  GLU A CB  1 
ATOM   555  C CG  . GLU A 1 82  ? 3.777   -44.594 8.444   1.00 37.66 ? 75  GLU A CG  1 
ATOM   556  C CD  . GLU A 1 82  ? 2.831   -45.208 7.423   1.00 39.61 ? 75  GLU A CD  1 
ATOM   557  O OE1 . GLU A 1 82  ? 1.937   -44.489 6.925   1.00 40.96 ? 75  GLU A OE1 1 
ATOM   558  O OE2 . GLU A 1 82  ? 2.980   -46.411 7.115   1.00 40.42 ? 75  GLU A OE2 1 
ATOM   559  N N   . GLY A 1 83  ? 2.992   -44.224 12.397  1.00 39.95 ? 76  GLY A N   1 
ATOM   560  C CA  . GLY A 1 83  ? 3.533   -44.994 13.507  1.00 38.40 ? 76  GLY A CA  1 
ATOM   561  C C   . GLY A 1 83  ? 4.984   -45.442 13.371  1.00 38.93 ? 76  GLY A C   1 
ATOM   562  O O   . GLY A 1 83  ? 5.369   -46.449 13.959  1.00 39.49 ? 76  GLY A O   1 
ATOM   563  N N   . ILE A 1 84  ? 5.789   -44.704 12.611  1.00 34.24 ? 77  ILE A N   1 
ATOM   564  C CA  . ILE A 1 84  ? 7.187   -45.071 12.397  1.00 36.13 ? 77  ILE A CA  1 
ATOM   565  C C   . ILE A 1 84  ? 8.147   -44.176 13.167  1.00 37.03 ? 77  ILE A C   1 
ATOM   566  O O   . ILE A 1 84  ? 9.352   -44.417 13.176  1.00 40.14 ? 77  ILE A O   1 
ATOM   567  C CB  . ILE A 1 84  ? 7.587   -45.023 10.907  1.00 37.04 ? 77  ILE A CB  1 
ATOM   568  C CG1 . ILE A 1 84  ? 7.122   -43.717 10.270  1.00 33.84 ? 77  ILE A CG1 1 
ATOM   569  C CG2 . ILE A 1 84  ? 7.020   -46.216 10.160  1.00 38.83 ? 77  ILE A CG2 1 
ATOM   570  C CD1 . ILE A 1 84  ? 7.492   -43.600 8.812   1.00 38.02 ? 77  ILE A CD1 1 
ATOM   571  N N   . ILE A 1 85  ? 7.613   -43.133 13.788  1.00 35.07 ? 78  ILE A N   1 
ATOM   572  C CA  . ILE A 1 85  ? 8.399   -42.277 14.660  1.00 36.02 ? 78  ILE A CA  1 
ATOM   573  C C   . ILE A 1 85  ? 8.233   -42.802 16.076  1.00 38.96 ? 78  ILE A C   1 
ATOM   574  O O   . ILE A 1 85  ? 7.272   -42.462 16.761  1.00 43.16 ? 78  ILE A O   1 
ATOM   575  C CB  . ILE A 1 85  ? 7.919   -40.818 14.591  1.00 39.30 ? 78  ILE A CB  1 
ATOM   576  C CG1 . ILE A 1 85  ? 7.844   -40.355 13.133  1.00 31.74 ? 78  ILE A CG1 1 
ATOM   577  C CG2 . ILE A 1 85  ? 8.827   -39.911 15.414  1.00 33.03 ? 78  ILE A CG2 1 
ATOM   578  C CD1 . ILE A 1 85  ? 9.154   -40.462 12.397  1.00 29.25 ? 78  ILE A CD1 1 
ATOM   579  N N   . ASN A 1 86  ? 9.158   -43.658 16.499  1.00 40.58 ? 79  ASN A N   1 
ATOM   580  C CA  . ASN A 1 86  ? 9.069   -44.296 17.806  1.00 41.65 ? 79  ASN A CA  1 
ATOM   581  C C   . ASN A 1 86  ? 10.041  -43.687 18.805  1.00 39.96 ? 79  ASN A C   1 
ATOM   582  O O   . ASN A 1 86  ? 9.658   -43.301 19.902  1.00 42.19 ? 79  ASN A O   1 
ATOM   583  C CB  . ASN A 1 86  ? 9.312   -45.806 17.687  1.00 43.79 ? 79  ASN A CB  1 
ATOM   584  C CG  . ASN A 1 86  ? 8.225   -46.515 16.889  1.00 46.71 ? 79  ASN A CG  1 
ATOM   585  O OD1 . ASN A 1 86  ? 7.035   -46.264 17.079  1.00 45.91 ? 79  ASN A OD1 1 
ATOM   586  N ND2 . ASN A 1 86  ? 8.633   -47.399 15.987  1.00 50.37 ? 79  ASN A ND2 1 
ATOM   587  N N   . SER A 1 87  ? 11.304  -43.601 18.415  1.00 40.35 ? 80  SER A N   1 
ATOM   588  C CA  . SER A 1 87  ? 12.330  -43.041 19.280  1.00 39.75 ? 80  SER A CA  1 
ATOM   589  C C   . SER A 1 87  ? 12.171  -41.528 19.446  1.00 42.03 ? 80  SER A C   1 
ATOM   590  O O   . SER A 1 87  ? 12.397  -40.981 20.530  1.00 41.40 ? 80  SER A O   1 
ATOM   591  C CB  . SER A 1 87  ? 13.715  -43.367 18.716  1.00 42.95 ? 80  SER A CB  1 
ATOM   592  O OG  . SER A 1 87  ? 14.737  -42.711 19.444  1.00 52.66 ? 80  SER A OG  1 
ATOM   593  N N   . GLU A 1 88  ? 11.775  -40.858 18.368  1.00 39.97 ? 81  GLU A N   1 
ATOM   594  C CA  . GLU A 1 88  ? 11.680  -39.402 18.365  1.00 37.79 ? 81  GLU A CA  1 
ATOM   595  C C   . GLU A 1 88  ? 10.252  -38.886 18.469  1.00 33.87 ? 81  GLU A C   1 
ATOM   596  O O   . GLU A 1 88  ? 9.986   -37.738 18.117  1.00 34.85 ? 81  GLU A O   1 
ATOM   597  C CB  . GLU A 1 88  ? 12.328  -38.835 17.100  1.00 38.73 ? 81  GLU A CB  1 
ATOM   598  C CG  . GLU A 1 88  ? 13.792  -39.206 16.938  1.00 38.51 ? 81  GLU A CG  1 
ATOM   599  C CD  . GLU A 1 88  ? 14.685  -38.483 17.925  1.00 41.74 ? 81  GLU A CD  1 
ATOM   600  O OE1 . GLU A 1 88  ? 14.547  -37.248 18.041  1.00 43.07 ? 81  GLU A OE1 1 
ATOM   601  O OE2 . GLU A 1 88  ? 15.522  -39.142 18.585  1.00 45.88 ? 81  GLU A OE2 1 
ATOM   602  N N   . ASP A 1 89  ? 9.342   -39.721 18.962  1.00 31.96 ? 82  ASP A N   1 
ATOM   603  C CA  . ASP A 1 89  ? 7.928   -39.347 19.040  1.00 37.68 ? 82  ASP A CA  1 
ATOM   604  C C   . ASP A 1 89  ? 7.649   -38.095 19.888  1.00 36.20 ? 82  ASP A C   1 
ATOM   605  O O   . ASP A 1 89  ? 6.819   -37.262 19.510  1.00 37.38 ? 82  ASP A O   1 
ATOM   606  C CB  . ASP A 1 89  ? 7.061   -40.527 19.495  1.00 37.35 ? 82  ASP A CB  1 
ATOM   607  C CG  . ASP A 1 89  ? 7.355   -40.959 20.918  1.00 42.13 ? 82  ASP A CG  1 
ATOM   608  O OD1 . ASP A 1 89  ? 8.516   -40.827 21.365  1.00 43.76 ? 82  ASP A OD1 1 
ATOM   609  O OD2 . ASP A 1 89  ? 6.419   -41.441 21.592  1.00 44.27 ? 82  ASP A OD2 1 
ATOM   610  N N   . GLU A 1 90  ? 8.345   -37.953 21.015  1.00 37.82 ? 83  GLU A N   1 
ATOM   611  C CA  . GLU A 1 90  ? 8.190   -36.766 21.867  1.00 37.52 ? 83  GLU A CA  1 
ATOM   612  C C   . GLU A 1 90  ? 8.664   -35.495 21.161  1.00 34.08 ? 83  GLU A C   1 
ATOM   613  O O   . GLU A 1 90  ? 8.044   -34.424 21.266  1.00 33.44 ? 83  GLU A O   1 
ATOM   614  C CB  . GLU A 1 90  ? 8.946   -36.935 23.192  1.00 37.11 ? 83  GLU A CB  1 
ATOM   615  C CG  . GLU A 1 90  ? 8.297   -37.880 24.173  1.00 33.05 ? 83  GLU A CG  1 
ATOM   616  C CD  . GLU A 1 90  ? 6.898   -37.452 24.539  1.00 42.28 ? 83  GLU A CD  1 
ATOM   617  O OE1 . GLU A 1 90  ? 6.107   -38.321 24.974  1.00 45.88 ? 83  GLU A OE1 1 
ATOM   618  O OE2 . GLU A 1 90  ? 6.587   -36.247 24.399  1.00 42.10 ? 83  GLU A OE2 1 
ATOM   619  N N   . HIS A 1 91  ? 9.772   -35.621 20.445  1.00 34.25 ? 84  HIS A N   1 
ATOM   620  C CA  . HIS A 1 91  ? 10.314  -34.506 19.689  1.00 31.57 ? 84  HIS A CA  1 
ATOM   621  C C   . HIS A 1 91  ? 9.342   -34.114 18.579  1.00 33.74 ? 84  HIS A C   1 
ATOM   622  O O   . HIS A 1 91  ? 9.176   -32.929 18.275  1.00 32.33 ? 84  HIS A O   1 
ATOM   623  C CB  . HIS A 1 91  ? 11.693  -34.868 19.140  1.00 30.42 ? 84  HIS A CB  1 
ATOM   624  C CG  . HIS A 1 91  ? 12.714  -35.125 20.210  1.00 41.36 ? 84  HIS A CG  1 
ATOM   625  N ND1 . HIS A 1 91  ? 13.768  -35.998 20.045  1.00 42.41 ? 84  HIS A ND1 1 
ATOM   626  C CD2 . HIS A 1 91  ? 12.838  -34.619 21.461  1.00 35.81 ? 84  HIS A CD2 1 
ATOM   627  C CE1 . HIS A 1 91  ? 14.501  -36.017 21.148  1.00 35.61 ? 84  HIS A CE1 1 
ATOM   628  N NE2 . HIS A 1 91  ? 13.958  -35.188 22.020  1.00 34.02 ? 84  HIS A NE2 1 
ATOM   629  N N   . LEU A 1 92  ? 8.679   -35.108 17.993  1.00 33.47 ? 85  LEU A N   1 
ATOM   630  C CA  . LEU A 1 92  ? 7.653   -34.839 16.988  1.00 33.05 ? 85  LEU A CA  1 
ATOM   631  C C   . LEU A 1 92  ? 6.474   -34.063 17.589  1.00 32.82 ? 85  LEU A C   1 
ATOM   632  O O   . LEU A 1 92  ? 6.073   -33.024 17.054  1.00 35.51 ? 85  LEU A O   1 
ATOM   633  C CB  . LEU A 1 92  ? 7.174   -36.135 16.327  1.00 32.13 ? 85  LEU A CB  1 
ATOM   634  C CG  . LEU A 1 92  ? 6.280   -35.938 15.101  1.00 34.49 ? 85  LEU A CG  1 
ATOM   635  C CD1 . LEU A 1 92  ? 7.016   -35.126 14.044  1.00 31.78 ? 85  LEU A CD1 1 
ATOM   636  C CD2 . LEU A 1 92  ? 5.812   -37.263 14.534  1.00 33.38 ? 85  LEU A CD2 1 
ATOM   637  N N   . LEU A 1 93  ? 5.922   -34.557 18.697  1.00 32.49 ? 86  LEU A N   1 
ATOM   638  C CA  . LEU A 1 93  ? 4.850   -33.827 19.383  1.00 36.25 ? 86  LEU A CA  1 
ATOM   639  C C   . LEU A 1 93  ? 5.240   -32.378 19.638  1.00 33.55 ? 86  LEU A C   1 
ATOM   640  O O   . LEU A 1 93  ? 4.473   -31.455 19.349  1.00 34.32 ? 86  LEU A O   1 
ATOM   641  C CB  . LEU A 1 93  ? 4.484   -34.495 20.705  1.00 38.75 ? 86  LEU A CB  1 
ATOM   642  C CG  . LEU A 1 93  ? 3.671   -35.778 20.589  1.00 46.02 ? 86  LEU A CG  1 
ATOM   643  C CD1 . LEU A 1 93  ? 3.547   -36.460 21.949  1.00 46.96 ? 86  LEU A CD1 1 
ATOM   644  C CD2 . LEU A 1 93  ? 2.299   -35.470 20.002  1.00 49.60 ? 86  LEU A CD2 1 
ATOM   645  N N   . ALA A 1 94  ? 6.442   -32.188 20.177  1.00 32.32 ? 87  ALA A N   1 
ATOM   646  C CA  . ALA A 1 94  ? 6.932   -30.851 20.491  1.00 35.07 ? 87  ALA A CA  1 
ATOM   647  C C   . ALA A 1 94  ? 6.993   -29.975 19.244  1.00 34.05 ? 87  ALA A C   1 
ATOM   648  O O   . ALA A 1 94  ? 6.612   -28.801 19.273  1.00 34.16 ? 87  ALA A O   1 
ATOM   649  C CB  . ALA A 1 94  ? 8.299   -30.925 21.159  1.00 34.90 ? 87  ALA A CB  1 
ATOM   650  N N   . LEU A 1 95  ? 7.473   -30.552 18.150  1.00 32.85 ? 88  LEU A N   1 
ATOM   651  C CA  . LEU A 1 95  ? 7.544   -29.827 16.892  1.00 32.40 ? 88  LEU A CA  1 
ATOM   652  C C   . LEU A 1 95  ? 6.145   -29.401 16.440  1.00 33.15 ? 88  LEU A C   1 
ATOM   653  O O   . LEU A 1 95  ? 5.953   -28.265 15.997  1.00 34.51 ? 88  LEU A O   1 
ATOM   654  C CB  . LEU A 1 95  ? 8.243   -30.663 15.819  1.00 30.64 ? 88  LEU A CB  1 
ATOM   655  C CG  . LEU A 1 95  ? 8.327   -30.018 14.432  1.00 33.51 ? 88  LEU A CG  1 
ATOM   656  C CD1 . LEU A 1 95  ? 9.101   -28.707 14.482  1.00 33.61 ? 88  LEU A CD1 1 
ATOM   657  C CD2 . LEU A 1 95  ? 8.961   -30.971 13.439  1.00 35.32 ? 88  LEU A CD2 1 
ATOM   658  N N   . GLU A 1 96  ? 5.171   -30.297 16.561  1.00 29.93 ? 89  GLU A N   1 
ATOM   659  C CA  . GLU A 1 96  ? 3.790   -29.946 16.229  1.00 31.96 ? 89  GLU A CA  1 
ATOM   660  C C   . GLU A 1 96  ? 3.305   -28.774 17.071  1.00 32.73 ? 89  GLU A C   1 
ATOM   661  O O   . GLU A 1 96  ? 2.663   -27.853 16.554  1.00 37.88 ? 89  GLU A O   1 
ATOM   662  C CB  . GLU A 1 96  ? 2.852   -31.140 16.407  1.00 35.32 ? 89  GLU A CB  1 
ATOM   663  C CG  . GLU A 1 96  ? 3.174   -32.312 15.501  1.00 40.53 ? 89  GLU A CG  1 
ATOM   664  C CD  . GLU A 1 96  ? 2.112   -33.392 15.540  1.00 47.50 ? 89  GLU A CD  1 
ATOM   665  O OE1 . GLU A 1 96  ? 2.331   -34.476 14.950  1.00 46.80 ? 89  GLU A OE1 1 
ATOM   666  O OE2 . GLU A 1 96  ? 1.055   -33.154 16.161  1.00 54.55 ? 89  GLU A OE2 1 
ATOM   667  N N   . ARG A 1 97  ? 3.614   -28.802 18.366  1.00 30.97 ? 90  ARG A N   1 
ATOM   668  C CA  . ARG A 1 97  ? 3.298   -27.665 19.232  1.00 32.61 ? 90  ARG A CA  1 
ATOM   669  C C   . ARG A 1 97  ? 3.909   -26.356 18.721  1.00 34.85 ? 90  ARG A C   1 
ATOM   670  O O   . ARG A 1 97  ? 3.206   -25.351 18.585  1.00 36.64 ? 90  ARG A O   1 
ATOM   671  C CB  . ARG A 1 97  ? 3.749   -27.923 20.669  1.00 36.94 ? 90  ARG A CB  1 
ATOM   672  C CG  . ARG A 1 97  ? 2.964   -29.017 21.382  1.00 44.24 ? 90  ARG A CG  1 
ATOM   673  C CD  . ARG A 1 97  ? 3.373   -29.126 22.847  1.00 51.77 ? 90  ARG A CD  1 
ATOM   674  N NE  . ARG A 1 97  ? 2.906   -30.364 23.468  1.00 54.09 ? 90  ARG A NE  1 
ATOM   675  C CZ  . ARG A 1 97  ? 3.660   -31.447 23.633  1.00 55.20 ? 90  ARG A CZ  1 
ATOM   676  N NH1 . ARG A 1 97  ? 4.921   -31.444 23.224  1.00 47.41 ? 90  ARG A NH1 1 
ATOM   677  N NH2 . ARG A 1 97  ? 3.156   -32.535 24.212  1.00 57.49 ? 90  ARG A NH2 1 
ATOM   678  N N   . LYS A 1 98  ? 5.214   -26.366 18.447  1.00 33.96 ? 91  LYS A N   1 
ATOM   679  C CA  . LYS A 1 98  ? 5.880   -25.187 17.885  1.00 34.64 ? 91  LYS A CA  1 
ATOM   680  C C   . LYS A 1 98  ? 5.162   -24.667 16.640  1.00 35.95 ? 91  LYS A C   1 
ATOM   681  O O   . LYS A 1 98  ? 4.877   -23.472 16.523  1.00 34.21 ? 91  LYS A O   1 
ATOM   682  C CB  . LYS A 1 98  ? 7.328   -25.499 17.511  1.00 35.86 ? 91  LYS A CB  1 
ATOM   683  C CG  . LYS A 1 98  ? 8.256   -25.821 18.660  1.00 38.40 ? 91  LYS A CG  1 
ATOM   684  C CD  . LYS A 1 98  ? 9.701   -25.694 18.191  1.00 45.83 ? 91  LYS A CD  1 
ATOM   685  C CE  . LYS A 1 98  ? 10.675  -26.386 19.126  1.00 47.73 ? 91  LYS A CE  1 
ATOM   686  N NZ  . LYS A 1 98  ? 10.535  -27.866 19.072  1.00 43.28 ? 91  LYS A NZ  1 
ATOM   687  N N   . LEU A 1 99  ? 4.879   -25.574 15.708  1.00 34.30 ? 92  LEU A N   1 
ATOM   688  C CA  . LEU A 1 99  ? 4.222   -25.206 14.457  1.00 36.66 ? 92  LEU A CA  1 
ATOM   689  C C   . LEU A 1 99  ? 2.861   -24.556 14.687  1.00 36.48 ? 92  LEU A C   1 
ATOM   690  O O   . LEU A 1 99  ? 2.564   -23.513 14.104  1.00 35.47 ? 92  LEU A O   1 
ATOM   691  C CB  . LEU A 1 99  ? 4.091   -26.417 13.528  1.00 30.74 ? 92  LEU A CB  1 
ATOM   692  C CG  . LEU A 1 99  ? 5.413   -26.872 12.910  1.00 33.48 ? 92  LEU A CG  1 
ATOM   693  C CD1 . LEU A 1 99  ? 5.299   -28.266 12.333  1.00 26.15 ? 92  LEU A CD1 1 
ATOM   694  C CD2 . LEU A 1 99  ? 5.872   -25.880 11.848  1.00 31.97 ? 92  LEU A CD2 1 
ATOM   695  N N   . LYS A 1 100 ? 2.030   -25.171 15.525  1.00 36.10 ? 93  LYS A N   1 
ATOM   696  C CA  . LYS A 1 100 ? 0.734   -24.569 15.838  1.00 39.15 ? 93  LYS A CA  1 
ATOM   697  C C   . LYS A 1 100 ? 0.940   -23.175 16.421  1.00 39.88 ? 93  LYS A C   1 
ATOM   698  O O   . LYS A 1 100 ? 0.167   -22.251 16.156  1.00 38.91 ? 93  LYS A O   1 
ATOM   699  C CB  . LYS A 1 100 ? -0.071  -25.445 16.800  1.00 37.42 ? 93  LYS A CB  1 
ATOM   700  C CG  . LYS A 1 100 ? -0.550  -26.749 16.180  1.00 41.26 ? 93  LYS A CG  1 
ATOM   701  C CD  . LYS A 1 100 ? -1.271  -27.618 17.195  1.00 44.53 ? 93  LYS A CD  1 
ATOM   702  C CE  . LYS A 1 100 ? -1.655  -28.954 16.596  1.00 50.03 ? 93  LYS A CE  1 
ATOM   703  N NZ  . LYS A 1 100 ? -2.262  -29.850 17.620  1.00 62.42 ? 93  LYS A NZ  1 
ATOM   704  N N   . LYS A 1 101 ? 2.005   -23.029 17.202  1.00 40.69 ? 94  LYS A N   1 
ATOM   705  C CA  . LYS A 1 101 ? 2.358   -21.742 17.786  1.00 42.59 ? 94  LYS A CA  1 
ATOM   706  C C   . LYS A 1 101 ? 2.793   -20.729 16.723  1.00 46.32 ? 94  LYS A C   1 
ATOM   707  O O   . LYS A 1 101 ? 2.754   -19.521 16.954  1.00 52.77 ? 94  LYS A O   1 
ATOM   708  C CB  . LYS A 1 101 ? 3.478   -21.931 18.806  1.00 44.00 ? 94  LYS A CB  1 
ATOM   709  C CG  . LYS A 1 101 ? 3.508   -20.904 19.905  1.00 55.04 ? 94  LYS A CG  1 
ATOM   710  C CD  . LYS A 1 101 ? 3.676   -21.584 21.248  1.00 55.09 ? 94  LYS A CD  1 
ATOM   711  C CE  . LYS A 1 101 ? 2.584   -22.614 21.468  1.00 54.03 ? 94  LYS A CE  1 
ATOM   712  N NZ  . LYS A 1 101 ? 2.576   -23.123 22.863  1.00 63.95 ? 94  LYS A NZ  1 
ATOM   713  N N   . MET A 1 102 ? 3.216   -21.222 15.561  1.00 43.52 ? 95  MET A N   1 
ATOM   714  C CA  . MET A 1 102 ? 3.680   -20.344 14.487  1.00 41.78 ? 95  MET A CA  1 
ATOM   715  C C   . MET A 1 102 ? 2.615   -20.086 13.424  1.00 37.34 ? 95  MET A C   1 
ATOM   716  O O   . MET A 1 102 ? 2.879   -19.426 12.426  1.00 36.07 ? 95  MET A O   1 
ATOM   717  C CB  . MET A 1 102 ? 4.933   -20.920 13.819  1.00 37.07 ? 95  MET A CB  1 
ATOM   718  C CG  . MET A 1 102 ? 6.143   -20.980 14.721  1.00 40.48 ? 95  MET A CG  1 
ATOM   719  S SD  . MET A 1 102 ? 7.569   -21.738 13.918  1.00 41.86 ? 95  MET A SD  1 
ATOM   720  C CE  . MET A 1 102 ? 6.773   -22.846 12.784  1.00 35.79 ? 95  MET A CE  1 
ATOM   721  N N   . LEU A 1 103 ? 1.416   -20.609 13.629  1.00 38.41 ? 96  LEU A N   1 
ATOM   722  C CA  . LEU A 1 103 ? 0.358   -20.450 12.635  1.00 42.45 ? 96  LEU A CA  1 
ATOM   723  C C   . LEU A 1 103 ? -0.004  -18.989 12.377  1.00 53.09 ? 96  LEU A C   1 
ATOM   724  O O   . LEU A 1 103 ? 0.097   -18.134 13.262  1.00 55.09 ? 96  LEU A O   1 
ATOM   725  C CB  . LEU A 1 103 ? -0.888  -21.237 13.029  1.00 39.19 ? 96  LEU A CB  1 
ATOM   726  C CG  . LEU A 1 103 ? -0.915  -22.665 12.491  1.00 39.86 ? 96  LEU A CG  1 
ATOM   727  C CD1 . LEU A 1 103 ? -2.063  -23.462 13.091  1.00 36.56 ? 96  LEU A CD1 1 
ATOM   728  C CD2 . LEU A 1 103 ? -1.011  -22.632 10.977  1.00 40.75 ? 96  LEU A CD2 1 
ATOM   729  N N   . GLY A 1 104 ? -0.429  -18.710 11.151  1.00 52.00 ? 97  GLY A N   1 
ATOM   730  C CA  . GLY A 1 104 ? -0.821  -17.365 10.786  1.00 60.79 ? 97  GLY A CA  1 
ATOM   731  C C   . GLY A 1 104 ? -1.910  -16.805 11.682  1.00 64.86 ? 97  GLY A C   1 
ATOM   732  O O   . GLY A 1 104 ? -2.753  -17.551 12.179  1.00 63.06 ? 97  GLY A O   1 
ATOM   733  N N   . PRO A 1 105 ? -1.889  -15.482 11.899  1.00 66.11 ? 98  PRO A N   1 
ATOM   734  C CA  . PRO A 1 105 ? -2.884  -14.769 12.708  1.00 67.76 ? 98  PRO A CA  1 
ATOM   735  C C   . PRO A 1 105 ? -4.302  -14.892 12.156  1.00 69.68 ? 98  PRO A C   1 
ATOM   736  O O   . PRO A 1 105 ? -4.891  -13.869 11.810  1.00 69.16 ? 98  PRO A O   1 
ATOM   737  C CB  . PRO A 1 105 ? -2.423  -13.311 12.610  1.00 68.05 ? 98  PRO A CB  1 
ATOM   738  C CG  . PRO A 1 105 ? -0.955  -13.396 12.348  1.00 60.04 ? 98  PRO A CG  1 
ATOM   739  C CD  . PRO A 1 105 ? -0.788  -14.598 11.471  1.00 60.35 ? 98  PRO A CD  1 
ATOM   740  N N   . SER A 1 106 ? -4.836  -16.111 12.085  1.00 72.25 ? 99  SER A N   1 
ATOM   741  C CA  . SER A 1 106 ? -6.206  -16.339 11.619  1.00 75.83 ? 99  SER A CA  1 
ATOM   742  C C   . SER A 1 106 ? -6.718  -17.748 11.932  1.00 81.35 ? 99  SER A C   1 
ATOM   743  O O   . SER A 1 106 ? -5.975  -18.603 12.424  1.00 78.66 ? 99  SER A O   1 
ATOM   744  C CB  . SER A 1 106 ? -6.324  -16.082 10.115  1.00 75.45 ? 99  SER A CB  1 
ATOM   745  O OG  . SER A 1 106 ? -6.119  -14.718 9.797   1.00 75.98 ? 99  SER A OG  1 
ATOM   746  N N   . ALA A 1 107 ? -7.991  -17.980 11.618  1.00 84.85 ? 100 ALA A N   1 
ATOM   747  C CA  . ALA A 1 107 ? -8.661  -19.245 11.917  1.00 84.13 ? 100 ALA A CA  1 
ATOM   748  C C   . ALA A 1 107 ? -8.147  -20.412 11.073  1.00 82.32 ? 100 ALA A C   1 
ATOM   749  O O   . ALA A 1 107 ? -8.054  -20.313 9.847   1.00 80.65 ? 100 ALA A O   1 
ATOM   750  C CB  . ALA A 1 107 ? -10.170 -19.094 11.751  1.00 82.18 ? 100 ALA A CB  1 
ATOM   751  N N   . VAL A 1 108 ? -7.831  -21.517 11.743  1.00 80.57 ? 101 VAL A N   1 
ATOM   752  C CA  . VAL A 1 108 ? -7.312  -22.715 11.090  1.00 79.58 ? 101 VAL A CA  1 
ATOM   753  C C   . VAL A 1 108 ? -7.768  -23.972 11.837  1.00 86.98 ? 101 VAL A C   1 
ATOM   754  O O   . VAL A 1 108 ? -7.733  -24.016 13.069  1.00 89.23 ? 101 VAL A O   1 
ATOM   755  C CB  . VAL A 1 108 ? -5.777  -22.689 11.034  1.00 76.55 ? 101 VAL A CB  1 
ATOM   756  C CG1 . VAL A 1 108 ? -5.208  -22.475 12.429  1.00 73.34 ? 101 VAL A CG1 1 
ATOM   757  C CG2 . VAL A 1 108 ? -5.237  -23.975 10.412  1.00 76.01 ? 101 VAL A CG2 1 
ATOM   758  N N   . ASP A 1 109 ? -8.187  -24.991 11.090  1.00 88.92 ? 102 ASP A N   1 
ATOM   759  C CA  . ASP A 1 109 ? -8.759  -26.203 11.686  1.00 90.42 ? 102 ASP A CA  1 
ATOM   760  C C   . ASP A 1 109 ? -7.711  -27.124 12.321  1.00 90.62 ? 102 ASP A C   1 
ATOM   761  O O   . ASP A 1 109 ? -6.507  -26.979 12.089  1.00 88.87 ? 102 ASP A O   1 
ATOM   762  C CB  . ASP A 1 109 ? -9.587  -26.979 10.651  1.00 92.31 ? 102 ASP A CB  1 
ATOM   763  C CG  . ASP A 1 109 ? -10.513 -28.012 11.290  1.00 98.07 ? 102 ASP A CG  1 
ATOM   764  O OD1 . ASP A 1 109 ? -10.650 -29.123 10.732  1.00 99.64 ? 102 ASP A OD1 1 
ATOM   765  O OD2 . ASP A 1 109 ? -11.109 -27.710 12.347  1.00 96.29 ? 102 ASP A OD2 1 
ATOM   766  N N   . ILE A 1 110 ? -8.191  -28.072 13.121  1.00 92.83 ? 103 ILE A N   1 
ATOM   767  C CA  . ILE A 1 110 ? -7.335  -28.999 13.859  1.00 93.64 ? 103 ILE A CA  1 
ATOM   768  C C   . ILE A 1 110 ? -6.212  -29.597 13.014  1.00 87.66 ? 103 ILE A C   1 
ATOM   769  O O   . ILE A 1 110 ? -6.310  -29.677 11.787  1.00 84.22 ? 103 ILE A O   1 
ATOM   770  C CB  . ILE A 1 110 ? -8.158  -30.149 14.490  1.00 93.14 ? 103 ILE A CB  1 
ATOM   771  C CG1 . ILE A 1 110 ? -8.953  -30.893 13.412  1.00 93.51 ? 103 ILE A CG1 1 
ATOM   772  C CG2 . ILE A 1 110 ? -9.086  -29.615 15.574  1.00 92.68 ? 103 ILE A CG2 1 
ATOM   773  C CD1 . ILE A 1 110 ? -9.799  -32.036 13.944  1.00 94.46 ? 103 ILE A CD1 1 
ATOM   774  N N   . GLY A 1 111 ? -5.148  -30.022 13.686  1.00 83.85 ? 104 GLY A N   1 
ATOM   775  C CA  . GLY A 1 111 ? -4.016  -30.636 13.019  1.00 77.33 ? 104 GLY A CA  1 
ATOM   776  C C   . GLY A 1 111 ? -4.324  -32.021 12.483  1.00 80.85 ? 104 GLY A C   1 
ATOM   777  O O   . GLY A 1 111 ? -4.197  -32.261 11.279  1.00 81.85 ? 104 GLY A O   1 
ATOM   778  N N   . ASN A 1 112 ? -4.727  -32.931 13.371  1.00 81.51 ? 105 ASN A N   1 
ATOM   779  C CA  . ASN A 1 112 ? -4.988  -34.321 12.987  1.00 81.38 ? 105 ASN A CA  1 
ATOM   780  C C   . ASN A 1 112 ? -5.677  -34.440 11.627  1.00 81.80 ? 105 ASN A C   1 
ATOM   781  O O   . ASN A 1 112 ? -6.742  -33.862 11.402  1.00 83.92 ? 105 ASN A O   1 
ATOM   782  C CB  . ASN A 1 112 ? -5.770  -35.075 14.074  1.00 84.89 ? 105 ASN A CB  1 
ATOM   783  C CG  . ASN A 1 112 ? -7.122  -34.445 14.375  1.00 90.85 ? 105 ASN A CG  1 
ATOM   784  O OD1 . ASN A 1 112 ? -7.251  -33.631 15.291  1.00 91.81 ? 105 ASN A OD1 1 
ATOM   785  N ND2 . ASN A 1 112 ? -8.139  -34.827 13.607  1.00 89.48 ? 105 ASN A ND2 1 
ATOM   786  N N   . GLY A 1 113 ? -5.045  -35.181 10.721  1.00 80.98 ? 106 GLY A N   1 
ATOM   787  C CA  . GLY A 1 113 ? -5.514  -35.292 9.351   1.00 78.85 ? 106 GLY A CA  1 
ATOM   788  C C   . GLY A 1 113 ? -5.110  -34.078 8.532   1.00 80.63 ? 106 GLY A C   1 
ATOM   789  O O   . GLY A 1 113 ? -4.043  -33.497 8.751   1.00 69.58 ? 106 GLY A O   1 
ATOM   790  N N   . SER A 1 114 ? -5.967  -33.702 7.584   1.00 82.92 ? 107 SER A N   1 
ATOM   791  C CA  . SER A 1 114 ? -5.746  -32.513 6.763   1.00 81.39 ? 107 SER A CA  1 
ATOM   792  C C   . SER A 1 114 ? -6.707  -31.382 7.153   1.00 82.17 ? 107 SER A C   1 
ATOM   793  O O   . SER A 1 114 ? -7.692  -31.609 7.865   1.00 82.25 ? 107 SER A O   1 
ATOM   794  C CB  . SER A 1 114 ? -5.880  -32.850 5.273   1.00 77.07 ? 107 SER A CB  1 
ATOM   795  O OG  . SER A 1 114 ? -7.135  -33.447 4.988   1.00 82.11 ? 107 SER A OG  1 
ATOM   796  N N   . PHE A 1 115 ? -6.418  -30.171 6.683   1.00 74.48 ? 108 PHE A N   1 
ATOM   797  C CA  . PHE A 1 115 ? -7.177  -28.994 7.098   1.00 78.11 ? 108 PHE A CA  1 
ATOM   798  C C   . PHE A 1 115 ? -6.831  -27.763 6.265   1.00 80.46 ? 108 PHE A C   1 
ATOM   799  O O   . PHE A 1 115 ? -5.751  -27.681 5.675   1.00 80.16 ? 108 PHE A O   1 
ATOM   800  C CB  . PHE A 1 115 ? -6.906  -28.703 8.575   1.00 80.04 ? 108 PHE A CB  1 
ATOM   801  C CG  . PHE A 1 115 ? -5.444  -28.691 8.924   1.00 80.03 ? 108 PHE A CG  1 
ATOM   802  C CD1 . PHE A 1 115 ? -4.689  -27.538 8.764   1.00 74.59 ? 108 PHE A CD1 1 
ATOM   803  C CD2 . PHE A 1 115 ? -4.819  -29.837 9.394   1.00 77.69 ? 108 PHE A CD2 1 
ATOM   804  C CE1 . PHE A 1 115 ? -3.341  -27.526 9.076   1.00 64.79 ? 108 PHE A CE1 1 
ATOM   805  C CE2 . PHE A 1 115 ? -3.472  -29.829 9.709   1.00 68.12 ? 108 PHE A CE2 1 
ATOM   806  C CZ  . PHE A 1 115 ? -2.733  -28.671 9.548   1.00 58.08 ? 108 PHE A CZ  1 
ATOM   807  N N   . GLU A 1 116 ? -7.757  -26.808 6.227   1.00 80.73 ? 109 GLU A N   1 
ATOM   808  C CA  . GLU A 1 116 ? -7.539  -25.534 5.545   1.00 78.01 ? 109 GLU A CA  1 
ATOM   809  C C   . GLU A 1 116 ? -6.965  -24.512 6.528   1.00 79.25 ? 109 GLU A C   1 
ATOM   810  O O   . GLU A 1 116 ? -6.723  -24.831 7.694   1.00 78.84 ? 109 GLU A O   1 
ATOM   811  C CB  . GLU A 1 116 ? -8.849  -25.029 4.925   1.00 77.94 ? 109 GLU A CB  1 
ATOM   812  C CG  . GLU A 1 116 ? -8.802  -23.623 4.325   1.00 77.69 ? 109 GLU A CG  1 
ATOM   813  C CD  . GLU A 1 116 ? -7.836  -23.495 3.160   1.00 75.25 ? 109 GLU A CD  1 
ATOM   814  O OE1 . GLU A 1 116 ? -7.236  -24.514 2.757   1.00 71.22 ? 109 GLU A OE1 1 
ATOM   815  O OE2 . GLU A 1 116 ? -7.680  -22.369 2.643   1.00 81.11 ? 109 GLU A OE2 1 
ATOM   816  N N   . THR A 1 117 ? -6.742  -23.291 6.057   1.00 80.81 ? 110 THR A N   1 
ATOM   817  C CA  . THR A 1 117 ? -6.125  -22.267 6.888   1.00 75.56 ? 110 THR A CA  1 
ATOM   818  C C   . THR A 1 117 ? -6.498  -20.854 6.431   1.00 76.26 ? 110 THR A C   1 
ATOM   819  O O   . THR A 1 117 ? -7.458  -20.668 5.679   1.00 76.77 ? 110 THR A O   1 
ATOM   820  C CB  . THR A 1 117 ? -4.593  -22.444 6.915   1.00 70.12 ? 110 THR A CB  1 
ATOM   821  O OG1 . THR A 1 117 ? -4.014  -21.554 7.878   1.00 69.87 ? 110 THR A OG1 1 
ATOM   822  C CG2 . THR A 1 117 ? -3.994  -22.186 5.532   1.00 66.59 ? 110 THR A CG2 1 
ATOM   823  N N   . LYS A 1 118 ? -5.728  -19.870 6.892   1.00 75.92 ? 111 LYS A N   1 
ATOM   824  C CA  . LYS A 1 118 ? -6.028  -18.448 6.700   1.00 73.30 ? 111 LYS A CA  1 
ATOM   825  C C   . LYS A 1 118 ? -5.965  -17.966 5.246   1.00 72.93 ? 111 LYS A C   1 
ATOM   826  O O   . LYS A 1 118 ? -5.145  -18.441 4.457   1.00 70.39 ? 111 LYS A O   1 
ATOM   827  C CB  . LYS A 1 118 ? -5.085  -17.601 7.566   1.00 69.62 ? 111 LYS A CB  1 
ATOM   828  C CG  . LYS A 1 118 ? -4.844  -16.190 7.045   1.00 64.52 ? 111 LYS A CG  1 
ATOM   829  C CD  . LYS A 1 118 ? -3.778  -15.474 7.853   1.00 57.69 ? 111 LYS A CD  1 
ATOM   830  C CE  . LYS A 1 118 ? -2.549  -16.349 8.022   1.00 62.20 ? 111 LYS A CE  1 
ATOM   831  N NZ  . LYS A 1 118 ? -1.414  -15.651 8.698   1.00 50.99 ? 111 LYS A NZ  1 
ATOM   832  N N   . HIS A 1 119 ? -6.838  -17.019 4.906   1.00 76.31 ? 112 HIS A N   1 
ATOM   833  C CA  . HIS A 1 119 ? -6.800  -16.346 3.605   1.00 76.92 ? 112 HIS A CA  1 
ATOM   834  C C   . HIS A 1 119 ? -7.519  -14.989 3.643   1.00 77.64 ? 112 HIS A C   1 
ATOM   835  O O   . HIS A 1 119 ? -8.732  -14.926 3.856   1.00 78.99 ? 112 HIS A O   1 
ATOM   836  C CB  . HIS A 1 119 ? -7.366  -17.244 2.498   1.00 73.82 ? 112 HIS A CB  1 
ATOM   837  C CG  . HIS A 1 119 ? -8.626  -17.961 2.876   1.00 80.34 ? 112 HIS A CG  1 
ATOM   838  N ND1 . HIS A 1 119 ? -9.832  -17.313 3.045   1.00 80.73 ? 112 HIS A ND1 1 
ATOM   839  C CD2 . HIS A 1 119 ? -8.869  -19.273 3.108   1.00 80.84 ? 112 HIS A CD2 1 
ATOM   840  C CE1 . HIS A 1 119 ? -10.762 -18.196 3.368   1.00 81.96 ? 112 HIS A CE1 1 
ATOM   841  N NE2 . HIS A 1 119 ? -10.203 -19.393 3.413   1.00 79.75 ? 112 HIS A NE2 1 
ATOM   842  N N   . LYS A 1 120 ? -6.766  -13.910 3.437   1.00 72.93 ? 113 LYS A N   1 
ATOM   843  C CA  . LYS A 1 120 ? -7.316  -12.558 3.556   1.00 75.77 ? 113 LYS A CA  1 
ATOM   844  C C   . LYS A 1 120 ? -6.665  -11.514 2.637   1.00 75.74 ? 113 LYS A C   1 
ATOM   845  O O   . LYS A 1 120 ? -5.989  -10.603 3.120   1.00 70.72 ? 113 LYS A O   1 
ATOM   846  C CB  . LYS A 1 120 ? -7.250  -12.077 5.012   1.00 75.25 ? 113 LYS A CB  1 
ATOM   847  C CG  . LYS A 1 120 ? -8.287  -12.705 5.938   1.00 76.96 ? 113 LYS A CG  1 
ATOM   848  C CD  . LYS A 1 120 ? -8.220  -12.108 7.338   1.00 69.84 ? 113 LYS A CD  1 
ATOM   849  C CE  . LYS A 1 120 ? -6.921  -12.478 8.041   1.00 71.67 ? 113 LYS A CE  1 
ATOM   850  N NZ  . LYS A 1 120 ? -6.758  -11.751 9.335   1.00 66.22 ? 113 LYS A NZ  1 
ATOM   851  N N   . CYS A 1 121 ? -6.893  -11.633 1.327   1.00 79.59 ? 114 CYS A N   1 
ATOM   852  C CA  . CYS A 1 121 ? -6.312  -10.705 0.346   1.00 80.02 ? 114 CYS A CA  1 
ATOM   853  C C   . CYS A 1 121 ? -6.518  -11.175 -1.102  1.00 83.11 ? 114 CYS A C   1 
ATOM   854  O O   . CYS A 1 121 ? -5.792  -12.054 -1.573  1.00 83.47 ? 114 CYS A O   1 
ATOM   855  C CB  . CYS A 1 121 ? -4.812  -10.547 0.607   1.00 73.93 ? 114 CYS A CB  1 
ATOM   856  S SG  . CYS A 1 121 ? -4.018  -9.157  -0.224  1.00 77.46 ? 114 CYS A SG  1 
ATOM   857  N N   . ASN A 1 122 ? -7.481  -10.583 -1.812  1.00 82.53 ? 115 ASN A N   1 
ATOM   858  C CA  . ASN A 1 122 ? -7.797  -11.017 -3.181  1.00 79.39 ? 115 ASN A CA  1 
ATOM   859  C C   . ASN A 1 122 ? -7.732  -9.925  -4.252  1.00 79.85 ? 115 ASN A C   1 
ATOM   860  O O   . ASN A 1 122 ? -7.883  -8.734  -3.965  1.00 81.04 ? 115 ASN A O   1 
ATOM   861  C CB  . ASN A 1 122 ? -9.166  -11.715 -3.229  1.00 73.79 ? 115 ASN A CB  1 
ATOM   862  C CG  . ASN A 1 122 ? -9.573  -12.121 -4.642  1.00 67.64 ? 115 ASN A CG  1 
ATOM   863  O OD1 . ASN A 1 122 ? -10.148 -11.328 -5.390  1.00 63.79 ? 115 ASN A OD1 1 
ATOM   864  N ND2 . ASN A 1 122 ? -9.282  -13.364 -5.008  1.00 69.21 ? 115 ASN A ND2 1 
ATOM   865  N N   . GLN A 1 123 ? -7.511  -10.362 -5.491  1.00 81.19 ? 116 GLN A N   1 
ATOM   866  C CA  . GLN A 1 123 ? -7.471  -9.490  -6.667  1.00 79.54 ? 116 GLN A CA  1 
ATOM   867  C C   . GLN A 1 123 ? -6.285  -8.534  -6.675  1.00 81.24 ? 116 GLN A C   1 
ATOM   868  O O   . GLN A 1 123 ? -5.201  -8.886  -7.138  1.00 83.56 ? 116 GLN A O   1 
ATOM   869  C CB  . GLN A 1 123 ? -8.779  -8.710  -6.843  1.00 70.54 ? 116 GLN A CB  1 
ATOM   870  C CG  . GLN A 1 123 ? -8.764  -7.776  -8.055  1.00 67.74 ? 116 GLN A CG  1 
ATOM   871  C CD  . GLN A 1 123 ? -8.363  -8.483  -9.347  1.00 66.45 ? 116 GLN A CD  1 
ATOM   872  O OE1 . GLN A 1 123 ? -8.453  -9.710  -9.457  1.00 59.10 ? 116 GLN A OE1 1 
ATOM   873  N NE2 . GLN A 1 123 ? -7.917  -7.707  -10.332 1.00 64.32 ? 116 GLN A NE2 1 
ATOM   874  N N   . THR A 1 124 ? -6.502  -7.319  -6.180  1.00 81.62 ? 117 THR A N   1 
ATOM   875  C CA  . THR A 1 124 ? -5.455  -6.306  -6.148  1.00 81.08 ? 117 THR A CA  1 
ATOM   876  C C   . THR A 1 124 ? -4.254  -6.772  -5.319  1.00 82.17 ? 117 THR A C   1 
ATOM   877  O O   . THR A 1 124 ? -3.133  -6.302  -5.519  1.00 80.54 ? 117 THR A O   1 
ATOM   878  C CB  . THR A 1 124 ? -5.995  -4.953  -5.637  1.00 79.68 ? 117 THR A CB  1 
ATOM   879  O OG1 . THR A 1 124 ? -6.950  -5.183  -4.590  1.00 79.33 ? 117 THR A OG1 1 
ATOM   880  C CG2 . THR A 1 124 ? -6.668  -4.185  -6.768  1.00 66.60 ? 117 THR A CG2 1 
ATOM   881  N N   . CYS A 1 125 ? -4.490  -7.704  -4.400  1.00 82.68 ? 118 CYS A N   1 
ATOM   882  C CA  . CYS A 1 125 ? -3.406  -8.305  -3.628  1.00 78.33 ? 118 CYS A CA  1 
ATOM   883  C C   . CYS A 1 125 ? -2.334  -8.811  -4.590  1.00 81.16 ? 118 CYS A C   1 
ATOM   884  O O   . CYS A 1 125 ? -1.136  -8.634  -4.359  1.00 78.22 ? 118 CYS A O   1 
ATOM   885  C CB  . CYS A 1 125 ? -3.936  -9.457  -2.766  1.00 79.33 ? 118 CYS A CB  1 
ATOM   886  S SG  . CYS A 1 125 ? -2.775  -10.115 -1.517  1.00 72.29 ? 118 CYS A SG  1 
ATOM   887  N N   . LEU A 1 126 ? -2.787  -9.430  -5.677  1.00 82.36 ? 119 LEU A N   1 
ATOM   888  C CA  . LEU A 1 126 ? -1.909  -9.943  -6.726  1.00 85.06 ? 119 LEU A CA  1 
ATOM   889  C C   . LEU A 1 126 ? -1.889  -9.011  -7.942  1.00 85.49 ? 119 LEU A C   1 
ATOM   890  O O   . LEU A 1 126 ? -1.157  -9.248  -8.908  1.00 81.93 ? 119 LEU A O   1 
ATOM   891  C CB  . LEU A 1 126 ? -2.357  -11.357 -7.126  1.00 81.60 ? 119 LEU A CB  1 
ATOM   892  C CG  . LEU A 1 126 ? -1.703  -12.075 -8.309  1.00 86.67 ? 119 LEU A CG  1 
ATOM   893  C CD1 . LEU A 1 126 ? -1.655  -13.573 -8.050  1.00 83.43 ? 119 LEU A CD1 1 
ATOM   894  C CD2 . LEU A 1 126 ? -2.455  -11.784 -9.605  1.00 86.72 ? 119 LEU A CD2 1 
ATOM   895  N N   . ASP A 1 127 ? -2.681  -7.942  -7.876  1.00 84.99 ? 120 ASP A N   1 
ATOM   896  C CA  . ASP A 1 127 ? -2.871  -7.043  -9.016  1.00 81.52 ? 120 ASP A CA  1 
ATOM   897  C C   . ASP A 1 127 ? -2.262  -5.663  -8.779  1.00 77.71 ? 120 ASP A C   1 
ATOM   898  O O   . ASP A 1 127 ? -1.773  -5.027  -9.712  1.00 79.78 ? 120 ASP A O   1 
ATOM   899  C CB  . ASP A 1 127 ? -4.363  -6.909  -9.339  1.00 79.64 ? 120 ASP A CB  1 
ATOM   900  C CG  . ASP A 1 127 ? -4.618  -6.334  -10.724 1.00 83.01 ? 120 ASP A CG  1 
ATOM   901  O OD1 . ASP A 1 127 ? -3.900  -5.388  -11.129 1.00 80.02 ? 120 ASP A OD1 1 
ATOM   902  O OD2 . ASP A 1 127 ? -5.546  -6.830  -11.407 1.00 76.71 ? 120 ASP A OD2 1 
ATOM   903  N N   . ARG A 1 128 ? -2.290  -5.202  -7.535  1.00 77.56 ? 121 ARG A N   1 
ATOM   904  C CA  . ARG A 1 128 ? -1.704  -3.909  -7.189  1.00 75.53 ? 121 ARG A CA  1 
ATOM   905  C C   . ARG A 1 128 ? -0.187  -3.890  -7.401  1.00 75.74 ? 121 ARG A C   1 
ATOM   906  O O   . ARG A 1 128 ? 0.338   -3.020  -8.089  1.00 75.51 ? 121 ARG A O   1 
ATOM   907  C CB  . ARG A 1 128 ? -2.023  -3.539  -5.739  1.00 71.63 ? 121 ARG A CB  1 
ATOM   908  C CG  . ARG A 1 128 ? -3.361  -2.826  -5.537  1.00 67.19 ? 121 ARG A CG  1 
ATOM   909  C CD  . ARG A 1 128 ? -3.286  -1.371  -5.954  1.00 59.96 ? 121 ARG A CD  1 
ATOM   910  N NE  . ARG A 1 128 ? -4.270  -0.560  -5.245  1.00 60.07 ? 121 ARG A NE  1 
ATOM   911  C CZ  . ARG A 1 128 ? -4.570  0.697   -5.554  1.00 56.26 ? 121 ARG A CZ  1 
ATOM   912  N NH1 . ARG A 1 128 ? -3.969  1.295   -6.573  1.00 53.33 ? 121 ARG A NH1 1 
ATOM   913  N NH2 . ARG A 1 128 ? -5.481  1.357   -4.849  1.00 52.56 ? 121 ARG A NH2 1 
ATOM   914  N N   . ILE A 1 129 ? 0.517   -4.849  -6.810  1.00 76.60 ? 122 ILE A N   1 
ATOM   915  C CA  . ILE A 1 129 ? 1.982   -4.845  -6.841  1.00 73.76 ? 122 ILE A CA  1 
ATOM   916  C C   . ILE A 1 129 ? 2.571   -5.572  -8.057  1.00 79.32 ? 122 ILE A C   1 
ATOM   917  O O   . ILE A 1 129 ? 3.518   -5.085  -8.676  1.00 80.54 ? 122 ILE A O   1 
ATOM   918  C CB  . ILE A 1 129 ? 2.571   -5.438  -5.539  1.00 62.84 ? 122 ILE A CB  1 
ATOM   919  C CG1 . ILE A 1 129 ? 1.678   -5.088  -4.341  1.00 59.34 ? 122 ILE A CG1 1 
ATOM   920  C CG2 . ILE A 1 129 ? 4.005   -4.952  -5.325  1.00 58.48 ? 122 ILE A CG2 1 
ATOM   921  C CD1 . ILE A 1 129 ? 2.238   -5.523  -2.999  1.00 50.94 ? 122 ILE A CD1 1 
ATOM   922  N N   . ALA A 1 130 ? 2.014   -6.734  -8.393  1.00 79.76 ? 123 ALA A N   1 
ATOM   923  C CA  . ALA A 1 130 ? 2.491   -7.498  -9.549  1.00 85.61 ? 123 ALA A CA  1 
ATOM   924  C C   . ALA A 1 130 ? 2.026   -6.899  -10.879 1.00 85.74 ? 123 ALA A C   1 
ATOM   925  O O   . ALA A 1 130 ? 0.886   -7.108  -11.297 1.00 86.52 ? 123 ALA A O   1 
ATOM   926  C CB  . ALA A 1 130 ? 2.065   -8.962  -9.443  1.00 85.82 ? 123 ALA A CB  1 
ATOM   927  N N   . ALA A 1 131 ? 2.920   -6.165  -11.538 1.00 87.64 ? 124 ALA A N   1 
ATOM   928  C CA  . ALA A 1 131 ? 2.635   -5.544  -12.835 1.00 90.42 ? 124 ALA A CA  1 
ATOM   929  C C   . ALA A 1 131 ? 1.582   -4.439  -12.746 1.00 88.94 ? 124 ALA A C   1 
ATOM   930  O O   . ALA A 1 131 ? 0.477   -4.579  -13.278 1.00 90.46 ? 124 ALA A O   1 
ATOM   931  C CB  . ALA A 1 131 ? 2.222   -6.603  -13.865 1.00 88.51 ? 124 ALA A CB  1 
ATOM   932  N N   . GLY A 1 132 ? 1.933   -3.340  -12.083 1.00 85.36 ? 125 GLY A N   1 
ATOM   933  C CA  . GLY A 1 132 ? 1.023   -2.218  -11.925 1.00 81.29 ? 125 GLY A CA  1 
ATOM   934  C C   . GLY A 1 132 ? 1.654   -0.888  -12.291 1.00 81.51 ? 125 GLY A C   1 
ATOM   935  O O   . GLY A 1 132 ? 2.572   -0.422  -11.612 1.00 81.28 ? 125 GLY A O   1 
ATOM   936  N N   . THR A 1 133 ? 1.157   -0.278  -13.365 1.00 82.64 ? 126 THR A N   1 
ATOM   937  C CA  . THR A 1 133 ? 1.696   0.988   -13.865 1.00 81.61 ? 126 THR A CA  1 
ATOM   938  C C   . THR A 1 133 ? 1.622   2.102   -12.817 1.00 79.95 ? 126 THR A C   1 
ATOM   939  O O   . THR A 1 133 ? 0.531   2.509   -12.402 1.00 76.77 ? 126 THR A O   1 
ATOM   940  C CB  . THR A 1 133 ? 0.968   1.449   -15.153 1.00 81.21 ? 126 THR A CB  1 
ATOM   941  O OG1 . THR A 1 133 ? 0.994   0.396   -16.128 1.00 85.85 ? 126 THR A OG1 1 
ATOM   942  C CG2 . THR A 1 133 ? 1.633   2.694   -15.733 1.00 72.23 ? 126 THR A CG2 1 
ATOM   943  N N   . PHE A 1 134 ? 2.788   2.593   -12.398 1.00 77.19 ? 127 PHE A N   1 
ATOM   944  C CA  . PHE A 1 134 ? 2.855   3.633   -11.377 1.00 71.87 ? 127 PHE A CA  1 
ATOM   945  C C   . PHE A 1 134 ? 3.263   4.976   -11.967 1.00 70.14 ? 127 PHE A C   1 
ATOM   946  O O   . PHE A 1 134 ? 4.406   5.163   -12.384 1.00 69.28 ? 127 PHE A O   1 
ATOM   947  C CB  . PHE A 1 134 ? 3.813   3.232   -10.246 1.00 68.25 ? 127 PHE A CB  1 
ATOM   948  C CG  . PHE A 1 134 ? 3.725   4.120   -9.027  1.00 64.53 ? 127 PHE A CG  1 
ATOM   949  C CD1 . PHE A 1 134 ? 2.607   4.084   -8.201  1.00 61.10 ? 127 PHE A CD1 1 
ATOM   950  C CD2 . PHE A 1 134 ? 4.765   4.982   -8.701  1.00 64.24 ? 127 PHE A CD2 1 
ATOM   951  C CE1 . PHE A 1 134 ? 2.523   4.901   -7.079  1.00 52.21 ? 127 PHE A CE1 1 
ATOM   952  C CE2 . PHE A 1 134 ? 4.687   5.800   -7.578  1.00 55.12 ? 127 PHE A CE2 1 
ATOM   953  C CZ  . PHE A 1 134 ? 3.564   5.757   -6.769  1.00 50.67 ? 127 PHE A CZ  1 
ATOM   954  N N   . ASN A 1 135 ? 2.312   5.905   -11.998 1.00 74.08 ? 128 ASN A N   1 
ATOM   955  C CA  . ASN A 1 135 ? 2.563   7.267   -12.460 1.00 75.86 ? 128 ASN A CA  1 
ATOM   956  C C   . ASN A 1 135 ? 3.776   7.889   -11.769 1.00 74.77 ? 128 ASN A C   1 
ATOM   957  O O   . ASN A 1 135 ? 3.857   7.910   -10.537 1.00 71.51 ? 128 ASN A O   1 
ATOM   958  C CB  . ASN A 1 135 ? 1.319   8.141   -12.252 1.00 70.86 ? 128 ASN A CB  1 
ATOM   959  C CG  . ASN A 1 135 ? 0.777   8.065   -10.828 1.00 71.67 ? 128 ASN A CG  1 
ATOM   960  O OD1 . ASN A 1 135 ? 0.181   7.059   -10.431 1.00 62.87 ? 128 ASN A OD1 1 
ATOM   961  N ND2 . ASN A 1 135 ? 0.973   9.137   -10.057 1.00 68.35 ? 128 ASN A ND2 1 
ATOM   962  N N   . ALA A 1 136 ? 4.718   8.388   -12.568 1.00 72.19 ? 129 ALA A N   1 
ATOM   963  C CA  . ALA A 1 136 ? 5.940   8.977   -12.030 1.00 71.58 ? 129 ALA A CA  1 
ATOM   964  C C   . ALA A 1 136 ? 5.682   10.380  -11.483 1.00 73.90 ? 129 ALA A C   1 
ATOM   965  O O   . ALA A 1 136 ? 4.635   10.643  -10.881 1.00 74.53 ? 129 ALA A O   1 
ATOM   966  C CB  . ALA A 1 136 ? 7.047   8.997   -13.085 1.00 69.30 ? 129 ALA A CB  1 
ATOM   967  N N   . GLY A 1 137 ? 6.634   11.281  -11.699 1.00 70.55 ? 130 GLY A N   1 
ATOM   968  C CA  . GLY A 1 137 ? 6.545   12.613  -11.136 1.00 64.19 ? 130 GLY A CA  1 
ATOM   969  C C   . GLY A 1 137 ? 6.853   13.751  -12.090 1.00 65.03 ? 130 GLY A C   1 
ATOM   970  O O   . GLY A 1 137 ? 7.856   14.454  -11.928 1.00 60.33 ? 130 GLY A O   1 
ATOM   971  N N   . GLU A 1 138 ? 5.991   13.935  -13.085 1.00 65.91 ? 131 GLU A N   1 
ATOM   972  C CA  . GLU A 1 138 ? 6.053   15.130  -13.914 1.00 68.47 ? 131 GLU A CA  1 
ATOM   973  C C   . GLU A 1 138 ? 5.144   16.199  -13.322 1.00 62.52 ? 131 GLU A C   1 
ATOM   974  O O   . GLU A 1 138 ? 3.939   16.211  -13.574 1.00 65.17 ? 131 GLU A O   1 
ATOM   975  C CB  . GLU A 1 138 ? 5.625   14.838  -15.352 1.00 69.90 ? 131 GLU A CB  1 
ATOM   976  C CG  . GLU A 1 138 ? 5.700   16.063  -16.257 1.00 70.80 ? 131 GLU A CG  1 
ATOM   977  C CD  . GLU A 1 138 ? 4.868   15.921  -17.520 1.00 79.18 ? 131 GLU A CD  1 
ATOM   978  O OE1 . GLU A 1 138 ? 4.975   16.801  -18.402 1.00 81.35 ? 131 GLU A OE1 1 
ATOM   979  O OE2 . GLU A 1 138 ? 4.105   14.938  -17.629 1.00 79.28 ? 131 GLU A OE2 1 
ATOM   980  N N   . PHE A 1 139 ? 5.720   17.087  -12.521 1.00 56.59 ? 132 PHE A N   1 
ATOM   981  C CA  . PHE A 1 139 ? 4.950   18.174  -11.925 1.00 52.60 ? 132 PHE A CA  1 
ATOM   982  C C   . PHE A 1 139 ? 5.390   19.508  -12.484 1.00 46.39 ? 132 PHE A C   1 
ATOM   983  O O   . PHE A 1 139 ? 6.580   19.755  -12.668 1.00 47.04 ? 132 PHE A O   1 
ATOM   984  C CB  . PHE A 1 139 ? 5.090   18.171  -10.403 1.00 48.25 ? 132 PHE A CB  1 
ATOM   985  C CG  . PHE A 1 139 ? 4.519   16.948  -9.754  1.00 48.33 ? 132 PHE A CG  1 
ATOM   986  C CD1 . PHE A 1 139 ? 3.189   16.910  -9.370  1.00 44.03 ? 132 PHE A CD1 1 
ATOM   987  C CD2 . PHE A 1 139 ? 5.303   15.826  -9.550  1.00 48.45 ? 132 PHE A CD2 1 
ATOM   988  C CE1 . PHE A 1 139 ? 2.657   15.782  -8.783  1.00 40.32 ? 132 PHE A CE1 1 
ATOM   989  C CE2 . PHE A 1 139 ? 4.773   14.691  -8.962  1.00 46.80 ? 132 PHE A CE2 1 
ATOM   990  C CZ  . PHE A 1 139 ? 3.452   14.672  -8.580  1.00 42.55 ? 132 PHE A CZ  1 
ATOM   991  N N   . SER A 1 140 ? 4.420   20.368  -12.764 1.00 45.04 ? 133 SER A N   1 
ATOM   992  C CA  . SER A 1 140 ? 4.731   21.703  -13.233 1.00 46.55 ? 133 SER A CA  1 
ATOM   993  C C   . SER A 1 140 ? 3.800   22.734  -12.619 1.00 46.90 ? 133 SER A C   1 
ATOM   994  O O   . SER A 1 140 ? 2.700   22.418  -12.159 1.00 43.39 ? 133 SER A O   1 
ATOM   995  C CB  . SER A 1 140 ? 4.678   21.780  -14.761 1.00 47.11 ? 133 SER A CB  1 
ATOM   996  O OG  . SER A 1 140 ? 3.341   21.767  -15.227 1.00 54.97 ? 133 SER A OG  1 
ATOM   997  N N   . LEU A 1 141 ? 4.278   23.970  -12.604 1.00 47.25 ? 134 LEU A N   1 
ATOM   998  C CA  . LEU A 1 141 ? 3.509   25.104  -12.147 1.00 45.70 ? 134 LEU A CA  1 
ATOM   999  C C   . LEU A 1 141 ? 3.785   26.229  -13.123 1.00 51.22 ? 134 LEU A C   1 
ATOM   1000 O O   . LEU A 1 141 ? 4.865   26.284  -13.720 1.00 48.62 ? 134 LEU A O   1 
ATOM   1001 C CB  . LEU A 1 141 ? 3.932   25.512  -10.735 1.00 44.22 ? 134 LEU A CB  1 
ATOM   1002 C CG  . LEU A 1 141 ? 3.408   24.636  -9.597  1.00 41.84 ? 134 LEU A CG  1 
ATOM   1003 C CD1 . LEU A 1 141 ? 4.057   25.035  -8.277  1.00 38.32 ? 134 LEU A CD1 1 
ATOM   1004 C CD2 . LEU A 1 141 ? 1.891   24.746  -9.515  1.00 40.13 ? 134 LEU A CD2 1 
ATOM   1005 N N   . PRO A 1 142 ? 2.806   27.131  -13.294 1.00 49.41 ? 135 PRO A N   1 
ATOM   1006 C CA  . PRO A 1 142 ? 2.957   28.241  -14.233 1.00 49.43 ? 135 PRO A CA  1 
ATOM   1007 C C   . PRO A 1 142 ? 3.904   29.313  -13.703 1.00 51.81 ? 135 PRO A C   1 
ATOM   1008 O O   . PRO A 1 142 ? 4.066   29.470  -12.494 1.00 49.58 ? 135 PRO A O   1 
ATOM   1009 C CB  . PRO A 1 142 ? 1.539   28.813  -14.312 1.00 49.12 ? 135 PRO A CB  1 
ATOM   1010 C CG  . PRO A 1 142 ? 0.963   28.535  -12.971 1.00 45.54 ? 135 PRO A CG  1 
ATOM   1011 C CD  . PRO A 1 142 ? 1.515   27.182  -12.586 1.00 44.36 ? 135 PRO A CD  1 
ATOM   1012 N N   . THR A 1 143 ? 4.528   30.038  -14.623 1.00 57.44 ? 136 THR A N   1 
ATOM   1013 C CA  . THR A 1 143 ? 5.194   31.288  -14.296 1.00 54.98 ? 136 THR A CA  1 
ATOM   1014 C C   . THR A 1 143 ? 4.411   32.402  -14.982 1.00 52.90 ? 136 THR A C   1 
ATOM   1015 O O   . THR A 1 143 ? 3.700   32.156  -15.959 1.00 52.49 ? 136 THR A O   1 
ATOM   1016 C CB  . THR A 1 143 ? 6.649   31.291  -14.770 1.00 56.29 ? 136 THR A CB  1 
ATOM   1017 O OG1 . THR A 1 143 ? 6.695   30.918  -16.153 1.00 57.40 ? 136 THR A OG1 1 
ATOM   1018 C CG2 . THR A 1 143 ? 7.474   30.301  -13.952 1.00 52.86 ? 136 THR A CG2 1 
ATOM   1019 N N   . PHE A 1 144 ? 4.530   33.622  -14.472 1.00 52.05 ? 137 PHE A N   1 
ATOM   1020 C CA  . PHE A 1 144 ? 3.670   34.705  -14.923 1.00 51.09 ? 137 PHE A CA  1 
ATOM   1021 C C   . PHE A 1 144 ? 4.456   35.943  -15.324 1.00 54.15 ? 137 PHE A C   1 
ATOM   1022 O O   . PHE A 1 144 ? 5.577   36.155  -14.871 1.00 52.67 ? 137 PHE A O   1 
ATOM   1023 C CB  . PHE A 1 144 ? 2.669   35.056  -13.825 1.00 50.24 ? 137 PHE A CB  1 
ATOM   1024 C CG  . PHE A 1 144 ? 1.920   33.866  -13.291 1.00 50.80 ? 137 PHE A CG  1 
ATOM   1025 C CD1 . PHE A 1 144 ? 0.775   33.412  -13.922 1.00 46.82 ? 137 PHE A CD1 1 
ATOM   1026 C CD2 . PHE A 1 144 ? 2.363   33.201  -12.160 1.00 48.39 ? 137 PHE A CD2 1 
ATOM   1027 C CE1 . PHE A 1 144 ? 0.083   32.321  -13.435 1.00 46.65 ? 137 PHE A CE1 1 
ATOM   1028 C CE2 . PHE A 1 144 ? 1.678   32.108  -11.669 1.00 46.47 ? 137 PHE A CE2 1 
ATOM   1029 C CZ  . PHE A 1 144 ? 0.536   31.668  -12.305 1.00 47.69 ? 137 PHE A CZ  1 
ATOM   1030 N N   . ASP A 1 145 ? 3.853   36.759  -16.183 1.00 62.40 ? 138 ASP A N   1 
ATOM   1031 C CA  . ASP A 1 145 ? 4.468   38.004  -16.625 1.00 62.27 ? 138 ASP A CA  1 
ATOM   1032 C C   . ASP A 1 145 ? 3.912   39.177  -15.830 1.00 58.76 ? 138 ASP A C   1 
ATOM   1033 O O   . ASP A 1 145 ? 2.800   39.109  -15.306 1.00 58.48 ? 138 ASP A O   1 
ATOM   1034 C CB  . ASP A 1 145 ? 4.208   38.232  -18.117 1.00 67.73 ? 138 ASP A CB  1 
ATOM   1035 C CG  . ASP A 1 145 ? 4.731   37.101  -18.986 1.00 72.87 ? 138 ASP A CG  1 
ATOM   1036 O OD1 . ASP A 1 145 ? 5.895   36.684  -18.795 1.00 76.48 ? 138 ASP A OD1 1 
ATOM   1037 O OD2 . ASP A 1 145 ? 3.975   36.628  -19.861 1.00 74.06 ? 138 ASP A OD2 1 
ATOM   1038 N N   . SER A 1 146 ? 4.690   40.251  -15.746 1.00 64.27 ? 139 SER A N   1 
ATOM   1039 C CA  . SER A 1 146 ? 4.235   41.477  -15.096 1.00 65.95 ? 139 SER A CA  1 
ATOM   1040 C C   . SER A 1 146 ? 3.593   42.413  -16.112 1.00 66.34 ? 139 SER A C   1 
ATOM   1041 O O   . SER A 1 146 ? 4.009   42.465  -17.269 1.00 66.71 ? 139 SER A O   1 
ATOM   1042 C CB  . SER A 1 146 ? 5.397   42.190  -14.405 1.00 64.80 ? 139 SER A CB  1 
ATOM   1043 O OG  . SER A 1 146 ? 4.976   43.430  -13.856 1.00 65.34 ? 139 SER A OG  1 
ATOM   1044 N N   . LEU A 1 147 ? 2.578   43.152  -15.674 1.00 71.00 ? 140 LEU A N   1 
ATOM   1045 C CA  . LEU A 1 147 ? 1.895   44.109  -16.540 1.00 70.75 ? 140 LEU A CA  1 
ATOM   1046 C C   . LEU A 1 147 ? 2.588   45.470  -16.550 1.00 70.11 ? 140 LEU A C   1 
ATOM   1047 O O   . LEU A 1 147 ? 3.043   45.959  -15.514 1.00 65.56 ? 140 LEU A O   1 
ATOM   1048 C CB  . LEU A 1 147 ? 0.433   44.272  -16.118 1.00 65.72 ? 140 LEU A CB  1 
ATOM   1049 C CG  . LEU A 1 147 ? -0.507  43.107  -16.428 1.00 66.97 ? 140 LEU A CG  1 
ATOM   1050 C CD1 . LEU A 1 147 ? -1.907  43.405  -15.915 1.00 66.90 ? 140 LEU A CD1 1 
ATOM   1051 C CD2 . LEU A 1 147 ? -0.536  42.814  -17.923 1.00 70.14 ? 140 LEU A CD2 1 
ATOM   1052 N N   . ASN A 1 148 ? 2.667   46.073  -17.730 1.00 71.04 ? 141 ASN A N   1 
ATOM   1053 C CA  . ASN A 1 148 ? 3.210   47.415  -17.857 1.00 74.48 ? 141 ASN A CA  1 
ATOM   1054 C C   . ASN A 1 148 ? 2.158   48.443  -17.480 1.00 75.59 ? 141 ASN A C   1 
ATOM   1055 O O   . ASN A 1 148 ? 1.220   48.686  -18.239 1.00 79.52 ? 141 ASN A O   1 
ATOM   1056 C CB  . ASN A 1 148 ? 3.695   47.668  -19.283 1.00 76.19 ? 141 ASN A CB  1 
ATOM   1057 C CG  . ASN A 1 148 ? 4.627   46.582  -19.780 1.00 80.19 ? 141 ASN A CG  1 
ATOM   1058 O OD1 . ASN A 1 148 ? 5.284   45.903  -18.990 1.00 80.24 ? 141 ASN A OD1 1 
ATOM   1059 N ND2 . ASN A 1 148 ? 4.689   46.409  -21.097 1.00 78.09 ? 141 ASN A ND2 1 
ATOM   1060 N N   . ILE A 1 149 ? 2.307   49.038  -16.300 1.00 72.48 ? 142 ILE A N   1 
ATOM   1061 C CA  . ILE A 1 149 ? 1.400   50.093  -15.872 1.00 76.36 ? 142 ILE A CA  1 
ATOM   1062 C C   . ILE A 1 149 ? 1.740   51.399  -16.588 1.00 76.53 ? 142 ILE A C   1 
ATOM   1063 O O   . ILE A 1 149 ? 2.839   51.935  -16.446 1.00 76.62 ? 142 ILE A O   1 
ATOM   1064 C CB  . ILE A 1 149 ? 1.428   50.289  -14.346 1.00 74.89 ? 142 ILE A CB  1 
ATOM   1065 C CG1 . ILE A 1 149 ? 2.853   50.545  -13.863 1.00 72.82 ? 142 ILE A CG1 1 
ATOM   1066 C CG2 . ILE A 1 149 ? 0.861   49.065  -13.646 1.00 75.72 ? 142 ILE A CG2 1 
ATOM   1067 C CD1 . ILE A 1 149 ? 2.971   50.652  -12.367 1.00 74.94 ? 142 ILE A CD1 1 
ATOM   1068 N N   . THR A 1 150 ? 0.792   51.896  -17.370 1.00 73.49 ? 143 THR A N   1 
ATOM   1069 C CA  . THR A 1 150 ? 1.017   53.090  -18.171 1.00 76.20 ? 143 THR A CA  1 
ATOM   1070 C C   . THR A 1 150 ? 0.562   54.349  -17.443 1.00 78.26 ? 143 THR A C   1 
ATOM   1071 O O   . THR A 1 150 ? -0.490  54.361  -16.806 1.00 75.85 ? 143 THR A O   1 
ATOM   1072 C CB  . THR A 1 150 ? 0.285   52.991  -19.515 1.00 77.98 ? 143 THR A CB  1 
ATOM   1073 O OG1 . THR A 1 150 ? -1.099  52.699  -19.280 1.00 73.35 ? 143 THR A OG1 1 
ATOM   1074 C CG2 . THR A 1 150 ? 0.896   51.886  -20.368 1.00 77.31 ? 143 THR A CG2 1 
ATOM   1075 N N   . ALA A 1 151 ? 1.361   55.407  -17.544 1.00 79.75 ? 144 ALA A N   1 
ATOM   1076 C CA  . ALA A 1 151 ? 1.053   56.664  -16.874 1.00 80.24 ? 144 ALA A CA  1 
ATOM   1077 C C   . ALA A 1 151 ? -0.196  57.311  -17.462 1.00 79.90 ? 144 ALA A C   1 
ATOM   1078 O O   . ALA A 1 151 ? -0.519  57.102  -18.632 1.00 78.91 ? 144 ALA A O   1 
ATOM   1079 C CB  . ALA A 1 151 ? 2.235   57.617  -16.961 1.00 77.64 ? 144 ALA A CB  1 
ATOM   1080 N N   . ALA A 1 152 ? -0.888  58.097  -16.642 1.00 78.61 ? 145 ALA A N   1 
ATOM   1081 C CA  . ALA A 1 152 ? -2.093  58.799  -17.076 1.00 85.38 ? 145 ALA A CA  1 
ATOM   1082 C C   . ALA A 1 152 ? -1.756  60.087  -17.830 1.00 83.01 ? 145 ALA A C   1 
ATOM   1083 O O   . ALA A 1 152 ? -1.974  60.191  -19.041 1.00 79.19 ? 145 ALA A O   1 
ATOM   1084 C CB  . ALA A 1 152 ? -2.993  59.099  -15.880 1.00 82.36 ? 145 ALA A CB  1 
HETATM 1085 O O   . HOH B 2 .   ? 6.607   -33.661 23.562  1.00 40.89 ? 201 HOH A O   1 
HETATM 1086 O O   . HOH B 2 .   ? -5.721  11.932  -6.444  1.00 38.03 ? 202 HOH A O   1 
HETATM 1087 O O   . HOH B 2 .   ? -8.935  17.144  -7.273  1.00 37.41 ? 203 HOH A O   1 
HETATM 1088 O O   . HOH B 2 .   ? 8.260   -28.595 9.869   1.00 29.28 ? 204 HOH A O   1 
HETATM 1089 O O   . HOH B 2 .   ? 0.717   -15.436 -0.309  1.00 44.22 ? 205 HOH A O   1 
HETATM 1090 O O   . HOH B 2 .   ? -0.153  -30.377 19.227  1.00 46.89 ? 206 HOH A O   1 
HETATM 1091 O O   . HOH B 2 .   ? 4.634   -38.108 17.908  1.00 42.08 ? 207 HOH A O   1 
HETATM 1092 O O   . HOH B 2 .   ? 4.282   -13.814 8.924   1.00 40.67 ? 208 HOH A O   1 
HETATM 1093 O O   . HOH B 2 .   ? 3.124   24.112  -16.143 1.00 53.57 ? 209 HOH A O   1 
HETATM 1094 O O   . HOH B 2 .   ? 5.546   9.711   -8.549  1.00 59.57 ? 210 HOH A O   1 
HETATM 1095 O O   . HOH B 2 .   ? 6.158   -29.061 23.494  1.00 35.53 ? 211 HOH A O   1 
HETATM 1096 O O   . HOH B 2 .   ? 6.883   -31.049 25.153  1.00 42.26 ? 212 HOH A O   1 
HETATM 1097 O O   . HOH B 2 .   ? 5.871   -41.490 24.264  1.00 51.91 ? 213 HOH A O   1 
HETATM 1098 O O   . HOH B 2 .   ? -2.846  15.610  -15.091 1.00 53.02 ? 214 HOH A O   1 
HETATM 1099 O O   . HOH B 2 .   ? 7.028   -30.905 8.449   1.00 34.17 ? 215 HOH A O   1 
HETATM 1100 O O   . HOH B 2 .   ? -5.226  4.168   -3.915  1.00 48.00 ? 216 HOH A O   1 
HETATM 1101 O O   . HOH B 2 .   ? 8.439   -30.536 6.225   0.33 36.26 ? 217 HOH A O   1 
HETATM 1102 O O   . HOH B 2 .   ? 7.161   -27.269 21.860  1.00 36.54 ? 218 HOH A O   1 
HETATM 1103 O O   . HOH B 2 .   ? 5.133   -42.141 14.656  1.00 38.37 ? 219 HOH A O   1 
HETATM 1104 O O   . HOH B 2 .   ? 9.455   -26.672 22.684  1.00 43.52 ? 220 HOH A O   1 
HETATM 1105 O O   . HOH B 2 .   ? 10.217  -46.738 13.892  1.00 46.16 ? 221 HOH A O   1 
HETATM 1106 O O   . HOH B 2 .   ? -0.873  6.358   -8.488  1.00 46.01 ? 222 HOH A O   1 
HETATM 1107 O O   . HOH B 2 .   ? -7.709  22.736  -6.766  1.00 44.02 ? 223 HOH A O   1 
HETATM 1108 O O   . HOH B 2 .   ? -8.452  20.558  -6.865  1.00 48.70 ? 224 HOH A O   1 
HETATM 1109 O O   . HOH B 2 .   ? 0.931   -8.035  -3.262  1.00 55.58 ? 225 HOH A O   1 
HETATM 1110 O O   . HOH B 2 .   ? 0.136   10.968  -12.141 1.00 62.40 ? 226 HOH A O   1 
HETATM 1111 O O   . HOH B 2 .   ? -1.900  17.851  -11.354 1.00 44.33 ? 227 HOH A O   1 
# 
